data_9IQI
#
_entry.id   9IQI
#
_cell.length_a   188.476
_cell.length_b   109.809
_cell.length_c   118.322
_cell.angle_alpha   90.000
_cell.angle_beta   116.610
_cell.angle_gamma   90.000
#
_symmetry.space_group_name_H-M   'C 1 2 1'
#
loop_
_entity.id
_entity.type
_entity.pdbx_description
1 polymer 'Oleate hydratase'
2 non-polymer 'FLAVIN-ADENINE DINUCLEOTIDE'
3 water water
#
_entity_poly.entity_id   1
_entity_poly.type   'polypeptide(L)'
_entity_poly.pdbx_seq_one_letter_code
;HMYYSYGNYEAFARPKKPENVENKSAYLIGSGLASLAAACFLIRDGQMEGSKIHILEELPKAGGSLDGENMPLKGYVVRG
GREMENHFECLWDLFRSIPSLEIDNASVLDEFYWLNKEDPNYSRCRVIEKQGQRLATDGDFTLTKTAIKEILDLCLTNEE
DLDDVKITDVFSDDFFNSNFWIYWKTMFAFEPWHSAMEMRRYLMRFVHHISGVADFSALKFTKYNQYESLVLPMVEYLKS
HGVQFEYDVKVEDIKIDVTTSQKIAREILIDRNGNAESIKLTINDLVFVTNGSITESSTYGDNDTPAPPTDELGGSWTLW
KNLARQSPEFGNPDKFCQNIPKKSWFVSATSTTNNKEIIDTIESICKRDPLAGKTVTGGIITINDSAWQMSFTINRQQQF
KDQPENEISTWIYALYSDVNGDYIKKPITECSGNEICQEWLYHLGVSTDKIEDLAKHASNTIPVYMPYITSYFMTRAIGD
RPLVVPHQSQNLAFIGNFAETERDTVFTTEYSVRTAMEAVYQLLNIDRGIPEVINSPFDLRVLMDAIYELNDHQDLREIT
KDSKMQKLALAGFLKKIKGTYIESLLKEHKLL
;
_entity_poly.pdbx_strand_id   A,B,C
#
# COMPACT_ATOMS: atom_id res chain seq x y z
N HIS A 1 10.26 -5.77 -14.00
CA HIS A 1 9.98 -6.87 -14.91
C HIS A 1 10.99 -6.90 -16.05
N MET A 2 12.25 -6.60 -15.73
CA MET A 2 13.30 -6.50 -16.73
C MET A 2 14.64 -6.45 -15.99
N TYR A 3 15.72 -6.62 -16.76
CA TYR A 3 17.06 -6.44 -16.22
C TYR A 3 17.96 -5.84 -17.27
N TYR A 4 18.94 -5.06 -16.82
CA TYR A 4 19.92 -4.45 -17.70
C TYR A 4 21.13 -5.37 -17.87
N SER A 5 21.81 -5.21 -19.01
CA SER A 5 22.94 -6.06 -19.33
C SER A 5 23.86 -5.33 -20.28
N TYR A 6 25.03 -5.92 -20.51
CA TYR A 6 25.97 -5.44 -21.50
C TYR A 6 26.85 -6.60 -21.94
N GLY A 7 27.35 -6.52 -23.17
CA GLY A 7 28.19 -7.56 -23.73
C GLY A 7 27.51 -8.31 -24.86
N ASN A 8 28.28 -9.21 -25.47
CA ASN A 8 27.79 -9.91 -26.65
C ASN A 8 26.79 -11.01 -26.30
N TYR A 9 26.90 -11.58 -25.09
CA TYR A 9 26.06 -12.70 -24.70
C TYR A 9 24.57 -12.33 -24.78
N GLU A 10 24.17 -11.27 -24.08
CA GLU A 10 22.79 -10.84 -24.14
C GLU A 10 22.44 -10.16 -25.45
N ALA A 11 23.43 -9.63 -26.16
CA ALA A 11 23.15 -8.95 -27.43
C ALA A 11 22.72 -9.96 -28.49
N PHE A 12 23.50 -11.02 -28.68
CA PHE A 12 23.20 -12.01 -29.71
C PHE A 12 22.13 -13.01 -29.30
N ALA A 13 21.79 -13.08 -28.01
CA ALA A 13 20.80 -14.05 -27.56
C ALA A 13 19.40 -13.64 -28.00
N ARG A 14 18.59 -14.64 -28.38
CA ARG A 14 17.19 -14.44 -28.66
C ARG A 14 16.34 -14.81 -27.46
N PRO A 15 15.28 -14.06 -27.17
CA PRO A 15 14.40 -14.43 -26.06
C PRO A 15 13.40 -15.49 -26.45
N LYS A 16 13.04 -16.33 -25.48
CA LYS A 16 11.96 -17.27 -25.68
C LYS A 16 10.65 -16.53 -25.88
N LYS A 17 9.70 -17.19 -26.53
CA LYS A 17 8.37 -16.65 -26.71
C LYS A 17 7.77 -16.30 -25.35
N PRO A 18 7.40 -15.04 -25.11
CA PRO A 18 6.83 -14.67 -23.81
C PRO A 18 5.52 -15.38 -23.57
N GLU A 19 5.19 -15.54 -22.28
CA GLU A 19 4.02 -16.31 -21.88
C GLU A 19 2.74 -15.60 -22.28
N ASN A 20 1.76 -16.39 -22.75
CA ASN A 20 0.41 -15.94 -23.03
C ASN A 20 0.35 -14.84 -24.10
N VAL A 21 1.41 -14.68 -24.89
CA VAL A 21 1.44 -13.60 -25.86
C VAL A 21 0.48 -13.84 -27.02
N GLU A 22 0.11 -15.10 -27.28
CA GLU A 22 -0.83 -15.42 -28.34
C GLU A 22 -2.24 -14.91 -28.06
N ASN A 23 -2.51 -14.48 -26.82
CA ASN A 23 -3.81 -13.96 -26.44
C ASN A 23 -3.77 -12.47 -26.14
N LYS A 24 -2.78 -11.75 -26.69
CA LYS A 24 -2.56 -10.36 -26.37
C LYS A 24 -2.54 -9.51 -27.63
N SER A 25 -2.96 -8.26 -27.48
CA SER A 25 -2.95 -7.27 -28.55
C SER A 25 -2.25 -6.02 -28.07
N ALA A 26 -1.92 -5.13 -29.02
CA ALA A 26 -1.19 -3.91 -28.71
C ALA A 26 -1.78 -2.73 -29.47
N TYR A 27 -1.87 -1.58 -28.79
CA TYR A 27 -2.34 -0.34 -29.38
C TYR A 27 -1.31 0.74 -29.06
N LEU A 28 -0.78 1.37 -30.11
CA LEU A 28 0.28 2.36 -29.97
C LEU A 28 -0.26 3.73 -30.36
N ILE A 29 -0.36 4.63 -29.39
CA ILE A 29 -0.80 6.00 -29.65
C ILE A 29 0.36 6.78 -30.25
N GLY A 30 0.17 7.24 -31.49
CA GLY A 30 1.23 7.88 -32.23
C GLY A 30 1.89 6.91 -33.21
N SER A 31 2.61 7.48 -34.18
CA SER A 31 3.39 6.69 -35.12
C SER A 31 4.80 7.25 -35.30
N GLY A 32 5.29 7.99 -34.33
CA GLY A 32 6.67 8.43 -34.33
C GLY A 32 7.60 7.24 -34.17
N LEU A 33 8.87 7.57 -33.90
CA LEU A 33 9.88 6.53 -33.80
C LEU A 33 9.63 5.60 -32.63
N ALA A 34 9.13 6.14 -31.50
CA ALA A 34 8.91 5.30 -30.32
C ALA A 34 7.88 4.23 -30.59
N SER A 35 6.72 4.61 -31.15
CA SER A 35 5.66 3.65 -31.42
C SER A 35 6.09 2.61 -32.45
N LEU A 36 6.76 3.06 -33.52
CA LEU A 36 7.21 2.12 -34.54
C LEU A 36 8.23 1.13 -33.96
N ALA A 37 9.17 1.63 -33.15
CA ALA A 37 10.15 0.73 -32.54
C ALA A 37 9.47 -0.26 -31.60
N ALA A 38 8.48 0.20 -30.83
CA ALA A 38 7.77 -0.71 -29.93
C ALA A 38 7.01 -1.77 -30.71
N ALA A 39 6.41 -1.39 -31.84
CA ALA A 39 5.75 -2.39 -32.69
C ALA A 39 6.75 -3.40 -33.24
N CYS A 40 7.92 -2.92 -33.66
CA CYS A 40 8.97 -3.82 -34.14
C CYS A 40 9.39 -4.80 -33.04
N PHE A 41 9.56 -4.32 -31.81
CA PHE A 41 9.94 -5.21 -30.72
C PHE A 41 8.82 -6.20 -30.38
N LEU A 42 7.57 -5.76 -30.50
CA LEU A 42 6.45 -6.67 -30.30
C LEU A 42 6.45 -7.78 -31.34
N ILE A 43 6.86 -7.46 -32.57
CA ILE A 43 6.93 -8.49 -33.60
C ILE A 43 8.11 -9.43 -33.35
N ARG A 44 9.31 -8.87 -33.19
CA ARG A 44 10.52 -9.68 -33.21
C ARG A 44 10.68 -10.49 -31.92
N ASP A 45 10.63 -9.84 -30.76
CA ASP A 45 10.93 -10.48 -29.50
C ASP A 45 9.68 -10.93 -28.75
N GLY A 46 8.61 -10.13 -28.77
CA GLY A 46 7.36 -10.57 -28.18
C GLY A 46 6.64 -11.62 -29.00
N GLN A 47 6.96 -11.71 -30.30
CA GLN A 47 6.34 -12.69 -31.20
C GLN A 47 4.82 -12.53 -31.24
N MET A 48 4.37 -11.29 -31.17
CA MET A 48 2.95 -10.99 -31.24
C MET A 48 2.49 -10.96 -32.70
N GLU A 49 1.27 -11.43 -32.94
CA GLU A 49 0.71 -11.43 -34.29
C GLU A 49 0.55 -10.00 -34.78
N GLY A 50 1.03 -9.75 -36.01
CA GLY A 50 1.01 -8.39 -36.53
C GLY A 50 -0.39 -7.81 -36.62
N SER A 51 -1.37 -8.65 -36.98
CA SER A 51 -2.75 -8.18 -37.06
C SER A 51 -3.29 -7.72 -35.73
N LYS A 52 -2.67 -8.13 -34.62
CA LYS A 52 -3.06 -7.72 -33.28
C LYS A 52 -2.32 -6.47 -32.80
N ILE A 53 -1.60 -5.79 -33.69
CA ILE A 53 -0.84 -4.60 -33.35
C ILE A 53 -1.45 -3.42 -34.10
N HIS A 54 -1.98 -2.45 -33.36
CA HIS A 54 -2.69 -1.31 -33.93
C HIS A 54 -1.90 -0.03 -33.65
N ILE A 55 -1.46 0.63 -34.72
CA ILE A 55 -0.75 1.90 -34.63
C ILE A 55 -1.72 3.00 -35.03
N LEU A 56 -2.08 3.86 -34.07
CA LEU A 56 -3.03 4.94 -34.29
C LEU A 56 -2.28 6.25 -34.54
N GLU A 57 -2.51 6.86 -35.70
CA GLU A 57 -1.87 8.11 -36.08
C GLU A 57 -2.93 9.12 -36.50
N GLU A 58 -2.73 10.38 -36.08
CA GLU A 58 -3.65 11.46 -36.44
C GLU A 58 -3.28 12.15 -37.74
N LEU A 59 -2.00 12.17 -38.09
CA LEU A 59 -1.53 12.79 -39.33
C LEU A 59 -1.81 11.86 -40.50
N PRO A 60 -1.57 12.31 -41.75
CA PRO A 60 -1.78 11.39 -42.89
C PRO A 60 -0.68 10.35 -43.03
N LYS A 61 0.54 10.64 -42.58
CA LYS A 61 1.67 9.76 -42.77
C LYS A 61 2.32 9.43 -41.42
N ALA A 62 3.10 8.36 -41.41
CA ALA A 62 3.86 7.95 -40.24
C ALA A 62 5.18 8.71 -40.17
N GLY A 63 5.93 8.48 -39.09
CA GLY A 63 7.24 9.10 -38.95
C GLY A 63 7.39 9.97 -37.71
N GLY A 64 6.55 10.99 -37.58
CA GLY A 64 6.64 11.90 -36.46
C GLY A 64 7.66 13.00 -36.67
N SER A 65 8.61 13.11 -35.74
CA SER A 65 9.65 14.14 -35.81
C SER A 65 10.79 13.78 -36.73
N LEU A 66 10.77 12.60 -37.34
CA LEU A 66 11.76 12.19 -38.33
C LEU A 66 11.26 12.43 -39.76
N ASP A 67 10.52 13.51 -39.97
CA ASP A 67 9.89 13.75 -41.26
C ASP A 67 10.93 14.16 -42.30
N GLY A 68 10.45 14.37 -43.53
CA GLY A 68 11.29 14.72 -44.65
C GLY A 68 10.56 14.47 -45.95
N GLU A 69 10.00 15.53 -46.54
CA GLU A 69 9.13 15.36 -47.68
C GLU A 69 9.14 16.63 -48.53
N ASN A 70 8.72 16.47 -49.79
CA ASN A 70 8.49 17.60 -50.70
C ASN A 70 7.06 18.06 -50.49
N MET A 71 6.88 18.85 -49.45
CA MET A 71 5.56 19.32 -49.04
C MET A 71 4.90 20.09 -50.17
N PRO A 72 3.73 19.66 -50.65
CA PRO A 72 3.08 20.36 -51.77
C PRO A 72 2.76 21.80 -51.41
N LEU A 73 2.74 22.65 -52.44
CA LEU A 73 2.54 24.09 -52.34
C LEU A 73 3.66 24.78 -51.58
N LYS A 74 4.76 24.08 -51.31
CA LYS A 74 5.92 24.67 -50.65
C LYS A 74 7.19 24.15 -51.31
N GLY A 75 8.03 23.47 -50.54
CA GLY A 75 9.24 22.92 -51.08
C GLY A 75 9.76 21.82 -50.19
N TYR A 76 11.03 21.49 -50.36
CA TYR A 76 11.66 20.48 -49.53
C TYR A 76 11.79 21.00 -48.10
N VAL A 77 11.48 20.14 -47.14
CA VAL A 77 11.56 20.54 -45.73
C VAL A 77 11.97 19.35 -44.86
N VAL A 78 13.03 19.53 -44.09
CA VAL A 78 13.39 18.62 -43.00
C VAL A 78 13.25 19.41 -41.71
N ARG A 79 12.34 18.95 -40.84
CA ARG A 79 12.12 19.68 -39.59
C ARG A 79 13.34 19.64 -38.68
N GLY A 80 14.27 18.71 -38.92
CA GLY A 80 15.51 18.66 -38.16
C GLY A 80 16.50 17.72 -38.82
N GLY A 81 17.64 17.57 -38.17
CA GLY A 81 18.65 16.62 -38.57
C GLY A 81 18.95 15.66 -37.43
N ARG A 82 19.39 14.46 -37.78
CA ARG A 82 19.59 13.39 -36.81
C ARG A 82 21.08 13.04 -36.74
N GLU A 83 21.77 13.69 -35.82
CA GLU A 83 23.10 13.22 -35.43
C GLU A 83 22.97 11.92 -34.67
N MET A 84 23.83 10.95 -35.01
CA MET A 84 23.80 9.64 -34.37
C MET A 84 25.22 9.23 -34.01
N GLU A 85 25.32 8.29 -33.08
CA GLU A 85 26.61 7.81 -32.60
C GLU A 85 26.59 6.29 -32.52
N ASN A 86 27.78 5.71 -32.33
CA ASN A 86 27.91 4.26 -32.29
C ASN A 86 27.22 3.64 -31.09
N HIS A 87 27.13 4.37 -29.98
CA HIS A 87 26.65 3.82 -28.72
C HIS A 87 25.16 4.05 -28.50
N PHE A 88 24.38 4.07 -29.59
CA PHE A 88 22.92 3.97 -29.51
C PHE A 88 22.58 2.48 -29.42
N GLU A 89 22.80 1.92 -28.22
CA GLU A 89 22.76 0.47 -28.05
C GLU A 89 21.40 -0.12 -28.44
N CYS A 90 20.32 0.44 -27.90
CA CYS A 90 18.99 -0.09 -28.18
C CYS A 90 18.62 0.11 -29.65
N LEU A 91 18.95 1.28 -30.21
CA LEU A 91 18.60 1.55 -31.60
C LEU A 91 19.31 0.58 -32.54
N TRP A 92 20.56 0.24 -32.25
CA TRP A 92 21.28 -0.70 -33.10
C TRP A 92 20.83 -2.13 -32.85
N ASP A 93 20.39 -2.45 -31.63
CA ASP A 93 19.67 -3.69 -31.41
C ASP A 93 18.46 -3.78 -32.34
N LEU A 94 17.75 -2.67 -32.50
CA LEU A 94 16.56 -2.64 -33.35
C LEU A 94 16.92 -2.80 -34.82
N PHE A 95 17.74 -1.88 -35.34
CA PHE A 95 17.85 -1.73 -36.79
C PHE A 95 18.73 -2.78 -37.46
N ARG A 96 19.42 -3.62 -36.70
CA ARG A 96 20.08 -4.78 -37.30
C ARG A 96 19.08 -5.78 -37.85
N SER A 97 17.82 -5.69 -37.43
CA SER A 97 16.77 -6.61 -37.84
C SER A 97 15.85 -6.01 -38.89
N ILE A 98 16.02 -4.75 -39.25
CA ILE A 98 15.17 -4.06 -40.21
C ILE A 98 15.86 -4.11 -41.57
N PRO A 99 15.26 -4.73 -42.59
CA PRO A 99 15.91 -4.80 -43.90
C PRO A 99 16.06 -3.43 -44.53
N SER A 100 17.27 -3.15 -45.02
CA SER A 100 17.51 -1.92 -45.75
C SER A 100 16.70 -1.91 -47.05
N LEU A 101 16.21 -0.74 -47.43
CA LEU A 101 15.51 -0.56 -48.70
C LEU A 101 16.44 -0.12 -49.82
N GLU A 102 17.75 -0.19 -49.61
CA GLU A 102 18.71 0.33 -50.58
C GLU A 102 19.76 -0.70 -50.97
N ILE A 103 20.07 -1.64 -50.07
CA ILE A 103 21.04 -2.69 -50.33
C ILE A 103 20.37 -4.04 -50.12
N ASP A 104 20.53 -4.93 -51.09
CA ASP A 104 19.93 -6.26 -51.00
C ASP A 104 20.64 -7.10 -49.94
N ASN A 105 19.87 -7.90 -49.22
CA ASN A 105 20.39 -8.81 -48.19
C ASN A 105 21.23 -8.06 -47.16
N ALA A 106 20.73 -6.90 -46.74
CA ALA A 106 21.45 -6.06 -45.80
C ALA A 106 20.44 -5.35 -44.90
N SER A 107 20.80 -5.19 -43.64
CA SER A 107 19.96 -4.48 -42.69
C SER A 107 20.18 -2.97 -42.83
N VAL A 108 19.32 -2.20 -42.16
CA VAL A 108 19.55 -0.76 -42.04
C VAL A 108 20.88 -0.50 -41.36
N LEU A 109 21.20 -1.28 -40.33
CA LEU A 109 22.49 -1.14 -39.67
C LEU A 109 23.64 -1.43 -40.61
N ASP A 110 23.50 -2.44 -41.48
CA ASP A 110 24.56 -2.74 -42.44
C ASP A 110 24.83 -1.55 -43.35
N GLU A 111 23.77 -1.01 -43.96
CA GLU A 111 23.89 0.14 -44.84
C GLU A 111 24.52 1.32 -44.11
N PHE A 112 24.04 1.61 -42.91
CA PHE A 112 24.55 2.74 -42.13
C PHE A 112 26.03 2.57 -41.79
N TYR A 113 26.38 1.39 -41.29
CA TYR A 113 27.76 1.10 -40.88
C TYR A 113 28.72 1.22 -42.06
N TRP A 114 28.39 0.55 -43.17
CA TRP A 114 29.24 0.62 -44.35
C TRP A 114 29.32 2.04 -44.91
N LEU A 115 28.21 2.78 -44.86
CA LEU A 115 28.21 4.14 -45.40
C LEU A 115 29.10 5.05 -44.56
N ASN A 116 28.93 5.03 -43.24
CA ASN A 116 29.74 5.90 -42.39
C ASN A 116 31.17 5.40 -42.24
N LYS A 117 31.49 4.21 -42.77
CA LYS A 117 32.89 3.86 -42.96
C LYS A 117 33.42 4.32 -44.31
N GLU A 118 32.60 4.31 -45.35
CA GLU A 118 33.02 4.82 -46.65
C GLU A 118 33.25 6.33 -46.60
N ASP A 119 32.28 7.06 -46.04
CA ASP A 119 32.28 8.51 -46.02
C ASP A 119 32.14 8.96 -44.58
N PRO A 120 33.22 8.88 -43.80
CA PRO A 120 33.13 9.25 -42.38
C PRO A 120 32.82 10.73 -42.22
N ASN A 121 32.09 11.05 -41.15
CA ASN A 121 31.65 12.41 -40.89
C ASN A 121 32.70 13.15 -40.07
N TYR A 122 33.10 14.32 -40.56
CA TYR A 122 33.98 15.21 -39.82
C TYR A 122 33.83 16.61 -40.40
N SER A 123 33.97 17.62 -39.54
CA SER A 123 33.82 19.01 -39.94
C SER A 123 35.19 19.62 -40.19
N ARG A 124 35.33 20.30 -41.33
CA ARG A 124 36.50 21.10 -41.63
C ARG A 124 36.31 22.55 -41.26
N CYS A 125 35.15 22.92 -40.73
CA CYS A 125 34.87 24.27 -40.29
C CYS A 125 33.63 24.21 -39.41
N ARG A 126 33.79 24.52 -38.12
CA ARG A 126 32.73 24.34 -37.14
C ARG A 126 32.09 25.65 -36.68
N VAL A 127 32.87 26.70 -36.48
CA VAL A 127 32.36 27.98 -35.97
C VAL A 127 32.87 29.09 -36.88
N ILE A 128 31.95 29.95 -37.34
CA ILE A 128 32.31 31.09 -38.15
C ILE A 128 31.80 32.37 -37.48
N GLU A 129 32.35 33.50 -37.92
CA GLU A 129 32.01 34.81 -37.38
C GLU A 129 32.41 35.86 -38.41
N LYS A 130 31.95 37.09 -38.18
CA LYS A 130 32.30 38.24 -39.01
C LYS A 130 32.02 37.98 -40.49
N GLN A 131 30.86 37.37 -40.75
CA GLN A 131 30.36 37.15 -42.11
C GLN A 131 31.29 36.21 -42.90
N GLY A 132 31.49 35.02 -42.35
CA GLY A 132 32.12 33.94 -43.08
C GLY A 132 33.56 33.62 -42.75
N GLN A 133 34.10 34.15 -41.65
CA GLN A 133 35.45 33.83 -41.21
C GLN A 133 35.40 32.74 -40.16
N ARG A 134 36.27 31.74 -40.30
CA ARG A 134 36.36 30.70 -39.29
C ARG A 134 36.89 31.27 -37.97
N LEU A 135 36.30 30.83 -36.87
CA LEU A 135 36.78 31.23 -35.55
C LEU A 135 38.24 30.82 -35.38
N ALA A 136 39.06 31.74 -34.90
CA ALA A 136 40.49 31.48 -34.80
C ALA A 136 40.79 30.33 -33.84
N THR A 137 40.08 30.28 -32.72
CA THR A 137 40.30 29.25 -31.71
C THR A 137 39.42 28.01 -31.94
N ASP A 138 38.89 27.84 -33.14
CA ASP A 138 38.08 26.66 -33.46
C ASP A 138 38.89 25.39 -33.19
N GLY A 139 38.34 24.53 -32.34
CA GLY A 139 39.05 23.32 -31.94
C GLY A 139 39.28 23.26 -30.45
N ASP A 140 39.73 24.38 -29.86
CA ASP A 140 39.97 24.44 -28.43
C ASP A 140 38.66 24.68 -27.68
N PHE A 141 38.61 24.19 -26.44
CA PHE A 141 37.44 24.40 -25.59
C PHE A 141 37.51 25.74 -24.86
N THR A 142 38.72 26.23 -24.57
CA THR A 142 38.94 27.51 -23.89
C THR A 142 38.15 27.59 -22.59
N LEU A 143 38.24 26.53 -21.79
CA LEU A 143 37.64 26.49 -20.48
C LEU A 143 38.67 26.89 -19.42
N THR A 144 38.29 27.84 -18.56
CA THR A 144 39.14 28.15 -17.41
C THR A 144 39.10 27.01 -16.40
N LYS A 145 39.93 27.12 -15.37
CA LYS A 145 39.89 26.13 -14.30
C LYS A 145 38.56 26.16 -13.57
N THR A 146 37.97 27.35 -13.40
CA THR A 146 36.67 27.47 -12.74
C THR A 146 35.57 26.80 -13.56
N ALA A 147 35.62 26.95 -14.88
CA ALA A 147 34.61 26.32 -15.73
C ALA A 147 34.71 24.80 -15.69
N ILE A 148 35.93 24.27 -15.76
CA ILE A 148 36.12 22.82 -15.67
C ILE A 148 35.65 22.30 -14.32
N LYS A 149 35.99 23.03 -13.24
CA LYS A 149 35.54 22.63 -11.91
C LYS A 149 34.02 22.66 -11.81
N GLU A 150 33.38 23.64 -12.47
CA GLU A 150 31.92 23.71 -12.45
C GLU A 150 31.31 22.53 -13.19
N ILE A 151 31.90 22.14 -14.32
CA ILE A 151 31.45 20.94 -15.03
C ILE A 151 31.53 19.72 -14.11
N LEU A 152 32.69 19.52 -13.47
CA LEU A 152 32.86 18.36 -12.59
C LEU A 152 31.90 18.39 -11.41
N ASP A 153 31.67 19.58 -10.85
CA ASP A 153 30.75 19.71 -9.72
C ASP A 153 29.31 19.45 -10.12
N LEU A 154 28.94 19.80 -11.35
CA LEU A 154 27.63 19.41 -11.86
C LEU A 154 27.54 17.89 -11.96
N CYS A 155 28.57 17.26 -12.52
CA CYS A 155 28.56 15.79 -12.60
C CYS A 155 28.54 15.15 -11.22
N LEU A 156 29.24 15.75 -10.25
CA LEU A 156 29.32 15.19 -8.91
C LEU A 156 28.08 15.50 -8.07
N THR A 157 27.12 16.26 -8.60
CA THR A 157 25.87 16.53 -7.90
C THR A 157 24.89 15.39 -8.15
N ASN A 158 24.25 14.91 -7.08
CA ASN A 158 23.20 13.91 -7.23
C ASN A 158 22.08 14.46 -8.10
N GLU A 159 21.49 13.58 -8.91
CA GLU A 159 20.39 14.00 -9.77
C GLU A 159 19.20 14.46 -8.94
N GLU A 160 18.97 13.80 -7.80
CA GLU A 160 17.81 14.13 -6.97
C GLU A 160 17.85 15.55 -6.45
N ASP A 161 19.04 16.14 -6.35
CA ASP A 161 19.19 17.52 -5.88
C ASP A 161 19.19 18.53 -7.01
N LEU A 162 18.69 18.15 -8.20
CA LEU A 162 18.69 19.05 -9.35
C LEU A 162 17.28 19.37 -9.84
N ASP A 163 16.27 19.16 -8.99
CA ASP A 163 14.90 19.45 -9.38
C ASP A 163 14.73 20.93 -9.69
N ASP A 164 14.22 21.22 -10.89
CA ASP A 164 13.91 22.55 -11.38
C ASP A 164 15.13 23.47 -11.45
N VAL A 165 16.34 22.93 -11.29
CA VAL A 165 17.54 23.75 -11.37
C VAL A 165 17.85 24.07 -12.83
N LYS A 166 18.18 25.32 -13.09
CA LYS A 166 18.50 25.75 -14.45
C LYS A 166 20.00 25.64 -14.70
N ILE A 167 20.38 25.69 -15.98
CA ILE A 167 21.79 25.58 -16.35
C ILE A 167 22.58 26.78 -15.82
N THR A 168 21.98 27.98 -15.91
CA THR A 168 22.64 29.17 -15.39
C THR A 168 22.82 29.11 -13.88
N ASP A 169 22.06 28.26 -13.19
CA ASP A 169 22.18 28.14 -11.74
C ASP A 169 23.43 27.38 -11.31
N VAL A 170 24.10 26.66 -12.23
CA VAL A 170 25.24 25.83 -11.88
C VAL A 170 26.44 26.16 -12.75
N PHE A 171 26.41 27.31 -13.41
CA PHE A 171 27.52 27.74 -14.26
C PHE A 171 27.63 29.26 -14.21
N SER A 172 28.86 29.76 -14.30
CA SER A 172 29.14 31.19 -14.26
C SER A 172 29.69 31.65 -15.62
N ASP A 173 30.36 32.80 -15.62
CA ASP A 173 30.65 33.49 -16.87
C ASP A 173 31.77 32.83 -17.66
N ASP A 174 32.77 32.25 -16.99
CA ASP A 174 33.85 31.57 -17.71
C ASP A 174 33.31 30.46 -18.59
N PHE A 175 32.39 29.66 -18.07
CA PHE A 175 31.81 28.57 -18.84
C PHE A 175 31.04 29.10 -20.04
N PHE A 176 30.18 30.10 -19.83
CA PHE A 176 29.36 30.63 -20.90
C PHE A 176 30.18 31.37 -21.95
N ASN A 177 31.39 31.80 -21.61
CA ASN A 177 32.28 32.43 -22.57
C ASN A 177 33.18 31.44 -23.29
N SER A 178 33.15 30.17 -22.91
CA SER A 178 34.05 29.19 -23.48
C SER A 178 33.54 28.69 -24.83
N ASN A 179 34.48 28.25 -25.67
CA ASN A 179 34.10 27.59 -26.92
C ASN A 179 33.34 26.31 -26.66
N PHE A 180 33.63 25.64 -25.53
CA PHE A 180 32.88 24.46 -25.12
C PHE A 180 31.39 24.75 -25.09
N TRP A 181 31.01 25.90 -24.51
CA TRP A 181 29.59 26.25 -24.45
C TRP A 181 29.03 26.49 -25.84
N ILE A 182 29.81 27.08 -26.75
CA ILE A 182 29.36 27.26 -28.13
C ILE A 182 29.01 25.91 -28.75
N TYR A 183 30.02 25.03 -28.85
CA TYR A 183 29.80 23.70 -29.44
C TYR A 183 28.64 22.99 -28.77
N TRP A 184 28.66 22.93 -27.43
CA TRP A 184 27.69 22.15 -26.68
C TRP A 184 26.28 22.67 -26.89
N LYS A 185 26.06 23.97 -26.66
CA LYS A 185 24.72 24.54 -26.73
C LYS A 185 24.19 24.54 -28.16
N THR A 186 25.05 24.56 -29.17
CA THR A 186 24.50 24.56 -30.52
C THR A 186 24.26 23.15 -31.06
N MET A 187 25.14 22.19 -30.76
CA MET A 187 24.95 20.84 -31.29
C MET A 187 23.83 20.11 -30.57
N PHE A 188 23.56 20.45 -29.30
CA PHE A 188 22.51 19.80 -28.53
C PHE A 188 21.28 20.69 -28.35
N ALA A 189 21.33 21.95 -28.79
CA ALA A 189 20.21 22.87 -28.68
C ALA A 189 19.79 23.06 -27.22
N PHE A 190 20.77 23.34 -26.36
CA PHE A 190 20.51 23.71 -24.98
C PHE A 190 20.34 25.23 -24.87
N GLU A 191 19.43 25.64 -24.01
CA GLU A 191 19.24 27.05 -23.69
C GLU A 191 19.69 27.34 -22.27
N PRO A 192 20.09 28.58 -21.97
CA PRO A 192 20.62 28.88 -20.63
C PRO A 192 19.64 28.58 -19.50
N TRP A 193 18.35 28.59 -19.76
CA TRP A 193 17.34 28.35 -18.73
C TRP A 193 16.88 26.90 -18.67
N HIS A 194 17.54 26.00 -19.39
CA HIS A 194 17.09 24.63 -19.50
C HIS A 194 17.53 23.80 -18.30
N SER A 195 17.09 22.54 -18.26
CA SER A 195 17.29 21.68 -17.10
C SER A 195 18.77 21.32 -16.92
N ALA A 196 19.34 21.71 -15.78
CA ALA A 196 20.71 21.33 -15.48
C ALA A 196 20.84 19.82 -15.28
N MET A 197 19.77 19.19 -14.82
CA MET A 197 19.75 17.73 -14.68
C MET A 197 20.00 17.05 -16.02
N GLU A 198 19.33 17.53 -17.08
CA GLU A 198 19.53 16.96 -18.40
C GLU A 198 20.90 17.30 -18.97
N MET A 199 21.44 18.47 -18.64
CA MET A 199 22.80 18.80 -19.07
C MET A 199 23.82 17.88 -18.42
N ARG A 200 23.63 17.56 -17.14
CA ARG A 200 24.50 16.61 -16.47
C ARG A 200 24.38 15.23 -17.09
N ARG A 201 23.15 14.82 -17.41
CA ARG A 201 22.96 13.55 -18.12
C ARG A 201 23.71 13.54 -19.45
N TYR A 202 23.69 14.67 -20.16
CA TYR A 202 24.42 14.75 -21.43
C TYR A 202 25.93 14.69 -21.21
N LEU A 203 26.42 15.36 -20.16
CA LEU A 203 27.85 15.32 -19.86
C LEU A 203 28.31 13.91 -19.55
N MET A 204 27.50 13.14 -18.82
CA MET A 204 27.92 11.80 -18.44
C MET A 204 27.65 10.78 -19.55
N ARG A 205 26.69 11.04 -20.42
CA ARG A 205 26.27 10.07 -21.42
C ARG A 205 27.21 10.02 -22.62
N PHE A 206 27.76 11.17 -23.02
CA PHE A 206 28.62 11.25 -24.19
C PHE A 206 30.07 11.58 -23.81
N VAL A 207 30.46 11.33 -22.56
CA VAL A 207 31.80 11.63 -22.10
C VAL A 207 32.85 10.87 -22.90
N HIS A 208 32.47 9.75 -23.53
CA HIS A 208 33.41 9.02 -24.35
C HIS A 208 33.70 9.69 -25.69
N HIS A 209 32.97 10.75 -26.03
CA HIS A 209 33.09 11.41 -27.33
C HIS A 209 33.62 12.84 -27.23
N ILE A 210 34.18 13.22 -26.08
CA ILE A 210 34.65 14.59 -25.89
C ILE A 210 35.72 14.93 -26.91
N SER A 211 36.59 13.98 -27.25
CA SER A 211 37.63 14.24 -28.24
C SER A 211 37.08 14.51 -29.63
N GLY A 212 35.82 14.18 -29.88
CA GLY A 212 35.21 14.44 -31.18
C GLY A 212 34.02 15.37 -31.11
N VAL A 213 34.00 16.25 -30.12
CA VAL A 213 32.87 17.16 -29.97
C VAL A 213 33.05 18.40 -30.84
N ALA A 214 34.28 18.85 -31.05
CA ALA A 214 34.51 20.07 -31.79
C ALA A 214 34.49 19.86 -33.29
N ASP A 215 35.00 18.71 -33.76
CA ASP A 215 35.08 18.43 -35.19
C ASP A 215 33.99 17.49 -35.69
N PHE A 216 33.08 17.06 -34.81
CA PHE A 216 31.98 16.16 -35.16
C PHE A 216 32.49 14.83 -35.70
N SER A 217 33.68 14.41 -35.29
CA SER A 217 34.23 13.14 -35.77
C SER A 217 33.48 11.94 -35.18
N ALA A 218 32.73 12.13 -34.11
CA ALA A 218 32.00 11.05 -33.47
C ALA A 218 30.58 10.91 -33.99
N LEU A 219 30.13 11.79 -34.87
CA LEU A 219 28.77 11.75 -35.39
C LEU A 219 28.68 10.81 -36.59
N LYS A 220 27.49 10.27 -36.80
CA LYS A 220 27.21 9.36 -37.91
C LYS A 220 25.82 9.67 -38.44
N PHE A 221 25.66 9.59 -39.76
CA PHE A 221 24.44 10.01 -40.42
C PHE A 221 23.97 8.96 -41.41
N THR A 222 22.66 8.94 -41.63
CA THR A 222 22.08 8.10 -42.67
C THR A 222 22.37 8.69 -44.05
N LYS A 223 21.98 7.95 -45.08
CA LYS A 223 22.17 8.44 -46.45
C LYS A 223 21.15 9.53 -46.78
N TYR A 224 19.87 9.26 -46.57
CA TYR A 224 18.81 10.20 -46.84
C TYR A 224 18.28 10.77 -45.53
N ASN A 225 17.19 11.54 -45.62
CA ASN A 225 16.54 12.03 -44.43
C ASN A 225 15.97 10.86 -43.63
N GLN A 226 15.65 11.13 -42.35
CA GLN A 226 15.27 10.06 -41.44
C GLN A 226 13.92 9.46 -41.75
N TYR A 227 13.11 10.11 -42.60
CA TYR A 227 11.87 9.48 -43.03
C TYR A 227 12.14 8.37 -44.04
N GLU A 228 13.04 8.61 -44.99
CA GLU A 228 13.34 7.61 -46.01
C GLU A 228 14.32 6.56 -45.51
N SER A 229 15.24 6.92 -44.62
CA SER A 229 16.26 6.00 -44.16
C SER A 229 15.84 5.18 -42.95
N LEU A 230 15.04 5.75 -42.05
CA LEU A 230 14.61 5.06 -40.85
C LEU A 230 13.13 4.68 -40.87
N VAL A 231 12.25 5.63 -41.21
CA VAL A 231 10.82 5.38 -41.08
C VAL A 231 10.34 4.38 -42.11
N LEU A 232 10.66 4.62 -43.39
CA LEU A 232 10.14 3.75 -44.45
C LEU A 232 10.60 2.30 -44.33
N PRO A 233 11.86 1.98 -44.03
CA PRO A 233 12.20 0.56 -43.82
C PRO A 233 11.42 -0.08 -42.68
N MET A 234 11.27 0.63 -41.56
CA MET A 234 10.51 0.11 -40.43
C MET A 234 9.05 -0.13 -40.82
N VAL A 235 8.46 0.80 -41.54
CA VAL A 235 7.05 0.65 -41.95
C VAL A 235 6.89 -0.51 -42.91
N GLU A 236 7.86 -0.68 -43.82
CA GLU A 236 7.79 -1.81 -44.75
C GLU A 236 7.90 -3.13 -44.00
N TYR A 237 8.81 -3.21 -43.02
CA TYR A 237 8.92 -4.42 -42.19
C TYR A 237 7.61 -4.70 -41.47
N LEU A 238 7.05 -3.68 -40.81
CA LEU A 238 5.82 -3.87 -40.04
C LEU A 238 4.66 -4.28 -40.94
N LYS A 239 4.57 -3.71 -42.14
CA LYS A 239 3.50 -4.08 -43.06
C LYS A 239 3.70 -5.50 -43.58
N SER A 240 4.95 -5.87 -43.90
CA SER A 240 5.23 -7.25 -44.27
C SER A 240 4.88 -8.22 -43.16
N HIS A 241 4.79 -7.75 -41.92
CA HIS A 241 4.30 -8.58 -40.84
C HIS A 241 2.83 -8.33 -40.49
N GLY A 242 2.10 -7.59 -41.33
CA GLY A 242 0.67 -7.43 -41.14
C GLY A 242 0.26 -6.44 -40.09
N VAL A 243 1.16 -5.54 -39.67
CA VAL A 243 0.83 -4.57 -38.63
C VAL A 243 -0.24 -3.62 -39.14
N GLN A 244 -1.12 -3.20 -38.24
CA GLN A 244 -2.34 -2.47 -38.57
C GLN A 244 -2.12 -0.97 -38.40
N PHE A 245 -1.90 -0.25 -39.50
CA PHE A 245 -1.79 1.19 -39.48
C PHE A 245 -3.18 1.81 -39.63
N GLU A 246 -3.63 2.54 -38.62
CA GLU A 246 -4.88 3.28 -38.66
C GLU A 246 -4.54 4.77 -38.68
N TYR A 247 -4.82 5.43 -39.79
CA TYR A 247 -4.47 6.83 -39.98
C TYR A 247 -5.67 7.73 -39.73
N ASP A 248 -5.38 8.99 -39.41
CA ASP A 248 -6.39 10.00 -39.13
C ASP A 248 -7.34 9.56 -38.02
N VAL A 249 -6.75 9.12 -36.91
CA VAL A 249 -7.47 8.83 -35.68
C VAL A 249 -6.78 9.57 -34.54
N LYS A 250 -7.53 10.41 -33.83
CA LYS A 250 -6.99 11.25 -32.77
C LYS A 250 -7.48 10.72 -31.42
N VAL A 251 -6.53 10.30 -30.59
CA VAL A 251 -6.87 9.81 -29.26
C VAL A 251 -7.01 11.01 -28.32
N GLU A 252 -8.16 11.11 -27.67
CA GLU A 252 -8.41 12.21 -26.75
C GLU A 252 -8.29 11.83 -25.29
N ASP A 253 -8.53 10.56 -24.96
CA ASP A 253 -8.42 10.11 -23.58
C ASP A 253 -8.27 8.59 -23.55
N ILE A 254 -7.75 8.10 -22.43
CA ILE A 254 -7.66 6.67 -22.15
C ILE A 254 -8.22 6.46 -20.75
N LYS A 255 -9.39 5.83 -20.66
CA LYS A 255 -10.00 5.53 -19.38
C LYS A 255 -9.19 4.44 -18.69
N ILE A 256 -8.63 4.80 -17.53
CA ILE A 256 -7.69 3.98 -16.77
C ILE A 256 -8.18 3.90 -15.33
N ASP A 257 -8.27 2.68 -14.81
CA ASP A 257 -8.56 2.45 -13.40
C ASP A 257 -7.25 2.46 -12.62
N VAL A 258 -7.13 3.40 -11.69
CA VAL A 258 -5.97 3.46 -10.80
C VAL A 258 -6.42 3.08 -9.41
N THR A 259 -6.37 1.78 -9.10
CA THR A 259 -6.86 1.28 -7.83
C THR A 259 -5.71 1.20 -6.81
N THR A 260 -6.02 0.67 -5.64
CA THR A 260 -4.99 0.47 -4.63
C THR A 260 -4.02 -0.65 -5.00
N SER A 261 -4.39 -1.48 -5.96
CA SER A 261 -3.57 -2.63 -6.34
C SER A 261 -3.11 -2.62 -7.79
N GLN A 262 -3.84 -1.97 -8.70
CA GLN A 262 -3.53 -2.05 -10.11
C GLN A 262 -3.75 -0.71 -10.79
N LYS A 263 -3.12 -0.57 -11.95
CA LYS A 263 -3.43 0.48 -12.94
C LYS A 263 -3.71 -0.23 -14.25
N ILE A 264 -4.96 -0.15 -14.71
CA ILE A 264 -5.41 -0.90 -15.88
C ILE A 264 -6.08 0.05 -16.86
N ALA A 265 -5.59 0.07 -18.10
CA ALA A 265 -6.24 0.85 -19.14
C ALA A 265 -7.53 0.16 -19.57
N ARG A 266 -8.65 0.88 -19.49
CA ARG A 266 -9.95 0.31 -19.82
C ARG A 266 -10.46 0.72 -21.20
N GLU A 267 -10.23 1.96 -21.62
CA GLU A 267 -10.87 2.41 -22.85
C GLU A 267 -10.00 3.40 -23.59
N ILE A 268 -10.04 3.35 -24.92
CA ILE A 268 -9.39 4.34 -25.77
C ILE A 268 -10.49 5.15 -26.43
N LEU A 269 -10.64 6.40 -26.03
CA LEU A 269 -11.64 7.29 -26.61
C LEU A 269 -11.02 8.03 -27.79
N ILE A 270 -11.55 7.81 -29.00
CA ILE A 270 -10.90 8.27 -30.21
C ILE A 270 -11.88 9.06 -31.07
N ASP A 271 -11.31 9.74 -32.07
CA ASP A 271 -12.03 10.55 -33.05
C ASP A 271 -11.51 10.08 -34.41
N ARG A 272 -12.23 9.13 -35.02
CA ARG A 272 -11.87 8.61 -36.34
C ARG A 272 -12.88 9.12 -37.36
N ASN A 273 -12.39 9.83 -38.37
CA ASN A 273 -13.21 10.40 -39.44
C ASN A 273 -14.37 11.23 -38.86
N GLY A 274 -14.01 12.12 -37.93
CA GLY A 274 -14.99 12.98 -37.29
C GLY A 274 -15.97 12.28 -36.36
N ASN A 275 -15.89 10.95 -36.24
CA ASN A 275 -16.80 10.19 -35.41
C ASN A 275 -16.11 9.83 -34.10
N ALA A 276 -16.73 10.20 -32.98
CA ALA A 276 -16.22 9.85 -31.66
C ALA A 276 -16.58 8.41 -31.35
N GLU A 277 -15.57 7.56 -31.23
CA GLU A 277 -15.79 6.14 -30.94
C GLU A 277 -14.94 5.72 -29.76
N SER A 278 -15.09 4.45 -29.39
CA SER A 278 -14.48 3.89 -28.19
C SER A 278 -13.86 2.53 -28.52
N ILE A 279 -12.70 2.26 -27.93
CA ILE A 279 -12.02 0.98 -28.06
C ILE A 279 -11.96 0.36 -26.67
N LYS A 280 -12.78 -0.67 -26.44
CA LYS A 280 -12.76 -1.36 -25.16
C LYS A 280 -11.53 -2.23 -25.05
N LEU A 281 -10.91 -2.21 -23.87
CA LEU A 281 -9.66 -2.91 -23.63
C LEU A 281 -9.81 -3.92 -22.50
N THR A 282 -9.21 -5.09 -22.68
CA THR A 282 -9.03 -6.05 -21.61
C THR A 282 -7.63 -5.88 -21.02
N ILE A 283 -7.30 -6.75 -20.06
CA ILE A 283 -5.96 -6.72 -19.47
C ILE A 283 -4.91 -7.14 -20.49
N ASN A 284 -5.29 -7.90 -21.51
CA ASN A 284 -4.36 -8.37 -22.52
C ASN A 284 -4.25 -7.44 -23.73
N ASP A 285 -4.75 -6.21 -23.63
CA ASP A 285 -4.59 -5.20 -24.67
C ASP A 285 -3.64 -4.13 -24.11
N LEU A 286 -2.37 -4.22 -24.49
CA LEU A 286 -1.37 -3.27 -24.03
C LEU A 286 -1.52 -1.96 -24.78
N VAL A 287 -1.30 -0.85 -24.07
CA VAL A 287 -1.37 0.49 -24.65
C VAL A 287 -0.01 1.15 -24.45
N PHE A 288 0.57 1.65 -25.55
CA PHE A 288 1.84 2.36 -25.53
C PHE A 288 1.58 3.81 -25.91
N VAL A 289 1.69 4.71 -24.94
CA VAL A 289 1.39 6.12 -25.12
C VAL A 289 2.69 6.87 -25.33
N THR A 290 2.78 7.60 -26.45
CA THR A 290 3.89 8.53 -26.68
C THR A 290 3.47 9.89 -26.11
N ASN A 291 3.64 10.02 -24.80
CA ASN A 291 3.16 11.21 -24.10
C ASN A 291 3.99 12.43 -24.53
N GLY A 292 3.32 13.45 -25.05
CA GLY A 292 3.97 14.66 -25.47
C GLY A 292 4.64 14.54 -26.83
N SER A 293 4.86 15.70 -27.45
CA SER A 293 5.51 15.77 -28.74
C SER A 293 6.18 17.13 -28.90
N ILE A 294 7.40 17.12 -29.43
CA ILE A 294 8.11 18.37 -29.69
C ILE A 294 7.67 19.01 -31.00
N THR A 295 7.04 18.24 -31.89
CA THR A 295 6.61 18.72 -33.19
C THR A 295 5.13 19.09 -33.23
N GLU A 296 4.40 18.90 -32.12
CA GLU A 296 2.96 19.13 -32.12
C GLU A 296 2.64 20.59 -32.40
N SER A 297 1.55 20.81 -33.15
CA SER A 297 1.07 22.15 -33.49
C SER A 297 2.08 22.93 -34.31
N SER A 298 2.91 22.23 -35.09
CA SER A 298 3.84 22.91 -35.97
C SER A 298 3.09 23.61 -37.09
N THR A 299 3.48 24.86 -37.36
CA THR A 299 2.98 25.60 -38.51
C THR A 299 4.09 25.77 -39.53
N TYR A 300 3.69 26.01 -40.77
CA TYR A 300 4.61 26.10 -41.90
C TYR A 300 4.36 27.39 -42.67
N GLY A 301 5.45 28.00 -43.15
CA GLY A 301 5.35 29.15 -44.02
C GLY A 301 5.83 28.80 -45.42
N ASP A 302 6.35 29.78 -46.15
CA ASP A 302 6.97 29.51 -47.44
C ASP A 302 8.02 30.58 -47.69
N ASN A 303 8.45 30.71 -48.95
CA ASN A 303 9.51 31.66 -49.27
C ASN A 303 9.09 33.10 -48.99
N ASP A 304 7.81 33.40 -49.08
CA ASP A 304 7.32 34.77 -48.93
C ASP A 304 6.36 34.94 -47.76
N THR A 305 6.24 33.95 -46.88
CA THR A 305 5.31 34.03 -45.77
C THR A 305 5.93 33.40 -44.52
N PRO A 306 5.93 34.10 -43.39
CA PRO A 306 6.42 33.49 -42.15
C PRO A 306 5.51 32.38 -41.68
N ALA A 307 6.10 31.46 -40.91
CA ALA A 307 5.33 30.42 -40.26
C ALA A 307 4.58 31.02 -39.06
N PRO A 308 3.25 30.98 -39.05
CA PRO A 308 2.49 31.70 -38.01
C PRO A 308 2.77 31.14 -36.63
N PRO A 309 3.23 31.98 -35.70
CA PRO A 309 3.43 31.52 -34.32
C PRO A 309 2.13 31.02 -33.71
N THR A 310 2.25 30.04 -32.81
CA THR A 310 1.09 29.45 -32.16
C THR A 310 1.46 29.03 -30.75
N ASP A 311 0.45 28.97 -29.89
CA ASP A 311 0.56 28.40 -28.57
C ASP A 311 -0.42 27.25 -28.36
N GLU A 312 -0.89 26.65 -29.46
CA GLU A 312 -1.98 25.70 -29.40
C GLU A 312 -1.51 24.35 -28.86
N LEU A 313 -2.23 23.85 -27.86
CA LEU A 313 -2.07 22.46 -27.44
C LEU A 313 -2.82 21.57 -28.43
N GLY A 314 -2.12 20.60 -29.01
CA GLY A 314 -2.71 19.67 -29.94
C GLY A 314 -3.33 18.48 -29.25
N GLY A 315 -3.35 17.35 -29.95
CA GLY A 315 -3.86 16.12 -29.39
C GLY A 315 -2.90 15.47 -28.41
N SER A 316 -1.60 15.53 -28.70
CA SER A 316 -0.59 14.92 -27.83
C SER A 316 -0.61 15.53 -26.44
N TRP A 317 -0.52 16.87 -26.38
CA TRP A 317 -0.42 17.53 -25.09
C TRP A 317 -1.73 17.48 -24.31
N THR A 318 -2.87 17.58 -25.01
CA THR A 318 -4.13 17.44 -24.31
C THR A 318 -4.35 16.01 -23.84
N LEU A 319 -3.84 15.02 -24.56
CA LEU A 319 -3.93 13.64 -24.10
C LEU A 319 -3.07 13.41 -22.87
N TRP A 320 -1.84 13.93 -22.87
CA TRP A 320 -1.01 13.81 -21.67
C TRP A 320 -1.65 14.56 -20.50
N LYS A 321 -2.27 15.70 -20.77
CA LYS A 321 -2.97 16.44 -19.73
C LYS A 321 -4.14 15.63 -19.17
N ASN A 322 -4.90 14.97 -20.05
CA ASN A 322 -6.02 14.15 -19.61
C ASN A 322 -5.55 12.94 -18.82
N LEU A 323 -4.41 12.36 -19.18
CA LEU A 323 -3.87 11.24 -18.41
C LEU A 323 -3.33 11.71 -17.06
N ALA A 324 -2.80 12.92 -16.98
CA ALA A 324 -2.28 13.43 -15.71
C ALA A 324 -3.39 13.63 -14.69
N ARG A 325 -4.62 13.87 -15.14
CA ARG A 325 -5.73 14.01 -14.21
C ARG A 325 -6.06 12.71 -13.50
N GLN A 326 -5.65 11.57 -14.06
CA GLN A 326 -6.03 10.27 -13.54
C GLN A 326 -5.05 9.74 -12.50
N SER A 327 -3.80 10.23 -12.50
CA SER A 327 -2.80 9.85 -11.51
C SER A 327 -1.58 10.75 -11.66
N PRO A 328 -1.03 11.26 -10.55
CA PRO A 328 0.23 12.01 -10.65
C PRO A 328 1.40 11.14 -11.08
N GLU A 329 1.31 9.83 -10.90
CA GLU A 329 2.34 8.92 -11.41
C GLU A 329 2.44 8.95 -12.93
N PHE A 330 1.48 9.56 -13.62
CA PHE A 330 1.52 9.69 -15.07
C PHE A 330 2.14 11.00 -15.52
N GLY A 331 2.78 11.74 -14.61
CA GLY A 331 3.55 12.90 -14.99
C GLY A 331 2.79 14.21 -14.91
N ASN A 332 3.51 15.27 -15.24
CA ASN A 332 2.99 16.65 -15.22
C ASN A 332 3.39 17.31 -16.53
N PRO A 333 2.53 17.24 -17.55
CA PRO A 333 2.88 17.83 -18.85
C PRO A 333 3.06 19.34 -18.83
N ASP A 334 2.41 20.04 -17.90
CA ASP A 334 2.48 21.50 -17.90
C ASP A 334 3.90 22.00 -17.66
N LYS A 335 4.74 21.20 -16.99
CA LYS A 335 6.14 21.57 -16.80
C LYS A 335 6.89 21.67 -18.11
N PHE A 336 6.37 21.06 -19.19
CA PHE A 336 7.07 21.01 -20.47
C PHE A 336 6.39 21.80 -21.58
N CYS A 337 5.07 21.97 -21.54
CA CYS A 337 4.33 22.60 -22.62
C CYS A 337 3.77 23.97 -22.24
N GLN A 338 4.09 24.48 -21.06
CA GLN A 338 3.68 25.82 -20.65
C GLN A 338 4.90 26.59 -20.18
N ASN A 339 4.78 27.93 -20.23
CA ASN A 339 5.82 28.84 -19.77
C ASN A 339 7.11 28.68 -20.57
N ILE A 340 7.00 28.39 -21.86
CA ILE A 340 8.16 28.34 -22.74
C ILE A 340 8.56 29.78 -23.08
N PRO A 341 9.76 30.22 -22.68
CA PRO A 341 10.11 31.64 -22.87
C PRO A 341 10.06 32.07 -24.32
N LYS A 342 9.82 33.37 -24.52
CA LYS A 342 9.79 33.93 -25.88
C LYS A 342 11.10 33.71 -26.61
N LYS A 343 12.23 33.76 -25.89
CA LYS A 343 13.54 33.64 -26.50
C LYS A 343 13.81 32.24 -27.07
N SER A 344 13.07 31.24 -26.61
CA SER A 344 13.39 29.84 -26.93
C SER A 344 13.35 29.59 -28.43
N TRP A 345 14.04 28.54 -28.84
CA TRP A 345 14.02 28.10 -30.23
C TRP A 345 12.61 27.72 -30.63
N PHE A 346 12.17 28.24 -31.76
CA PHE A 346 10.88 27.91 -32.36
C PHE A 346 10.99 27.59 -33.83
N VAL A 347 11.83 28.31 -34.57
CA VAL A 347 11.81 28.32 -36.02
C VAL A 347 12.97 27.51 -36.57
N SER A 348 12.67 26.60 -37.48
CA SER A 348 13.64 25.93 -38.33
C SER A 348 13.36 26.34 -39.77
N ALA A 349 14.30 26.04 -40.67
CA ALA A 349 14.12 26.41 -42.06
C ALA A 349 14.90 25.46 -42.96
N THR A 350 14.34 25.18 -44.13
CA THR A 350 15.01 24.38 -45.15
C THR A 350 15.10 25.22 -46.42
N SER A 351 16.32 25.60 -46.78
CA SER A 351 16.56 26.45 -47.94
C SER A 351 17.12 25.59 -49.07
N THR A 352 16.36 25.45 -50.15
CA THR A 352 16.77 24.66 -51.30
C THR A 352 17.21 25.59 -52.43
N THR A 353 18.30 25.23 -53.10
CA THR A 353 18.74 26.02 -54.24
C THR A 353 19.67 25.20 -55.12
N ASN A 354 19.68 25.53 -56.40
CA ASN A 354 20.65 25.04 -57.36
C ASN A 354 21.61 26.13 -57.82
N ASN A 355 21.47 27.34 -57.29
CA ASN A 355 22.30 28.46 -57.71
C ASN A 355 23.76 28.19 -57.42
N LYS A 356 24.62 28.41 -58.42
CA LYS A 356 26.03 28.11 -58.27
C LYS A 356 26.71 29.05 -57.29
N GLU A 357 26.25 30.31 -57.18
CA GLU A 357 26.92 31.27 -56.32
C GLU A 357 26.80 30.87 -54.85
N ILE A 358 25.60 30.48 -54.43
CA ILE A 358 25.38 30.05 -53.05
C ILE A 358 26.17 28.78 -52.76
N ILE A 359 26.12 27.81 -53.68
CA ILE A 359 26.81 26.54 -53.47
C ILE A 359 28.32 26.76 -53.38
N ASP A 360 28.84 27.67 -54.20
CA ASP A 360 30.27 27.96 -54.17
C ASP A 360 30.66 28.70 -52.91
N THR A 361 29.80 29.61 -52.44
CA THR A 361 30.04 30.25 -51.15
C THR A 361 30.09 29.22 -50.04
N ILE A 362 29.23 28.20 -50.12
CA ILE A 362 29.24 27.15 -49.11
C ILE A 362 30.51 26.31 -49.22
N GLU A 363 30.95 26.03 -50.45
CA GLU A 363 32.18 25.26 -50.64
C GLU A 363 33.39 26.02 -50.08
N SER A 364 33.40 27.34 -50.21
CA SER A 364 34.51 28.13 -49.71
C SER A 364 34.62 28.09 -48.18
N ILE A 365 33.53 27.80 -47.49
CA ILE A 365 33.51 27.76 -46.03
C ILE A 365 33.70 26.34 -45.50
N CYS A 366 32.97 25.37 -46.07
CA CYS A 366 33.03 24.00 -45.59
C CYS A 366 34.12 23.17 -46.25
N LYS A 367 34.77 23.69 -47.29
CA LYS A 367 35.90 23.09 -47.98
C LYS A 367 35.56 21.82 -48.74
N ARG A 368 34.28 21.52 -48.94
CA ARG A 368 33.86 20.34 -49.66
C ARG A 368 32.83 20.71 -50.72
N ASP A 369 32.85 20.00 -51.83
CA ASP A 369 31.88 20.20 -52.89
C ASP A 369 30.49 19.76 -52.40
N PRO A 370 29.55 20.69 -52.21
CA PRO A 370 28.25 20.31 -51.63
C PRO A 370 27.41 19.42 -52.52
N LEU A 371 27.72 19.31 -53.81
CA LEU A 371 26.97 18.46 -54.72
C LEU A 371 27.63 17.12 -54.98
N ALA A 372 28.75 16.82 -54.30
CA ALA A 372 29.49 15.60 -54.55
C ALA A 372 28.79 14.35 -54.05
N GLY A 373 27.78 14.49 -53.19
CA GLY A 373 27.09 13.34 -52.63
C GLY A 373 27.68 12.82 -51.34
N LYS A 374 28.86 13.27 -50.96
CA LYS A 374 29.49 12.88 -49.72
C LYS A 374 29.22 13.94 -48.65
N THR A 375 29.96 13.87 -47.54
CA THR A 375 29.81 14.83 -46.47
C THR A 375 30.04 16.25 -46.98
N VAL A 376 29.32 17.21 -46.41
CA VAL A 376 29.44 18.60 -46.84
C VAL A 376 29.99 19.44 -45.70
N THR A 377 29.15 19.78 -44.72
CA THR A 377 29.58 20.54 -43.56
C THR A 377 29.91 19.65 -42.36
N GLY A 378 29.64 18.35 -42.46
CA GLY A 378 29.94 17.46 -41.35
C GLY A 378 29.14 17.73 -40.10
N GLY A 379 28.04 18.44 -40.21
CA GLY A 379 27.26 18.90 -39.07
C GLY A 379 27.02 20.38 -39.15
N ILE A 380 26.38 20.89 -38.10
CA ILE A 380 25.99 22.30 -38.08
C ILE A 380 27.23 23.18 -38.03
N ILE A 381 27.25 24.23 -38.87
CA ILE A 381 28.16 25.34 -38.71
C ILE A 381 27.45 26.40 -37.89
N THR A 382 28.10 26.88 -36.83
CA THR A 382 27.52 27.88 -35.95
C THR A 382 28.09 29.25 -36.29
N ILE A 383 27.21 30.23 -36.46
CA ILE A 383 27.62 31.63 -36.62
C ILE A 383 27.67 32.23 -35.21
N ASN A 384 28.88 32.35 -34.68
CA ASN A 384 29.05 32.70 -33.27
C ASN A 384 28.48 34.08 -32.95
N ASP A 385 28.79 35.07 -33.78
CA ASP A 385 28.39 36.45 -33.53
C ASP A 385 27.05 36.82 -34.13
N SER A 386 26.22 35.83 -34.46
CA SER A 386 24.88 36.12 -34.97
C SER A 386 23.93 36.42 -33.82
N ALA A 387 23.06 37.41 -34.02
CA ALA A 387 22.13 37.79 -32.97
C ALA A 387 21.11 36.67 -32.70
N TRP A 388 20.65 36.00 -33.76
CA TRP A 388 19.75 34.86 -33.60
C TRP A 388 20.44 33.66 -32.99
N GLN A 389 21.77 33.69 -32.83
CA GLN A 389 22.56 32.51 -32.52
C GLN A 389 22.21 31.37 -33.47
N MET A 390 22.52 31.61 -34.74
CA MET A 390 22.09 30.75 -35.83
C MET A 390 23.12 29.68 -36.13
N SER A 391 22.64 28.49 -36.48
CA SER A 391 23.47 27.42 -37.02
C SER A 391 22.77 26.81 -38.22
N PHE A 392 23.56 26.14 -39.06
CA PHE A 392 23.05 25.53 -40.27
C PHE A 392 23.94 24.34 -40.64
N THR A 393 23.33 23.35 -41.30
CA THR A 393 24.06 22.18 -41.78
C THR A 393 23.58 21.82 -43.18
N ILE A 394 24.46 21.14 -43.89
CA ILE A 394 24.15 20.50 -45.16
C ILE A 394 24.64 19.07 -45.05
N ASN A 395 23.70 18.12 -44.99
CA ASN A 395 24.07 16.71 -44.95
C ASN A 395 24.46 16.25 -46.35
N ARG A 396 24.72 14.94 -46.48
CA ARG A 396 25.03 14.39 -47.79
C ARG A 396 23.89 14.66 -48.76
N GLN A 397 24.20 15.33 -49.86
CA GLN A 397 23.19 15.71 -50.83
C GLN A 397 23.08 14.65 -51.92
N GLN A 398 21.85 14.39 -52.35
CA GLN A 398 20.65 15.04 -51.85
C GLN A 398 20.02 14.23 -50.72
N GLN A 399 19.45 14.93 -49.73
CA GLN A 399 18.80 14.25 -48.62
C GLN A 399 17.49 13.59 -49.03
N PHE A 400 17.00 13.85 -50.24
CA PHE A 400 15.80 13.23 -50.76
C PHE A 400 16.16 12.44 -52.01
N LYS A 401 15.58 11.24 -52.13
CA LYS A 401 15.96 10.34 -53.23
C LYS A 401 15.61 10.95 -54.58
N ASP A 402 14.47 11.63 -54.67
CA ASP A 402 13.99 12.17 -55.94
C ASP A 402 14.23 13.68 -56.05
N GLN A 403 15.26 14.19 -55.37
CA GLN A 403 15.65 15.59 -55.55
C GLN A 403 16.59 15.69 -56.75
N PRO A 404 16.46 16.75 -57.55
CA PRO A 404 17.39 16.94 -58.68
C PRO A 404 18.84 16.92 -58.22
N GLU A 405 19.71 16.42 -59.08
CA GLU A 405 21.11 16.22 -58.71
C GLU A 405 21.88 17.53 -58.60
N ASN A 406 21.36 18.63 -59.15
CA ASN A 406 22.04 19.91 -59.08
C ASN A 406 21.55 20.78 -57.93
N GLU A 407 20.64 20.29 -57.10
CA GLU A 407 20.10 21.04 -55.98
C GLU A 407 20.78 20.65 -54.67
N ILE A 408 20.74 21.56 -53.72
CA ILE A 408 21.10 21.26 -52.33
C ILE A 408 20.03 21.86 -51.43
N SER A 409 19.87 21.27 -50.26
CA SER A 409 18.95 21.74 -49.24
C SER A 409 19.71 21.92 -47.93
N THR A 410 19.57 23.10 -47.33
CA THR A 410 20.31 23.48 -46.14
C THR A 410 19.34 23.64 -44.97
N TRP A 411 19.67 23.04 -43.83
CA TRP A 411 18.86 23.15 -42.63
C TRP A 411 19.42 24.26 -41.75
N ILE A 412 18.54 25.14 -41.28
CA ILE A 412 18.91 26.33 -40.52
C ILE A 412 18.05 26.38 -39.27
N TYR A 413 18.66 26.77 -38.14
CA TYR A 413 17.89 27.00 -36.93
C TYR A 413 18.59 28.07 -36.10
N ALA A 414 17.82 28.65 -35.18
CA ALA A 414 18.29 29.77 -34.36
C ALA A 414 17.90 29.54 -32.92
N LEU A 415 18.83 29.79 -32.00
CA LEU A 415 18.57 29.58 -30.58
C LEU A 415 17.80 30.72 -29.94
N TYR A 416 17.87 31.93 -30.51
CA TYR A 416 17.19 33.10 -29.96
C TYR A 416 16.13 33.57 -30.94
N SER A 417 14.88 33.68 -30.47
CA SER A 417 13.75 33.95 -31.35
C SER A 417 13.23 35.37 -31.25
N ASP A 418 13.52 36.09 -30.17
CA ASP A 418 12.94 37.42 -29.91
C ASP A 418 13.99 38.52 -30.02
N VAL A 419 14.94 38.37 -30.94
CA VAL A 419 16.04 39.32 -31.09
C VAL A 419 16.13 39.74 -32.55
N ASN A 420 16.37 41.03 -32.77
CA ASN A 420 16.52 41.55 -34.13
C ASN A 420 17.78 40.97 -34.77
N GLY A 421 17.64 40.48 -35.99
CA GLY A 421 18.78 39.95 -36.72
C GLY A 421 19.76 41.03 -37.14
N ASP A 422 20.92 40.58 -37.61
CA ASP A 422 21.98 41.51 -37.98
C ASP A 422 21.78 42.12 -39.36
N TYR A 423 21.19 41.36 -40.29
CA TYR A 423 20.85 41.89 -41.61
C TYR A 423 19.35 42.18 -41.72
N ILE A 424 18.51 41.16 -41.53
CA ILE A 424 17.08 41.36 -41.37
C ILE A 424 16.85 41.65 -39.89
N LYS A 425 16.72 42.94 -39.55
CA LYS A 425 16.64 43.37 -38.14
C LYS A 425 15.30 43.09 -37.50
N LYS A 426 14.68 41.95 -37.80
CA LYS A 426 13.47 41.48 -37.16
C LYS A 426 13.73 40.13 -36.49
N PRO A 427 12.97 39.79 -35.45
CA PRO A 427 13.06 38.44 -34.90
C PRO A 427 12.73 37.39 -35.96
N ILE A 428 13.32 36.21 -35.80
CA ILE A 428 13.15 35.16 -36.80
C ILE A 428 11.69 34.74 -36.92
N THR A 429 10.93 34.83 -35.82
CA THR A 429 9.52 34.45 -35.84
C THR A 429 8.66 35.41 -36.65
N GLU A 430 9.22 36.53 -37.12
CA GLU A 430 8.52 37.46 -38.00
C GLU A 430 9.12 37.48 -39.40
N CYS A 431 9.87 36.43 -39.77
CA CYS A 431 10.59 36.40 -41.03
C CYS A 431 10.00 35.34 -41.96
N SER A 432 9.89 35.67 -43.24
CA SER A 432 9.52 34.70 -44.24
C SER A 432 10.70 33.77 -44.52
N GLY A 433 10.49 32.80 -45.41
CA GLY A 433 11.58 31.91 -45.77
C GLY A 433 12.75 32.65 -46.40
N ASN A 434 12.46 33.52 -47.37
CA ASN A 434 13.53 34.25 -48.02
C ASN A 434 14.23 35.21 -47.07
N GLU A 435 13.54 35.65 -46.02
CA GLU A 435 14.17 36.57 -45.06
C GLU A 435 15.16 35.84 -44.16
N ILE A 436 14.78 34.64 -43.69
CA ILE A 436 15.73 33.78 -42.99
C ILE A 436 16.92 33.48 -43.90
N CYS A 437 16.64 33.14 -45.17
CA CYS A 437 17.70 32.88 -46.13
C CYS A 437 18.60 34.10 -46.31
N GLN A 438 18.03 35.31 -46.27
CA GLN A 438 18.81 36.54 -46.40
C GLN A 438 19.76 36.70 -45.21
N GLU A 439 19.21 36.61 -44.00
CA GLU A 439 20.05 36.73 -42.81
C GLU A 439 21.13 35.66 -42.80
N TRP A 440 20.82 34.47 -43.33
CA TRP A 440 21.80 33.39 -43.38
C TRP A 440 22.90 33.68 -44.40
N LEU A 441 22.52 34.09 -45.60
CA LEU A 441 23.49 34.42 -46.63
C LEU A 441 24.39 35.58 -46.22
N TYR A 442 23.87 36.49 -45.37
CA TYR A 442 24.69 37.61 -44.92
C TYR A 442 25.88 37.13 -44.11
N HIS A 443 25.67 36.15 -43.23
CA HIS A 443 26.76 35.60 -42.42
C HIS A 443 27.67 34.66 -43.20
N LEU A 444 27.24 34.19 -44.38
CA LEU A 444 28.12 33.43 -45.25
C LEU A 444 29.21 34.29 -45.87
N GLY A 445 29.05 35.61 -45.87
CA GLY A 445 29.94 36.49 -46.58
C GLY A 445 29.48 36.88 -47.97
N VAL A 446 28.23 36.58 -48.32
CA VAL A 446 27.70 36.97 -49.63
C VAL A 446 27.61 38.48 -49.71
N SER A 447 27.95 39.03 -50.88
CA SER A 447 27.90 40.47 -51.08
C SER A 447 26.48 40.98 -50.89
N THR A 448 26.33 42.05 -50.12
CA THR A 448 25.01 42.58 -49.77
C THR A 448 24.18 42.91 -51.00
N ASP A 449 24.83 43.21 -52.13
CA ASP A 449 24.10 43.50 -53.35
C ASP A 449 23.30 42.29 -53.82
N LYS A 450 23.88 41.09 -53.72
CA LYS A 450 23.28 39.89 -54.28
C LYS A 450 22.40 39.13 -53.28
N ILE A 451 22.44 39.49 -52.00
CA ILE A 451 21.80 38.69 -50.97
C ILE A 451 20.30 38.58 -51.22
N GLU A 452 19.63 39.72 -51.41
CA GLU A 452 18.18 39.74 -51.51
C GLU A 452 17.69 39.03 -52.76
N ASP A 453 18.37 39.25 -53.90
CA ASP A 453 17.97 38.58 -55.13
C ASP A 453 18.20 37.07 -55.02
N LEU A 454 19.38 36.66 -54.51
CA LEU A 454 19.67 35.23 -54.40
C LEU A 454 18.73 34.55 -53.43
N ALA A 455 18.23 35.26 -52.43
CA ALA A 455 17.32 34.65 -51.47
C ALA A 455 15.90 34.55 -52.01
N LYS A 456 15.40 35.62 -52.64
CA LYS A 456 14.00 35.64 -53.05
C LYS A 456 13.74 34.80 -54.29
N HIS A 457 14.61 34.91 -55.30
CA HIS A 457 14.34 34.33 -56.61
C HIS A 457 15.22 33.14 -56.97
N ALA A 458 16.35 32.94 -56.28
CA ALA A 458 17.24 31.82 -56.54
C ALA A 458 17.14 30.71 -55.51
N SER A 459 16.43 30.93 -54.42
CA SER A 459 16.29 29.94 -53.35
C SER A 459 14.84 29.79 -52.96
N ASN A 460 14.49 28.61 -52.48
CA ASN A 460 13.16 28.30 -51.97
C ASN A 460 13.34 27.85 -50.53
N THR A 461 13.02 28.72 -49.57
CA THR A 461 13.23 28.45 -48.16
C THR A 461 11.88 28.28 -47.47
N ILE A 462 11.66 27.11 -46.88
CA ILE A 462 10.44 26.80 -46.16
C ILE A 462 10.72 26.93 -44.67
N PRO A 463 10.02 27.80 -43.94
CA PRO A 463 10.21 27.88 -42.49
C PRO A 463 9.19 27.07 -41.72
N VAL A 464 9.49 26.76 -40.46
CA VAL A 464 8.63 25.91 -39.63
C VAL A 464 8.67 26.45 -38.20
N TYR A 465 7.49 26.69 -37.63
CA TYR A 465 7.37 27.17 -36.26
C TYR A 465 6.88 26.02 -35.39
N MET A 466 7.76 25.48 -34.56
CA MET A 466 7.40 24.43 -33.62
C MET A 466 7.38 25.01 -32.22
N PRO A 467 6.21 25.27 -31.63
CA PRO A 467 6.17 25.90 -30.30
C PRO A 467 6.75 25.04 -29.19
N TYR A 468 6.96 23.74 -29.42
CA TYR A 468 7.39 22.82 -28.38
C TYR A 468 8.71 22.12 -28.73
N ILE A 469 9.51 22.71 -29.62
CA ILE A 469 10.73 22.02 -30.06
C ILE A 469 11.77 21.96 -28.95
N THR A 470 11.73 22.90 -28.00
CA THR A 470 12.64 22.90 -26.87
C THR A 470 12.04 22.27 -25.62
N SER A 471 10.90 21.59 -25.76
CA SER A 471 10.16 21.14 -24.59
C SER A 471 10.88 20.04 -23.83
N TYR A 472 11.71 19.24 -24.51
CA TYR A 472 12.42 18.15 -23.83
C TYR A 472 13.26 18.67 -22.69
N PHE A 473 13.88 19.84 -22.85
CA PHE A 473 14.92 20.32 -21.97
C PHE A 473 14.41 21.29 -20.91
N MET A 474 13.10 21.50 -20.81
CA MET A 474 12.57 22.39 -19.79
C MET A 474 12.92 21.89 -18.40
N THR A 475 13.06 22.83 -17.46
CA THR A 475 13.42 22.48 -16.09
C THR A 475 12.36 21.56 -15.50
N ARG A 476 12.80 20.42 -14.96
CA ARG A 476 11.90 19.39 -14.49
C ARG A 476 12.32 18.91 -13.12
N ALA A 477 11.41 18.19 -12.47
CA ALA A 477 11.68 17.52 -11.21
C ALA A 477 11.38 16.03 -11.36
N ILE A 478 11.98 15.23 -10.49
CA ILE A 478 11.75 13.79 -10.55
C ILE A 478 10.27 13.52 -10.28
N GLY A 479 9.61 12.86 -11.23
CA GLY A 479 8.19 12.62 -11.18
C GLY A 479 7.41 13.33 -12.27
N ASP A 480 7.99 14.40 -12.85
CA ASP A 480 7.30 15.09 -13.94
C ASP A 480 7.20 14.23 -15.19
N ARG A 481 8.05 13.23 -15.33
CA ARG A 481 7.99 12.30 -16.44
C ARG A 481 7.55 10.93 -15.93
N PRO A 482 6.55 10.31 -16.54
CA PRO A 482 6.08 9.01 -16.05
C PRO A 482 7.11 7.92 -16.32
N LEU A 483 7.14 6.93 -15.43
CA LEU A 483 7.95 5.75 -15.68
C LEU A 483 7.46 5.05 -16.93
N VAL A 484 8.38 4.38 -17.63
CA VAL A 484 8.03 3.66 -18.85
C VAL A 484 6.87 2.71 -18.59
N VAL A 485 6.91 2.01 -17.45
CA VAL A 485 5.77 1.24 -16.96
C VAL A 485 5.54 1.66 -15.51
N PRO A 486 4.54 2.50 -15.25
CA PRO A 486 4.32 2.98 -13.87
C PRO A 486 4.02 1.83 -12.91
N HIS A 487 4.11 2.14 -11.62
CA HIS A 487 3.94 1.12 -10.59
C HIS A 487 2.56 0.47 -10.71
N GLN A 488 2.55 -0.86 -10.61
CA GLN A 488 1.34 -1.69 -10.64
C GLN A 488 0.58 -1.59 -11.96
N SER A 489 1.18 -0.98 -12.99
CA SER A 489 0.54 -0.93 -14.30
C SER A 489 0.53 -2.33 -14.92
N GLN A 490 -0.63 -2.74 -15.43
CA GLN A 490 -0.78 -4.05 -16.02
C GLN A 490 -0.72 -4.04 -17.54
N ASN A 491 -1.19 -2.96 -18.18
CA ASN A 491 -1.24 -2.94 -19.64
C ASN A 491 -1.06 -1.52 -20.19
N LEU A 492 -0.35 -0.66 -19.47
CA LEU A 492 -0.14 0.71 -19.89
C LEU A 492 1.34 1.07 -19.76
N ALA A 493 1.91 1.62 -20.83
CA ALA A 493 3.30 2.00 -20.86
C ALA A 493 3.42 3.38 -21.51
N PHE A 494 4.43 4.13 -21.07
CA PHE A 494 4.74 5.44 -21.62
C PHE A 494 6.09 5.37 -22.30
N ILE A 495 6.13 5.72 -23.59
CA ILE A 495 7.34 5.66 -24.39
C ILE A 495 7.63 7.06 -24.92
N GLY A 496 8.79 7.19 -25.57
CA GLY A 496 9.18 8.48 -26.12
C GLY A 496 10.03 9.29 -25.15
N ASN A 497 10.43 10.46 -25.65
CA ASN A 497 11.38 11.31 -24.94
C ASN A 497 10.74 12.15 -23.83
N PHE A 498 9.52 11.82 -23.40
CA PHE A 498 8.96 12.39 -22.19
C PHE A 498 8.69 11.34 -21.12
N ALA A 499 9.04 10.08 -21.39
CA ALA A 499 9.01 9.05 -20.36
C ALA A 499 10.27 9.10 -19.52
N GLU A 500 10.29 8.34 -18.43
CA GLU A 500 11.38 8.36 -17.47
C GLU A 500 12.14 7.04 -17.51
N THR A 501 13.44 7.11 -17.76
CA THR A 501 14.34 5.97 -17.63
C THR A 501 15.70 6.49 -17.20
N GLU A 502 16.51 5.59 -16.66
CA GLU A 502 17.73 5.98 -15.97
C GLU A 502 18.82 6.44 -16.94
N ARG A 503 19.50 7.54 -16.57
CA ARG A 503 20.78 7.94 -17.12
C ARG A 503 20.73 8.41 -18.57
N ASP A 504 19.86 7.83 -19.40
CA ASP A 504 19.88 8.15 -20.82
C ASP A 504 19.37 9.58 -21.05
N THR A 505 19.72 10.11 -22.22
CA THR A 505 19.47 11.50 -22.58
C THR A 505 18.34 11.62 -23.57
N VAL A 506 17.46 12.60 -23.36
CA VAL A 506 16.34 12.82 -24.27
C VAL A 506 16.82 13.68 -25.43
N PHE A 507 15.91 14.01 -26.35
CA PHE A 507 16.22 14.64 -27.63
C PHE A 507 17.14 13.75 -28.47
N THR A 508 17.06 12.43 -28.27
CA THR A 508 17.80 11.46 -29.05
C THR A 508 16.85 10.37 -29.53
N THR A 509 17.10 9.87 -30.75
CA THR A 509 16.32 8.74 -31.24
C THR A 509 16.51 7.50 -30.36
N GLU A 510 17.72 7.33 -29.82
CA GLU A 510 18.01 6.19 -28.97
C GLU A 510 17.12 6.16 -27.74
N TYR A 511 16.76 7.33 -27.21
CA TYR A 511 15.86 7.36 -26.06
C TYR A 511 14.49 6.80 -26.42
N SER A 512 13.98 7.14 -27.61
CA SER A 512 12.71 6.59 -28.05
C SER A 512 12.79 5.09 -28.21
N VAL A 513 13.85 4.59 -28.88
CA VAL A 513 14.00 3.15 -29.04
C VAL A 513 14.12 2.46 -27.68
N ARG A 514 14.82 3.10 -26.74
CA ARG A 514 15.02 2.50 -25.42
C ARG A 514 13.71 2.40 -24.66
N THR A 515 12.93 3.48 -24.64
CA THR A 515 11.65 3.44 -23.94
C THR A 515 10.70 2.43 -24.59
N ALA A 516 10.69 2.36 -25.92
CA ALA A 516 9.87 1.37 -26.60
C ALA A 516 10.26 -0.05 -26.19
N MET A 517 11.57 -0.34 -26.22
CA MET A 517 12.02 -1.69 -25.93
C MET A 517 11.79 -2.05 -24.47
N GLU A 518 12.05 -1.13 -23.55
CA GLU A 518 11.81 -1.38 -22.14
C GLU A 518 10.33 -1.59 -21.85
N ALA A 519 9.47 -0.81 -22.51
CA ALA A 519 8.03 -0.99 -22.33
C ALA A 519 7.59 -2.37 -22.79
N VAL A 520 8.01 -2.77 -24.00
CA VAL A 520 7.62 -4.06 -24.54
C VAL A 520 8.12 -5.19 -23.63
N TYR A 521 9.40 -5.11 -23.24
CA TYR A 521 9.98 -6.17 -22.42
C TYR A 521 9.31 -6.26 -21.06
N GLN A 522 8.97 -5.11 -20.46
CA GLN A 522 8.36 -5.14 -19.14
C GLN A 522 6.92 -5.64 -19.19
N LEU A 523 6.14 -5.19 -20.19
CA LEU A 523 4.75 -5.59 -20.25
C LEU A 523 4.60 -7.05 -20.68
N LEU A 524 5.51 -7.56 -21.52
CA LEU A 524 5.42 -8.93 -21.99
C LEU A 524 6.30 -9.88 -21.19
N ASN A 525 7.09 -9.38 -20.24
CA ASN A 525 8.02 -10.19 -19.47
C ASN A 525 8.93 -11.00 -20.38
N ILE A 526 9.60 -10.30 -21.30
CA ILE A 526 10.48 -10.93 -22.26
C ILE A 526 11.79 -11.28 -21.58
N ASP A 527 12.19 -12.55 -21.66
CA ASP A 527 13.33 -13.06 -20.91
C ASP A 527 14.65 -12.79 -21.63
N ARG A 528 14.93 -11.50 -21.82
CA ARG A 528 16.19 -11.06 -22.41
C ARG A 528 16.60 -9.75 -21.74
N GLY A 529 17.92 -9.54 -21.63
CA GLY A 529 18.41 -8.34 -21.00
C GLY A 529 18.29 -7.13 -21.90
N ILE A 530 18.07 -5.99 -21.26
CA ILE A 530 18.05 -4.69 -21.94
C ILE A 530 19.46 -4.12 -21.86
N PRO A 531 20.06 -3.68 -22.97
CA PRO A 531 21.39 -3.06 -22.89
C PRO A 531 21.34 -1.79 -22.06
N GLU A 532 22.13 -1.76 -21.00
CA GLU A 532 22.24 -0.56 -20.19
C GLU A 532 22.80 0.59 -21.03
N VAL A 533 22.56 1.81 -20.57
CA VAL A 533 23.26 2.96 -21.13
C VAL A 533 24.76 2.72 -20.99
N ILE A 534 25.50 3.01 -22.06
CA ILE A 534 26.92 2.68 -22.11
C ILE A 534 27.62 3.24 -20.89
N ASN A 535 28.55 2.46 -20.35
CA ASN A 535 29.12 2.69 -19.03
C ASN A 535 30.31 3.65 -19.05
N SER A 536 30.40 4.50 -20.06
CA SER A 536 31.54 5.43 -20.17
C SER A 536 31.79 6.27 -18.92
N PRO A 537 30.79 6.86 -18.26
CA PRO A 537 31.10 7.68 -17.07
C PRO A 537 31.69 6.90 -15.90
N PHE A 538 31.62 5.57 -15.92
CA PHE A 538 32.24 4.75 -14.89
C PHE A 538 33.56 4.12 -15.34
N ASP A 539 34.00 4.40 -16.56
CA ASP A 539 35.22 3.82 -17.10
C ASP A 539 36.40 4.73 -16.76
N LEU A 540 37.34 4.22 -15.98
CA LEU A 540 38.49 5.02 -15.56
C LEU A 540 39.25 5.58 -16.74
N ARG A 541 39.41 4.79 -17.80
CA ARG A 541 40.12 5.26 -18.98
C ARG A 541 39.39 6.42 -19.64
N VAL A 542 38.07 6.30 -19.77
CA VAL A 542 37.26 7.36 -20.39
C VAL A 542 37.33 8.63 -19.55
N LEU A 543 37.30 8.49 -18.22
CA LEU A 543 37.36 9.67 -17.36
C LEU A 543 38.73 10.33 -17.43
N MET A 544 39.80 9.54 -17.52
CA MET A 544 41.13 10.12 -17.70
C MET A 544 41.21 10.90 -19.01
N ASP A 545 40.66 10.32 -20.09
CA ASP A 545 40.60 11.05 -21.35
C ASP A 545 39.76 12.31 -21.22
N ALA A 546 38.71 12.28 -20.41
CA ALA A 546 37.89 13.47 -20.21
C ALA A 546 38.68 14.57 -19.53
N ILE A 547 39.46 14.22 -18.50
CA ILE A 547 40.32 15.21 -17.85
C ILE A 547 41.31 15.80 -18.85
N TYR A 548 41.95 14.93 -19.63
CA TYR A 548 42.95 15.40 -20.60
C TYR A 548 42.32 16.34 -21.64
N GLU A 549 41.12 16.00 -22.11
CA GLU A 549 40.50 16.73 -23.21
C GLU A 549 39.91 18.05 -22.74
N LEU A 550 39.27 18.06 -21.57
CA LEU A 550 38.65 19.29 -21.07
C LEU A 550 39.68 20.38 -20.82
N ASN A 551 40.88 19.99 -20.37
CA ASN A 551 41.96 20.93 -20.09
C ASN A 551 42.80 21.23 -21.33
N ASP A 552 42.24 21.04 -22.54
CA ASP A 552 42.88 21.41 -23.80
C ASP A 552 44.25 20.74 -23.96
N HIS A 553 44.28 19.43 -23.70
CA HIS A 553 45.45 18.58 -23.94
C HIS A 553 46.63 19.01 -23.07
N GLN A 554 46.44 18.89 -21.76
CA GLN A 554 47.48 19.20 -20.79
C GLN A 554 47.56 18.05 -19.78
N ASP A 555 48.78 17.72 -19.37
CA ASP A 555 48.97 16.69 -18.36
C ASP A 555 48.80 17.30 -16.97
N LEU A 556 48.82 16.44 -15.95
CA LEU A 556 48.52 16.90 -14.59
C LEU A 556 49.51 17.94 -14.09
N ARG A 557 50.74 17.91 -14.59
CA ARG A 557 51.72 18.90 -14.16
C ARG A 557 51.39 20.29 -14.71
N GLU A 558 50.90 20.35 -15.95
CA GLU A 558 50.54 21.64 -16.54
C GLU A 558 49.26 22.20 -15.92
N ILE A 559 48.32 21.31 -15.57
CA ILE A 559 47.05 21.77 -14.99
C ILE A 559 47.27 22.40 -13.63
N THR A 560 48.21 21.86 -12.84
CA THR A 560 48.45 22.30 -11.48
C THR A 560 49.62 23.27 -11.36
N LYS A 561 50.13 23.79 -12.47
CA LYS A 561 51.36 24.56 -12.47
C LYS A 561 51.21 25.94 -11.82
N ASP A 562 49.98 26.37 -11.53
CA ASP A 562 49.74 27.75 -11.09
C ASP A 562 49.12 27.81 -9.70
N SER A 563 49.36 26.81 -8.86
CA SER A 563 48.92 26.87 -7.48
C SER A 563 49.75 25.91 -6.64
N LYS A 564 50.09 26.34 -5.43
CA LYS A 564 50.83 25.46 -4.52
C LYS A 564 49.92 24.40 -3.93
N MET A 565 48.66 24.73 -3.66
CA MET A 565 47.72 23.75 -3.13
C MET A 565 47.46 22.64 -4.14
N GLN A 566 47.62 22.92 -5.43
CA GLN A 566 47.51 21.90 -6.46
C GLN A 566 48.81 21.12 -6.59
N LYS A 567 49.94 21.84 -6.63
CA LYS A 567 51.24 21.21 -6.85
C LYS A 567 51.58 20.23 -5.73
N LEU A 568 51.30 20.60 -4.48
CA LEU A 568 51.66 19.74 -3.35
C LEU A 568 50.85 18.44 -3.38
N ALA A 569 49.53 18.55 -3.54
CA ALA A 569 48.71 17.36 -3.65
C ALA A 569 49.16 16.48 -4.80
N LEU A 570 49.47 17.09 -5.96
CA LEU A 570 49.89 16.29 -7.11
C LEU A 570 51.21 15.57 -6.83
N ALA A 571 52.18 16.27 -6.25
CA ALA A 571 53.48 15.65 -5.99
C ALA A 571 53.35 14.50 -4.99
N GLY A 572 52.60 14.72 -3.91
CA GLY A 572 52.40 13.65 -2.93
C GLY A 572 51.72 12.43 -3.55
N PHE A 573 50.61 12.67 -4.27
CA PHE A 573 49.89 11.57 -4.90
C PHE A 573 50.77 10.85 -5.92
N LEU A 574 51.59 11.60 -6.66
CA LEU A 574 52.45 11.01 -7.68
C LEU A 574 53.51 10.12 -7.04
N LYS A 575 54.12 10.58 -5.95
CA LYS A 575 55.05 9.72 -5.24
C LYS A 575 54.36 8.49 -4.66
N LYS A 576 53.10 8.63 -4.26
CA LYS A 576 52.37 7.48 -3.73
C LYS A 576 52.14 6.42 -4.81
N ILE A 577 51.93 6.84 -6.05
CA ILE A 577 51.61 5.93 -7.15
C ILE A 577 52.80 5.70 -8.08
N LYS A 578 54.01 6.07 -7.65
CA LYS A 578 55.17 5.98 -8.53
C LYS A 578 55.49 4.53 -8.90
N GLY A 579 55.73 4.30 -10.18
CA GLY A 579 56.13 2.99 -10.65
C GLY A 579 55.05 1.92 -10.60
N THR A 580 53.79 2.31 -10.52
CA THR A 580 52.68 1.38 -10.40
C THR A 580 51.90 1.33 -11.71
N TYR A 581 50.85 0.50 -11.71
CA TYR A 581 49.96 0.42 -12.87
C TYR A 581 49.12 1.68 -13.00
N ILE A 582 48.85 2.37 -11.89
CA ILE A 582 48.11 3.63 -11.96
C ILE A 582 48.91 4.68 -12.72
N GLU A 583 50.21 4.77 -12.41
CA GLU A 583 51.08 5.70 -13.14
C GLU A 583 51.14 5.36 -14.61
N SER A 584 51.24 4.06 -14.94
CA SER A 584 51.30 3.66 -16.33
C SER A 584 50.00 3.98 -17.06
N LEU A 585 48.86 3.81 -16.39
CA LEU A 585 47.58 4.17 -16.99
C LEU A 585 47.50 5.66 -17.23
N LEU A 586 47.95 6.47 -16.27
CA LEU A 586 47.91 7.91 -16.44
C LEU A 586 48.81 8.36 -17.57
N LYS A 587 49.95 7.70 -17.74
CA LYS A 587 50.85 8.03 -18.84
C LYS A 587 50.27 7.60 -20.18
N GLU A 588 49.61 6.43 -20.21
CA GLU A 588 48.99 5.96 -21.45
C GLU A 588 47.94 6.93 -21.96
N HIS A 589 47.25 7.62 -21.05
CA HIS A 589 46.21 8.57 -21.41
C HIS A 589 46.69 10.01 -21.38
N LYS A 590 47.99 10.22 -21.53
CA LYS A 590 48.61 11.54 -21.72
C LYS A 590 48.38 12.48 -20.55
N LEU A 591 48.02 11.96 -19.38
CA LEU A 591 47.86 12.79 -18.20
C LEU A 591 49.15 12.94 -17.41
N LEU A 592 50.21 12.23 -17.77
CA LEU A 592 51.50 12.33 -17.11
C LEU A 592 52.64 12.37 -18.13
N HIS B 1 -22.85 -4.25 32.16
CA HIS B 1 -23.67 -5.19 31.41
C HIS B 1 -23.11 -5.38 30.00
N MET B 2 -21.79 -5.30 29.86
CA MET B 2 -21.14 -5.39 28.56
C MET B 2 -19.65 -5.51 28.76
N TYR B 3 -18.95 -5.91 27.70
CA TYR B 3 -17.50 -6.01 27.74
C TYR B 3 -16.93 -5.67 26.38
N TYR B 4 -15.73 -5.08 26.38
CA TYR B 4 -15.04 -4.70 25.16
C TYR B 4 -14.15 -5.83 24.67
N SER B 5 -13.95 -5.89 23.35
CA SER B 5 -13.19 -6.97 22.75
C SER B 5 -12.55 -6.51 21.45
N TYR B 6 -11.72 -7.38 20.90
CA TYR B 6 -11.08 -7.16 19.61
C TYR B 6 -10.68 -8.51 19.03
N GLY B 7 -10.46 -8.55 17.73
CA GLY B 7 -10.10 -9.76 17.05
C GLY B 7 -11.29 -10.43 16.38
N ASN B 8 -10.97 -11.41 15.53
CA ASN B 8 -11.99 -12.03 14.68
C ASN B 8 -12.94 -12.91 15.50
N TYR B 9 -12.50 -13.43 16.64
CA TYR B 9 -13.32 -14.35 17.42
C TYR B 9 -14.63 -13.71 17.85
N GLU B 10 -14.56 -12.50 18.42
CA GLU B 10 -15.75 -11.81 18.88
C GLU B 10 -16.49 -11.08 17.77
N ALA B 11 -15.81 -10.76 16.67
CA ALA B 11 -16.47 -10.08 15.56
C ALA B 11 -17.32 -11.04 14.74
N PHE B 12 -16.80 -12.24 14.47
CA PHE B 12 -17.49 -13.21 13.64
C PHE B 12 -18.52 -14.03 14.42
N ALA B 13 -18.41 -14.07 15.75
CA ALA B 13 -19.35 -14.84 16.54
C ALA B 13 -20.73 -14.20 16.53
N ARG B 14 -21.75 -15.04 16.70
CA ARG B 14 -23.10 -14.53 16.81
C ARG B 14 -23.59 -14.68 18.24
N PRO B 15 -24.28 -13.67 18.77
CA PRO B 15 -24.81 -13.77 20.14
C PRO B 15 -26.07 -14.62 20.17
N LYS B 16 -26.25 -15.31 21.29
CA LYS B 16 -27.50 -16.00 21.54
C LYS B 16 -28.64 -14.99 21.61
N LYS B 17 -29.85 -15.46 21.32
CA LYS B 17 -31.02 -14.62 21.46
C LYS B 17 -31.17 -14.22 22.93
N PRO B 18 -31.20 -12.92 23.26
CA PRO B 18 -31.27 -12.52 24.66
C PRO B 18 -32.54 -13.03 25.35
N GLU B 19 -32.46 -13.12 26.67
CA GLU B 19 -33.56 -13.68 27.44
C GLU B 19 -34.74 -12.74 27.50
N ASN B 20 -35.93 -13.27 27.26
CA ASN B 20 -37.20 -12.56 27.42
C ASN B 20 -37.29 -11.32 26.53
N VAL B 21 -36.73 -11.40 25.31
CA VAL B 21 -36.78 -10.25 24.41
C VAL B 21 -38.12 -10.18 23.69
N GLU B 22 -38.80 -11.31 23.53
CA GLU B 22 -40.11 -11.34 22.88
C GLU B 22 -41.17 -10.57 23.67
N ASN B 23 -40.95 -10.39 24.98
CA ASN B 23 -41.86 -9.64 25.82
C ASN B 23 -41.48 -8.17 25.92
N LYS B 24 -40.63 -7.68 25.01
CA LYS B 24 -40.08 -6.34 25.10
C LYS B 24 -40.33 -5.58 23.81
N SER B 25 -40.36 -4.25 23.93
CA SER B 25 -40.56 -3.34 22.80
C SER B 25 -39.54 -2.22 22.89
N ALA B 26 -39.49 -1.40 21.85
CA ALA B 26 -38.50 -0.32 21.79
C ALA B 26 -39.11 0.92 21.16
N TYR B 27 -38.81 2.08 21.75
CA TYR B 27 -39.20 3.38 21.22
C TYR B 27 -37.93 4.21 21.06
N LEU B 28 -37.70 4.69 19.85
CA LEU B 28 -36.49 5.40 19.48
C LEU B 28 -36.84 6.85 19.16
N ILE B 29 -36.30 7.78 19.95
CA ILE B 29 -36.65 9.20 19.87
C ILE B 29 -35.75 9.82 18.81
N GLY B 30 -36.31 10.04 17.63
CA GLY B 30 -35.57 10.58 16.51
C GLY B 30 -35.28 9.50 15.48
N SER B 31 -35.07 9.92 14.24
CA SER B 31 -34.70 9.02 13.16
C SER B 31 -33.30 9.31 12.64
N GLY B 32 -32.44 9.85 13.50
CA GLY B 32 -31.04 10.06 13.15
C GLY B 32 -30.32 8.74 12.99
N LEU B 33 -29.02 8.84 12.70
CA LEU B 33 -28.24 7.64 12.41
C LEU B 33 -28.10 6.75 13.64
N ALA B 34 -27.93 7.35 14.82
CA ALA B 34 -27.78 6.57 16.04
C ALA B 34 -29.05 5.75 16.31
N SER B 35 -30.21 6.35 16.11
CA SER B 35 -31.47 5.65 16.36
C SER B 35 -31.69 4.50 15.38
N LEU B 36 -31.42 4.74 14.09
CA LEU B 36 -31.56 3.69 13.10
C LEU B 36 -30.57 2.56 13.35
N ALA B 37 -29.35 2.90 13.80
CA ALA B 37 -28.38 1.87 14.15
C ALA B 37 -28.84 1.05 15.34
N ALA B 38 -29.41 1.71 16.35
CA ALA B 38 -29.93 0.98 17.50
C ALA B 38 -31.07 0.05 17.10
N ALA B 39 -31.95 0.51 16.19
CA ALA B 39 -33.00 -0.36 15.70
C ALA B 39 -32.43 -1.55 14.94
N CYS B 40 -31.42 -1.31 14.11
CA CYS B 40 -30.77 -2.40 13.40
C CYS B 40 -30.18 -3.42 14.35
N PHE B 41 -29.53 -2.96 15.42
CA PHE B 41 -28.94 -3.89 16.38
C PHE B 41 -30.02 -4.64 17.15
N LEU B 42 -31.13 -3.98 17.46
CA LEU B 42 -32.24 -4.65 18.12
C LEU B 42 -32.81 -5.75 17.24
N ILE B 43 -32.83 -5.53 15.92
CA ILE B 43 -33.30 -6.56 15.00
C ILE B 43 -32.31 -7.70 14.92
N ARG B 44 -31.04 -7.39 14.64
CA ARG B 44 -30.07 -8.42 14.30
C ARG B 44 -29.59 -9.20 15.53
N ASP B 45 -29.15 -8.49 16.56
CA ASP B 45 -28.57 -9.12 17.74
C ASP B 45 -29.55 -9.27 18.90
N GLY B 46 -30.42 -8.27 19.11
CA GLY B 46 -31.48 -8.42 20.09
C GLY B 46 -32.57 -9.40 19.69
N GLN B 47 -32.72 -9.62 18.38
CA GLN B 47 -33.74 -10.54 17.85
C GLN B 47 -35.14 -10.13 18.29
N MET B 48 -35.35 -8.83 18.50
CA MET B 48 -36.64 -8.32 18.92
C MET B 48 -37.57 -8.19 17.72
N GLU B 49 -38.86 -8.48 17.94
CA GLU B 49 -39.86 -8.41 16.88
C GLU B 49 -39.89 -7.01 16.28
N GLY B 50 -39.75 -6.94 14.95
CA GLY B 50 -39.73 -5.65 14.28
C GLY B 50 -41.00 -4.84 14.49
N SER B 51 -42.14 -5.52 14.61
CA SER B 51 -43.40 -4.81 14.86
C SER B 51 -43.43 -4.15 16.22
N LYS B 52 -42.56 -4.55 17.15
CA LYS B 52 -42.49 -3.96 18.47
C LYS B 52 -41.44 -2.85 18.56
N ILE B 53 -40.90 -2.41 17.43
CA ILE B 53 -39.89 -1.35 17.38
C ILE B 53 -40.54 -0.12 16.77
N HIS B 54 -40.52 0.98 17.52
CA HIS B 54 -41.19 2.22 17.11
C HIS B 54 -40.15 3.32 16.99
N ILE B 55 -40.09 3.95 15.82
CA ILE B 55 -39.19 5.08 15.57
C ILE B 55 -40.03 6.33 15.42
N LEU B 56 -39.83 7.29 16.32
CA LEU B 56 -40.60 8.52 16.36
C LEU B 56 -39.72 9.69 15.91
N GLU B 57 -40.11 10.35 14.83
CA GLU B 57 -39.36 11.48 14.28
C GLU B 57 -40.28 12.67 14.08
N GLU B 58 -39.72 13.87 14.26
CA GLU B 58 -40.46 15.11 14.05
C GLU B 58 -40.22 15.66 12.64
N LYS B 74 -34.75 27.17 -3.48
CA LYS B 74 -34.33 25.81 -3.15
C LYS B 74 -33.17 25.37 -4.04
N GLY B 75 -32.48 24.33 -3.59
CA GLY B 75 -31.37 23.77 -4.36
C GLY B 75 -30.84 22.53 -3.69
N TYR B 76 -29.68 22.07 -4.18
CA TYR B 76 -29.02 20.92 -3.56
C TYR B 76 -28.25 21.36 -2.33
N VAL B 77 -28.33 20.55 -1.28
CA VAL B 77 -27.66 20.84 -0.01
C VAL B 77 -27.03 19.56 0.52
N VAL B 78 -25.71 19.56 0.65
CA VAL B 78 -25.02 18.53 1.42
C VAL B 78 -24.91 19.01 2.85
N ARG B 79 -25.56 18.30 3.77
CA ARG B 79 -25.62 18.75 5.16
C ARG B 79 -24.28 18.68 5.87
N GLY B 80 -23.25 18.15 5.22
CA GLY B 80 -21.93 18.13 5.81
C GLY B 80 -21.00 17.25 5.00
N GLY B 81 -19.79 17.11 5.52
CA GLY B 81 -18.82 16.19 4.97
C GLY B 81 -18.55 15.06 5.93
N ARG B 82 -18.85 13.83 5.51
CA ARG B 82 -18.79 12.67 6.40
C ARG B 82 -17.61 11.79 5.99
N GLU B 83 -16.42 12.21 6.42
CA GLU B 83 -15.22 11.43 6.20
C GLU B 83 -15.23 10.19 7.08
N MET B 84 -14.78 9.07 6.53
CA MET B 84 -14.78 7.80 7.22
C MET B 84 -13.41 7.16 7.11
N GLU B 85 -13.14 6.20 7.99
CA GLU B 85 -11.86 5.51 8.02
C GLU B 85 -12.09 4.02 8.28
N ASN B 86 -11.03 3.24 8.08
CA ASN B 86 -11.14 1.78 8.14
C ASN B 86 -11.51 1.30 9.54
N HIS B 87 -10.97 1.95 10.57
CA HIS B 87 -11.14 1.47 11.94
C HIS B 87 -12.38 2.06 12.62
N PHE B 88 -13.45 2.26 11.85
CA PHE B 88 -14.79 2.50 12.39
C PHE B 88 -15.37 1.12 12.74
N GLU B 89 -14.91 0.57 13.86
CA GLU B 89 -15.15 -0.84 14.16
C GLU B 89 -16.64 -1.14 14.27
N CYS B 90 -17.36 -0.38 15.09
CA CYS B 90 -18.78 -0.65 15.30
C CYS B 90 -19.58 -0.42 14.04
N LEU B 91 -19.24 0.63 13.28
CA LEU B 91 -19.98 0.92 12.05
C LEU B 91 -19.82 -0.21 11.03
N TRP B 92 -18.62 -0.77 10.92
CA TRP B 92 -18.43 -1.86 9.97
C TRP B 92 -19.03 -3.16 10.49
N ASP B 93 -19.11 -3.32 11.81
CA ASP B 93 -19.94 -4.39 12.37
C ASP B 93 -21.38 -4.25 11.92
N LEU B 94 -21.88 -3.00 11.90
CA LEU B 94 -23.28 -2.78 11.53
C LEU B 94 -23.51 -3.02 10.04
N PHE B 95 -22.76 -2.32 9.18
CA PHE B 95 -23.11 -2.26 7.77
C PHE B 95 -22.66 -3.46 6.95
N ARG B 96 -21.95 -4.43 7.55
CA ARG B 96 -21.78 -5.70 6.86
C ARG B 96 -23.07 -6.53 6.86
N SER B 97 -24.05 -6.15 7.66
CA SER B 97 -25.32 -6.85 7.75
C SER B 97 -26.46 -6.13 7.05
N ILE B 98 -26.19 -4.96 6.48
CA ILE B 98 -27.21 -4.16 5.80
C ILE B 98 -27.05 -4.36 4.30
N PRO B 99 -28.07 -4.88 3.61
CA PRO B 99 -27.93 -5.10 2.16
C PRO B 99 -27.70 -3.80 1.41
N SER B 100 -26.79 -3.84 0.45
CA SER B 100 -26.55 -2.68 -0.41
C SER B 100 -27.75 -2.48 -1.35
N LEU B 101 -28.08 -1.22 -1.59
CA LEU B 101 -29.16 -0.87 -2.50
C LEU B 101 -28.67 -0.66 -3.93
N GLU B 102 -27.37 -0.82 -4.18
CA GLU B 102 -26.80 -0.63 -5.51
C GLU B 102 -26.29 -1.90 -6.16
N ILE B 103 -25.82 -2.87 -5.39
CA ILE B 103 -25.20 -4.07 -5.91
C ILE B 103 -25.91 -5.28 -5.33
N ASP B 104 -26.27 -6.23 -6.21
CA ASP B 104 -26.96 -7.43 -5.77
C ASP B 104 -26.03 -8.33 -4.96
N ASN B 105 -26.58 -8.93 -3.91
CA ASN B 105 -25.84 -9.86 -3.04
C ASN B 105 -24.56 -9.23 -2.49
N ALA B 106 -24.71 -8.05 -1.90
CA ALA B 106 -23.58 -7.36 -1.28
C ALA B 106 -24.08 -6.49 -0.15
N SER B 107 -23.26 -6.38 0.89
CA SER B 107 -23.57 -5.48 1.99
C SER B 107 -23.18 -4.05 1.64
N VAL B 108 -23.62 -3.10 2.48
CA VAL B 108 -23.13 -1.74 2.36
C VAL B 108 -21.62 -1.71 2.54
N LEU B 109 -21.10 -2.55 3.43
CA LEU B 109 -19.67 -2.62 3.63
C LEU B 109 -18.95 -3.13 2.38
N ASP B 110 -19.54 -4.12 1.70
CA ASP B 110 -18.91 -4.62 0.47
C ASP B 110 -18.81 -3.51 -0.58
N GLU B 111 -19.92 -2.79 -0.79
CA GLU B 111 -19.92 -1.68 -1.75
C GLU B 111 -18.89 -0.63 -1.38
N PHE B 112 -18.89 -0.21 -0.11
CA PHE B 112 -17.93 0.78 0.37
C PHE B 112 -16.49 0.32 0.16
N TYR B 113 -16.20 -0.91 0.58
CA TYR B 113 -14.86 -1.49 0.49
C TYR B 113 -14.38 -1.52 -0.96
N TRP B 114 -15.16 -2.10 -1.85
CA TRP B 114 -14.75 -2.21 -3.25
C TRP B 114 -14.62 -0.84 -3.89
N LEU B 115 -15.55 0.07 -3.60
CA LEU B 115 -15.50 1.41 -4.20
C LEU B 115 -14.23 2.14 -3.79
N ASN B 116 -13.95 2.19 -2.49
CA ASN B 116 -12.75 2.89 -2.05
C ASN B 116 -11.47 2.12 -2.37
N LYS B 117 -11.56 0.86 -2.78
CA LYS B 117 -10.38 0.20 -3.33
C LYS B 117 -10.16 0.56 -4.79
N GLU B 118 -11.24 0.68 -5.58
CA GLU B 118 -11.10 1.07 -6.98
C GLU B 118 -10.65 2.53 -7.11
N ASP B 119 -11.23 3.42 -6.31
CA ASP B 119 -10.96 4.85 -6.39
C ASP B 119 -10.51 5.32 -5.01
N PRO B 120 -9.24 5.11 -4.66
CA PRO B 120 -8.77 5.51 -3.33
C PRO B 120 -8.74 7.02 -3.18
N ASN B 121 -9.15 7.50 -2.02
CA ASN B 121 -9.21 8.93 -1.75
C ASN B 121 -7.85 9.47 -1.36
N TYR B 122 -7.50 10.62 -1.94
CA TYR B 122 -6.28 11.34 -1.61
C TYR B 122 -6.34 12.72 -2.26
N SER B 123 -5.67 13.68 -1.65
CA SER B 123 -5.69 15.06 -2.12
C SER B 123 -4.40 15.36 -2.86
N ARG B 124 -4.53 15.91 -4.07
CA ARG B 124 -3.39 16.45 -4.81
C ARG B 124 -3.13 17.92 -4.49
N CYS B 125 -3.95 18.51 -3.63
CA CYS B 125 -3.79 19.92 -3.22
C CYS B 125 -4.62 20.12 -1.97
N ARG B 126 -3.95 20.43 -0.85
CA ARG B 126 -4.61 20.47 0.45
C ARG B 126 -4.86 21.89 0.95
N VAL B 127 -3.90 22.80 0.76
CA VAL B 127 -4.03 24.17 1.25
C VAL B 127 -3.60 25.11 0.13
N ILE B 128 -4.41 26.14 -0.11
CA ILE B 128 -4.07 27.19 -1.07
C ILE B 128 -4.07 28.53 -0.35
N GLU B 129 -3.56 29.54 -1.04
CA GLU B 129 -3.46 30.89 -0.51
C GLU B 129 -3.16 31.83 -1.67
N LYS B 130 -3.26 33.13 -1.39
CA LYS B 130 -3.01 34.18 -2.38
C LYS B 130 -3.86 33.94 -3.64
N GLN B 131 -5.14 33.64 -3.41
CA GLN B 131 -6.13 33.46 -4.47
C GLN B 131 -5.74 32.33 -5.42
N GLY B 132 -5.66 31.13 -4.85
CA GLY B 132 -5.55 29.91 -5.64
C GLY B 132 -4.16 29.37 -5.88
N GLN B 133 -3.16 29.81 -5.12
CA GLN B 133 -1.81 29.25 -5.22
C GLN B 133 -1.59 28.25 -4.10
N ARG B 134 -1.03 27.09 -4.44
CA ARG B 134 -0.80 26.05 -3.46
C ARG B 134 0.27 26.50 -2.45
N LEU B 135 -0.03 26.31 -1.17
CA LEU B 135 0.93 26.62 -0.11
C LEU B 135 2.26 25.93 -0.39
N ALA B 136 3.36 26.69 -0.25
CA ALA B 136 4.67 26.16 -0.59
C ALA B 136 5.04 24.96 0.27
N THR B 137 4.66 25.00 1.55
CA THR B 137 4.98 23.94 2.50
C THR B 137 3.88 22.90 2.61
N ASP B 138 2.91 22.88 1.69
CA ASP B 138 1.80 21.94 1.76
C ASP B 138 2.32 20.50 1.77
N GLY B 139 1.99 19.77 2.83
CA GLY B 139 2.47 18.41 3.00
C GLY B 139 3.23 18.23 4.30
N ASP B 140 4.04 19.22 4.67
CA ASP B 140 4.81 19.15 5.90
C ASP B 140 3.98 19.65 7.09
N PHE B 141 4.36 19.20 8.28
CA PHE B 141 3.67 19.60 9.49
C PHE B 141 4.19 20.92 10.04
N THR B 142 5.49 21.21 9.85
CA THR B 142 6.12 22.43 10.31
C THR B 142 5.90 22.64 11.81
N LEU B 143 6.08 21.57 12.58
CA LEU B 143 5.99 21.62 14.03
C LEU B 143 7.39 21.74 14.61
N THR B 144 7.58 22.70 15.51
CA THR B 144 8.83 22.80 16.24
C THR B 144 8.89 21.71 17.31
N LYS B 145 10.04 21.61 17.98
CA LYS B 145 10.16 20.65 19.07
C LYS B 145 9.18 20.96 20.20
N THR B 146 8.97 22.26 20.46
CA THR B 146 8.09 22.66 21.56
C THR B 146 6.65 22.27 21.28
N ALA B 147 6.16 22.53 20.07
CA ALA B 147 4.79 22.19 19.72
C ALA B 147 4.56 20.69 19.77
N ILE B 148 5.53 19.91 19.27
CA ILE B 148 5.47 18.46 19.40
C ILE B 148 5.33 18.07 20.87
N LYS B 149 6.26 18.54 21.71
CA LYS B 149 6.22 18.29 23.14
C LYS B 149 4.83 18.59 23.71
N GLU B 150 4.21 19.68 23.26
CA GLU B 150 2.89 20.05 23.78
C GLU B 150 1.82 19.06 23.34
N ILE B 151 1.90 18.56 22.11
CA ILE B 151 1.01 17.48 21.67
C ILE B 151 1.15 16.27 22.59
N LEU B 152 2.39 15.82 22.83
CA LEU B 152 2.59 14.68 23.71
C LEU B 152 2.11 14.94 25.13
N ASP B 153 2.27 16.16 25.63
CA ASP B 153 1.83 16.47 26.98
C ASP B 153 0.30 16.45 27.08
N LEU B 154 -0.37 16.96 26.06
CA LEU B 154 -1.82 16.83 26.03
C LEU B 154 -2.23 15.37 26.04
N CYS B 155 -1.55 14.53 25.24
CA CYS B 155 -1.87 13.11 25.24
C CYS B 155 -1.63 12.47 26.62
N LEU B 156 -0.53 12.84 27.27
CA LEU B 156 -0.17 12.29 28.58
C LEU B 156 -0.99 12.87 29.71
N THR B 157 -1.76 13.93 29.47
CA THR B 157 -2.63 14.48 30.49
C THR B 157 -3.86 13.60 30.65
N ASN B 158 -4.18 13.24 31.89
CA ASN B 158 -5.39 12.46 32.15
C ASN B 158 -6.61 13.26 31.73
N GLU B 159 -7.62 12.55 31.20
CA GLU B 159 -8.86 13.21 30.80
C GLU B 159 -9.55 13.84 32.00
N GLU B 160 -9.37 13.27 33.19
CA GLU B 160 -9.97 13.82 34.40
C GLU B 160 -9.44 15.21 34.71
N ASP B 161 -8.24 15.54 34.24
CA ASP B 161 -7.62 16.84 34.49
C ASP B 161 -7.93 17.86 33.40
N LEU B 162 -8.78 17.52 32.43
CA LEU B 162 -9.06 18.40 31.30
C LEU B 162 -10.51 18.88 31.27
N ASP B 163 -11.15 18.96 32.43
CA ASP B 163 -12.52 19.44 32.50
C ASP B 163 -12.58 20.93 32.18
N ASP B 164 -13.35 21.28 31.16
CA ASP B 164 -13.61 22.66 30.72
C ASP B 164 -12.36 23.36 30.19
N VAL B 165 -11.28 22.65 29.90
CA VAL B 165 -10.04 23.26 29.45
C VAL B 165 -10.12 23.54 27.96
N LYS B 166 -9.67 24.73 27.57
CA LYS B 166 -9.68 25.15 26.17
C LYS B 166 -8.45 24.62 25.43
N ILE B 167 -8.55 24.63 24.10
CA ILE B 167 -7.41 24.22 23.28
C ILE B 167 -6.27 25.22 23.42
N THR B 168 -6.59 26.52 23.44
CA THR B 168 -5.57 27.54 23.66
C THR B 168 -4.92 27.45 25.04
N ASP B 169 -5.49 26.68 25.96
CA ASP B 169 -4.93 26.53 27.29
C ASP B 169 -3.87 25.44 27.38
N VAL B 170 -3.63 24.69 26.30
CA VAL B 170 -2.70 23.58 26.33
C VAL B 170 -1.75 23.62 25.15
N PHE B 171 -1.81 24.70 24.37
CA PHE B 171 -0.94 24.87 23.21
C PHE B 171 -0.48 26.32 23.14
N SER B 172 0.74 26.52 22.64
CA SER B 172 1.34 27.84 22.54
C SER B 172 1.51 28.23 21.06
N ASP B 173 2.25 29.33 20.84
CA ASP B 173 2.28 29.96 19.53
C ASP B 173 2.89 29.05 18.46
N ASP B 174 3.94 28.31 18.82
CA ASP B 174 4.60 27.44 17.84
C ASP B 174 3.62 26.46 17.23
N PHE B 175 2.72 25.90 18.04
CA PHE B 175 1.72 24.97 17.52
C PHE B 175 0.75 25.68 16.59
N PHE B 176 0.18 26.80 17.05
CA PHE B 176 -0.84 27.48 16.27
C PHE B 176 -0.31 28.11 15.00
N ASN B 177 1.01 28.22 14.84
CA ASN B 177 1.61 28.68 13.60
C ASN B 177 2.04 27.54 12.70
N SER B 178 1.79 26.29 13.10
CA SER B 178 2.22 25.14 12.31
C SER B 178 1.20 24.79 11.25
N ASN B 179 1.67 24.13 10.19
CA ASN B 179 0.76 23.57 9.19
C ASN B 179 -0.09 22.46 9.79
N PHE B 180 0.42 21.80 10.83
CA PHE B 180 -0.37 20.77 11.52
C PHE B 180 -1.68 21.36 12.02
N TRP B 181 -1.64 22.59 12.55
CA TRP B 181 -2.87 23.22 13.02
C TRP B 181 -3.80 23.55 11.86
N ILE B 182 -3.23 23.98 10.73
CA ILE B 182 -4.05 24.25 9.54
C ILE B 182 -4.80 23.00 9.11
N TYR B 183 -4.08 21.87 9.00
CA TYR B 183 -4.72 20.61 8.62
C TYR B 183 -5.76 20.20 9.66
N TRP B 184 -5.36 20.20 10.93
CA TRP B 184 -6.19 19.67 12.01
C TRP B 184 -7.48 20.46 12.16
N LYS B 185 -7.36 21.76 12.47
CA LYS B 185 -8.54 22.55 12.81
C LYS B 185 -9.56 22.59 11.67
N THR B 186 -9.11 22.50 10.42
CA THR B 186 -10.04 22.58 9.30
C THR B 186 -10.64 21.22 8.98
N MET B 187 -9.84 20.15 9.01
CA MET B 187 -10.39 18.84 8.69
C MET B 187 -11.35 18.33 9.76
N PHE B 188 -11.30 18.88 10.97
CA PHE B 188 -12.14 18.43 12.07
C PHE B 188 -13.08 19.50 12.59
N ALA B 189 -13.05 20.72 12.04
CA ALA B 189 -13.89 21.82 12.48
C ALA B 189 -13.64 22.14 13.96
N PHE B 190 -12.37 22.29 14.31
CA PHE B 190 -11.96 22.65 15.66
C PHE B 190 -11.76 24.16 15.76
N GLU B 191 -12.34 24.77 16.79
CA GLU B 191 -12.09 26.17 17.08
C GLU B 191 -11.11 26.30 18.23
N PRO B 192 -10.32 27.39 18.28
CA PRO B 192 -9.31 27.51 19.34
C PRO B 192 -9.88 27.50 20.75
N TRP B 193 -11.16 27.81 20.92
CA TRP B 193 -11.77 27.78 22.25
C TRP B 193 -12.46 26.45 22.55
N HIS B 194 -12.35 25.46 21.67
CA HIS B 194 -13.05 24.20 21.84
C HIS B 194 -12.36 23.33 22.88
N SER B 195 -13.00 22.20 23.18
CA SER B 195 -12.54 21.32 24.26
C SER B 195 -11.17 20.73 23.94
N ALA B 196 -10.20 20.96 24.83
CA ALA B 196 -8.90 20.32 24.70
C ALA B 196 -9.00 18.83 24.98
N MET B 197 -9.95 18.42 25.83
CA MET B 197 -10.16 17.01 26.10
C MET B 197 -10.57 16.26 24.84
N GLU B 198 -11.46 16.85 24.04
CA GLU B 198 -11.87 16.22 22.79
C GLU B 198 -10.75 16.19 21.77
N MET B 199 -9.90 17.22 21.76
CA MET B 199 -8.76 17.18 20.86
C MET B 199 -7.76 16.11 21.27
N ARG B 200 -7.57 15.91 22.58
CA ARG B 200 -6.72 14.81 23.04
C ARG B 200 -7.30 13.48 22.58
N ARG B 201 -8.61 13.31 22.75
CA ARG B 201 -9.27 12.10 22.27
C ARG B 201 -9.04 11.90 20.78
N TYR B 202 -9.11 12.99 20.01
CA TYR B 202 -8.88 12.90 18.56
C TYR B 202 -7.44 12.50 18.25
N LEU B 203 -6.48 13.04 19.00
CA LEU B 203 -5.08 12.70 18.78
C LEU B 203 -4.81 11.23 19.07
N MET B 204 -5.40 10.71 20.15
CA MET B 204 -5.20 9.30 20.46
C MET B 204 -6.01 8.38 19.54
N ARG B 205 -7.11 8.86 18.98
CA ARG B 205 -8.02 7.99 18.25
C ARG B 205 -7.48 7.67 16.85
N PHE B 206 -6.91 8.67 16.18
CA PHE B 206 -6.46 8.53 14.79
C PHE B 206 -4.95 8.59 14.66
N VAL B 207 -4.22 8.17 15.69
CA VAL B 207 -2.76 8.24 15.66
C VAL B 207 -2.19 7.33 14.58
N HIS B 208 -2.91 6.24 14.25
CA HIS B 208 -2.43 5.33 13.22
C HIS B 208 -2.53 5.93 11.82
N HIS B 209 -3.27 7.03 11.65
CA HIS B 209 -3.47 7.65 10.35
C HIS B 209 -2.70 8.96 10.19
N ILE B 210 -1.70 9.20 11.06
CA ILE B 210 -0.98 10.48 11.02
C ILE B 210 -0.23 10.65 9.72
N SER B 211 0.24 9.54 9.11
CA SER B 211 0.92 9.62 7.83
C SER B 211 -0.02 10.01 6.69
N GLY B 212 -1.33 10.09 6.95
CA GLY B 212 -2.28 10.50 5.93
C GLY B 212 -3.17 11.64 6.38
N VAL B 213 -2.65 12.47 7.29
CA VAL B 213 -3.40 13.64 7.74
C VAL B 213 -3.30 14.77 6.72
N ALA B 214 -2.17 14.89 6.04
CA ALA B 214 -1.97 16.03 5.15
C ALA B 214 -2.56 15.80 3.77
N ASP B 215 -2.49 14.57 3.25
CA ASP B 215 -2.99 14.27 1.92
C ASP B 215 -4.34 13.56 1.92
N PHE B 216 -4.97 13.41 3.09
CA PHE B 216 -6.28 12.78 3.22
C PHE B 216 -6.28 11.34 2.71
N SER B 217 -5.13 10.68 2.66
CA SER B 217 -5.06 9.33 2.13
C SER B 217 -5.68 8.29 3.05
N ALA B 218 -6.05 8.67 4.27
CA ALA B 218 -6.72 7.77 5.19
C ALA B 218 -8.24 7.84 5.09
N LEU B 219 -8.77 8.82 4.36
CA LEU B 219 -10.21 9.02 4.30
C LEU B 219 -10.85 8.08 3.28
N LYS B 220 -12.07 7.66 3.60
CA LYS B 220 -12.89 6.85 2.70
C LYS B 220 -14.29 7.45 2.68
N PHE B 221 -14.93 7.40 1.51
CA PHE B 221 -16.21 8.06 1.31
C PHE B 221 -17.22 7.10 0.70
N THR B 222 -18.49 7.41 0.93
CA THR B 222 -19.57 6.69 0.29
C THR B 222 -19.70 7.11 -1.17
N LYS B 223 -20.39 6.29 -1.95
CA LYS B 223 -20.62 6.61 -3.35
C LYS B 223 -21.42 7.89 -3.50
N TYR B 224 -22.54 8.00 -2.78
CA TYR B 224 -23.42 9.16 -2.84
C TYR B 224 -23.40 9.87 -1.49
N ASN B 225 -24.28 10.85 -1.34
CA ASN B 225 -24.44 11.50 -0.05
C ASN B 225 -24.93 10.51 0.99
N GLN B 226 -24.77 10.88 2.26
CA GLN B 226 -24.93 9.91 3.34
C GLN B 226 -26.37 9.46 3.53
N TYR B 227 -27.36 10.25 3.12
CA TYR B 227 -28.73 9.78 3.22
C TYR B 227 -29.01 8.67 2.21
N GLU B 228 -28.46 8.79 1.00
CA GLU B 228 -28.68 7.76 -0.01
C GLU B 228 -27.86 6.50 0.29
N SER B 229 -26.61 6.66 0.73
CA SER B 229 -25.70 5.55 0.88
C SER B 229 -25.78 4.87 2.24
N LEU B 230 -26.20 5.58 3.28
CA LEU B 230 -26.25 5.01 4.63
C LEU B 230 -27.65 4.91 5.19
N VAL B 231 -28.42 5.99 5.14
CA VAL B 231 -29.72 6.01 5.82
C VAL B 231 -30.72 5.11 5.10
N LEU B 232 -30.80 5.22 3.78
CA LEU B 232 -31.80 4.48 3.02
C LEU B 232 -31.59 2.97 3.05
N PRO B 233 -30.35 2.46 2.95
CA PRO B 233 -30.17 1.01 3.15
C PRO B 233 -30.62 0.54 4.52
N MET B 234 -30.29 1.29 5.57
CA MET B 234 -30.75 0.95 6.91
C MET B 234 -32.27 0.94 6.97
N VAL B 235 -32.91 1.93 6.34
CA VAL B 235 -34.36 2.04 6.41
C VAL B 235 -35.03 0.90 5.65
N GLU B 236 -34.48 0.54 4.49
CA GLU B 236 -35.01 -0.60 3.74
C GLU B 236 -34.88 -1.89 4.56
N TYR B 237 -33.70 -2.10 5.15
CA TYR B 237 -33.49 -3.28 5.98
C TYR B 237 -34.47 -3.32 7.15
N LEU B 238 -34.70 -2.17 7.79
CA LEU B 238 -35.60 -2.14 8.94
C LEU B 238 -37.06 -2.36 8.53
N LYS B 239 -37.47 -1.74 7.43
CA LYS B 239 -38.85 -1.92 6.96
C LYS B 239 -39.10 -3.36 6.55
N SER B 240 -38.09 -4.02 5.96
CA SER B 240 -38.24 -5.42 5.60
C SER B 240 -38.49 -6.31 6.81
N HIS B 241 -38.20 -5.83 8.02
CA HIS B 241 -38.47 -6.56 9.24
C HIS B 241 -39.70 -6.06 9.97
N GLY B 242 -40.43 -5.11 9.40
CA GLY B 242 -41.66 -4.62 10.01
C GLY B 242 -41.47 -3.56 11.06
N VAL B 243 -40.36 -2.82 11.03
CA VAL B 243 -40.14 -1.76 12.01
C VAL B 243 -41.13 -0.63 11.78
N GLN B 244 -41.78 -0.20 12.87
CA GLN B 244 -42.78 0.87 12.80
C GLN B 244 -42.09 2.22 12.67
N PHE B 245 -42.45 2.97 11.63
CA PHE B 245 -41.95 4.32 11.41
C PHE B 245 -43.12 5.29 11.60
N GLU B 246 -43.02 6.15 12.61
CA GLU B 246 -44.05 7.14 12.91
C GLU B 246 -43.43 8.52 12.76
N TYR B 247 -43.87 9.27 11.76
CA TYR B 247 -43.26 10.54 11.40
C TYR B 247 -44.09 11.72 11.90
N ASP B 248 -43.44 12.89 11.95
CA ASP B 248 -44.07 14.15 12.35
C ASP B 248 -44.70 14.04 13.74
N VAL B 249 -43.97 13.42 14.67
CA VAL B 249 -44.32 13.42 16.09
C VAL B 249 -43.11 13.93 16.85
N LYS B 250 -43.36 14.84 17.79
CA LYS B 250 -42.31 15.53 18.53
C LYS B 250 -42.39 15.14 20.00
N VAL B 251 -41.30 14.59 20.53
CA VAL B 251 -41.25 14.24 21.95
C VAL B 251 -40.90 15.50 22.75
N GLU B 252 -41.72 15.82 23.75
CA GLU B 252 -41.46 16.98 24.59
C GLU B 252 -40.88 16.60 25.95
N ASP B 253 -41.23 15.44 26.48
CA ASP B 253 -40.70 14.98 27.76
C ASP B 253 -40.87 13.48 27.85
N ILE B 254 -40.06 12.87 28.73
CA ILE B 254 -40.20 11.47 29.10
C ILE B 254 -40.12 11.39 30.61
N LYS B 255 -41.22 10.97 31.24
CA LYS B 255 -41.26 10.87 32.69
C LYS B 255 -40.47 9.64 33.15
N ILE B 256 -39.50 9.88 34.04
CA ILE B 256 -38.60 8.83 34.51
C ILE B 256 -38.65 8.81 36.03
N ASP B 257 -39.16 7.72 36.60
CA ASP B 257 -39.06 7.51 38.03
C ASP B 257 -37.60 7.21 38.39
N VAL B 258 -37.02 8.08 39.20
CA VAL B 258 -35.68 7.90 39.74
C VAL B 258 -35.81 7.45 41.18
N THR B 259 -35.47 6.19 41.45
CA THR B 259 -35.46 5.64 42.79
C THR B 259 -34.05 5.20 43.16
N THR B 260 -33.89 4.80 44.42
CA THR B 260 -32.58 4.38 44.91
C THR B 260 -32.06 3.13 44.20
N SER B 261 -32.96 2.32 43.64
CA SER B 261 -32.58 1.06 43.03
C SER B 261 -32.74 1.02 41.51
N GLN B 262 -33.63 1.84 40.94
CA GLN B 262 -33.89 1.80 39.51
C GLN B 262 -34.17 3.19 38.97
N LYS B 263 -33.95 3.36 37.67
CA LYS B 263 -34.40 4.51 36.89
C LYS B 263 -35.24 3.98 35.75
N ILE B 264 -36.55 4.27 35.76
CA ILE B 264 -37.48 3.65 34.84
C ILE B 264 -38.26 4.72 34.09
N ALA B 265 -38.25 4.64 32.76
CA ALA B 265 -39.06 5.51 31.94
C ALA B 265 -40.50 5.02 31.97
N ARG B 266 -41.43 5.90 32.36
CA ARG B 266 -42.83 5.54 32.55
C ARG B 266 -43.73 6.01 31.43
N GLU B 267 -43.40 7.14 30.78
CA GLU B 267 -44.35 7.80 29.90
C GLU B 267 -43.61 8.70 28.94
N ILE B 268 -43.91 8.59 27.65
CA ILE B 268 -43.41 9.51 26.64
C ILE B 268 -44.53 10.49 26.31
N LEU B 269 -44.26 11.78 26.53
CA LEU B 269 -45.23 12.83 26.25
C LEU B 269 -44.89 13.41 24.87
N ILE B 270 -45.78 13.16 23.90
CA ILE B 270 -45.50 13.48 22.51
C ILE B 270 -46.58 14.41 21.97
N ASP B 271 -46.25 15.03 20.83
CA ASP B 271 -47.13 15.93 20.09
C ASP B 271 -47.09 15.40 18.66
N ARG B 272 -48.14 14.67 18.27
CA ARG B 272 -48.29 14.22 16.89
C ARG B 272 -49.45 14.98 16.27
N ASN B 273 -49.17 15.66 15.15
CA ASN B 273 -50.16 16.50 14.46
C ASN B 273 -50.74 17.55 15.40
N GLY B 274 -49.85 18.34 15.99
CA GLY B 274 -50.25 19.45 16.85
C GLY B 274 -51.16 19.07 18.00
N ASN B 275 -51.16 17.79 18.37
CA ASN B 275 -52.10 17.25 19.34
C ASN B 275 -51.33 16.63 20.50
N ALA B 276 -51.84 16.84 21.72
CA ALA B 276 -51.19 16.31 22.91
C ALA B 276 -51.52 14.84 23.08
N GLU B 277 -50.50 14.00 23.25
CA GLU B 277 -50.66 12.57 23.37
C GLU B 277 -49.82 12.06 24.53
N SER B 278 -49.83 10.74 24.71
CA SER B 278 -49.07 10.09 25.77
C SER B 278 -48.90 8.62 25.43
N ILE B 279 -47.66 8.13 25.52
CA ILE B 279 -47.35 6.71 25.36
C ILE B 279 -46.93 6.18 26.72
N LYS B 280 -47.64 5.16 27.21
CA LYS B 280 -47.37 4.58 28.51
C LYS B 280 -46.36 3.44 28.40
N LEU B 281 -45.46 3.37 29.36
CA LEU B 281 -44.32 2.45 29.30
C LEU B 281 -44.27 1.57 30.54
N THR B 282 -43.86 0.32 30.33
CA THR B 282 -43.47 -0.59 31.40
C THR B 282 -41.96 -0.76 31.38
N ILE B 283 -41.46 -1.55 32.33
CA ILE B 283 -40.01 -1.79 32.41
C ILE B 283 -39.50 -2.51 31.17
N ASN B 284 -40.36 -3.25 30.47
CA ASN B 284 -39.97 -4.01 29.30
C ASN B 284 -40.06 -3.21 28.00
N ASP B 285 -40.32 -1.92 28.09
CA ASP B 285 -40.35 -1.04 26.93
C ASP B 285 -39.12 -0.15 26.99
N LEU B 286 -38.10 -0.48 26.19
CA LEU B 286 -36.88 0.29 26.14
C LEU B 286 -37.09 1.59 25.38
N VAL B 287 -36.45 2.66 25.83
CA VAL B 287 -36.47 3.95 25.15
C VAL B 287 -35.03 4.36 24.87
N PHE B 288 -34.79 4.85 23.66
CA PHE B 288 -33.48 5.34 23.25
C PHE B 288 -33.62 6.81 22.90
N VAL B 289 -32.83 7.65 23.56
CA VAL B 289 -32.93 9.10 23.41
C VAL B 289 -31.64 9.60 22.75
N THR B 290 -31.79 10.31 21.64
CA THR B 290 -30.67 10.98 20.99
C THR B 290 -30.63 12.41 21.51
N ASN B 291 -30.10 12.56 22.72
CA ASN B 291 -30.11 13.84 23.41
C ASN B 291 -29.26 14.86 22.64
N GLY B 292 -29.89 15.96 22.24
CA GLY B 292 -29.19 17.02 21.53
C GLY B 292 -29.13 16.78 20.03
N SER B 293 -28.79 17.84 19.31
CA SER B 293 -28.72 17.80 17.86
C SER B 293 -27.87 18.96 17.36
N ILE B 294 -26.98 18.68 16.42
CA ILE B 294 -26.17 19.75 15.83
C ILE B 294 -26.94 20.47 14.73
N THR B 295 -27.91 19.80 14.11
CA THR B 295 -28.65 20.36 12.99
C THR B 295 -29.96 21.00 13.40
N GLU B 296 -30.32 20.94 14.67
CA GLU B 296 -31.58 21.51 15.13
C GLU B 296 -31.58 23.03 14.94
N SER B 297 -32.76 23.56 14.62
CA SER B 297 -32.98 24.99 14.41
C SER B 297 -32.18 25.53 13.24
N SER B 298 -31.78 24.67 12.31
CA SER B 298 -31.09 25.12 11.11
C SER B 298 -32.05 25.90 10.22
N THR B 299 -31.56 27.03 9.69
CA THR B 299 -32.32 27.84 8.76
C THR B 299 -31.62 27.84 7.40
N TYR B 300 -32.39 28.16 6.37
CA TYR B 300 -31.90 28.08 5.00
C TYR B 300 -32.14 29.39 4.28
N GLY B 301 -31.22 29.72 3.37
CA GLY B 301 -31.42 30.81 2.45
C GLY B 301 -31.43 30.30 1.03
N ASP B 302 -31.06 31.14 0.07
CA ASP B 302 -30.93 30.71 -1.31
C ASP B 302 -29.84 31.53 -1.97
N ASN B 303 -29.86 31.60 -3.31
CA ASN B 303 -28.84 32.34 -4.04
C ASN B 303 -28.88 33.84 -3.74
N ASP B 304 -30.00 34.35 -3.24
CA ASP B 304 -30.18 35.78 -3.04
C ASP B 304 -30.57 36.17 -1.62
N THR B 305 -30.63 35.21 -0.69
CA THR B 305 -31.07 35.48 0.67
C THR B 305 -30.16 34.76 1.65
N PRO B 306 -29.61 35.47 2.63
CA PRO B 306 -28.82 34.80 3.68
C PRO B 306 -29.69 33.89 4.52
N ALA B 307 -29.06 32.90 5.12
CA ALA B 307 -29.75 32.05 6.07
C ALA B 307 -29.95 32.83 7.37
N PRO B 308 -31.18 33.08 7.80
CA PRO B 308 -31.41 33.94 8.97
C PRO B 308 -30.80 33.34 10.22
N PRO B 309 -29.91 34.06 10.90
CA PRO B 309 -29.35 33.55 12.16
C PRO B 309 -30.44 33.33 13.20
N THR B 310 -30.17 32.43 14.14
CA THR B 310 -31.17 32.05 15.13
C THR B 310 -30.49 31.44 16.35
N ASP B 311 -31.15 31.56 17.50
CA ASP B 311 -30.70 30.95 18.74
C ASP B 311 -31.78 30.05 19.35
N GLU B 312 -32.78 29.66 18.55
CA GLU B 312 -33.92 28.94 19.08
C GLU B 312 -33.54 27.51 19.45
N LEU B 313 -33.95 27.08 20.65
CA LEU B 313 -33.88 25.68 21.03
C LEU B 313 -35.10 24.96 20.46
N GLY B 314 -34.86 23.96 19.63
CA GLY B 314 -35.94 23.18 19.07
C GLY B 314 -36.39 22.07 20.00
N GLY B 315 -36.91 21.00 19.40
CA GLY B 315 -37.44 19.91 20.19
C GLY B 315 -36.38 19.11 20.91
N SER B 316 -35.23 18.89 20.26
CA SER B 316 -34.21 18.02 20.83
C SER B 316 -33.57 18.63 22.07
N TRP B 317 -33.18 19.90 21.98
CA TRP B 317 -32.54 20.54 23.12
C TRP B 317 -33.53 20.75 24.26
N THR B 318 -34.77 21.09 23.95
CA THR B 318 -35.79 21.22 24.99
C THR B 318 -36.06 19.87 25.65
N LEU B 319 -36.03 18.79 24.87
CA LEU B 319 -36.23 17.47 25.46
C LEU B 319 -35.08 17.08 26.37
N TRP B 320 -33.85 17.35 25.95
CA TRP B 320 -32.71 17.07 26.83
C TRP B 320 -32.76 17.94 28.09
N LYS B 321 -33.21 19.19 27.96
CA LYS B 321 -33.37 20.04 29.12
C LYS B 321 -34.43 19.48 30.07
N ASN B 322 -35.54 18.99 29.52
CA ASN B 322 -36.59 18.40 30.35
C ASN B 322 -36.12 17.13 31.04
N LEU B 323 -35.26 16.36 30.38
CA LEU B 323 -34.74 15.14 31.01
C LEU B 323 -33.72 15.48 32.09
N ALA B 324 -32.81 16.41 31.82
CA ALA B 324 -31.80 16.79 32.80
C ALA B 324 -32.39 17.39 34.06
N ARG B 325 -33.62 17.92 33.97
CA ARG B 325 -34.32 18.37 35.17
C ARG B 325 -34.61 17.23 36.13
N GLN B 326 -34.87 16.03 35.59
CA GLN B 326 -35.31 14.91 36.40
C GLN B 326 -34.19 14.23 37.16
N SER B 327 -32.93 14.44 36.77
CA SER B 327 -31.79 13.83 37.44
C SER B 327 -30.48 14.47 36.98
N PRO B 328 -29.58 14.80 37.90
CA PRO B 328 -28.28 15.35 37.48
C PRO B 328 -27.44 14.35 36.71
N GLU B 329 -27.77 13.06 36.75
CA GLU B 329 -27.05 12.04 36.00
C GLU B 329 -27.38 12.07 34.52
N PHE B 330 -28.33 12.91 34.09
CA PHE B 330 -28.77 12.95 32.71
C PHE B 330 -28.05 13.99 31.87
N GLY B 331 -27.01 14.62 32.42
CA GLY B 331 -26.15 15.50 31.66
C GLY B 331 -26.52 16.97 31.83
N ASN B 332 -25.68 17.82 31.24
CA ASN B 332 -25.81 19.28 31.33
C ASN B 332 -25.86 19.84 29.92
N PRO B 333 -27.05 19.93 29.32
CA PRO B 333 -27.13 20.40 27.92
C PRO B 333 -26.68 21.85 27.74
N ASP B 334 -26.79 22.68 28.79
CA ASP B 334 -26.47 24.09 28.65
C ASP B 334 -25.02 24.30 28.22
N LYS B 335 -24.11 23.40 28.63
CA LYS B 335 -22.71 23.53 28.26
C LYS B 335 -22.48 23.33 26.76
N PHE B 336 -23.47 22.84 26.02
CA PHE B 336 -23.32 22.58 24.60
C PHE B 336 -24.20 23.45 23.71
N CYS B 337 -25.41 23.83 24.18
CA CYS B 337 -26.33 24.59 23.35
C CYS B 337 -26.42 26.07 23.71
N GLN B 338 -26.01 26.46 24.92
CA GLN B 338 -25.81 27.87 25.25
C GLN B 338 -24.33 28.19 25.13
N ASN B 339 -23.97 29.43 25.43
CA ASN B 339 -22.59 29.89 25.57
C ASN B 339 -21.84 29.96 24.24
N ILE B 340 -22.47 29.64 23.11
CA ILE B 340 -21.77 29.47 21.84
C ILE B 340 -21.24 30.81 21.34
N PRO B 341 -19.92 30.96 21.16
CA PRO B 341 -19.38 32.24 20.72
C PRO B 341 -19.88 32.63 19.33
N LYS B 342 -20.16 33.92 19.15
CA LYS B 342 -20.64 34.44 17.87
C LYS B 342 -19.60 34.28 16.77
N LYS B 343 -18.34 34.00 17.11
CA LYS B 343 -17.30 33.74 16.13
C LYS B 343 -17.33 32.31 15.60
N SER B 344 -18.09 31.42 16.24
CA SER B 344 -18.07 30.01 15.89
C SER B 344 -18.61 29.78 14.48
N TRP B 345 -18.18 28.67 13.89
CA TRP B 345 -18.74 28.23 12.62
C TRP B 345 -20.25 28.11 12.71
N PHE B 346 -20.94 28.77 11.80
CA PHE B 346 -22.40 28.79 11.76
C PHE B 346 -22.95 28.42 10.40
N VAL B 347 -22.31 28.88 9.33
CA VAL B 347 -22.86 28.84 7.98
C VAL B 347 -22.06 27.84 7.14
N SER B 348 -22.78 27.00 6.42
CA SER B 348 -22.18 26.19 5.37
C SER B 348 -23.04 26.30 4.11
N ALA B 349 -22.38 26.32 2.96
CA ALA B 349 -23.04 26.53 1.69
C ALA B 349 -22.82 25.35 0.76
N THR B 350 -23.78 25.12 -0.12
CA THR B 350 -23.64 24.15 -1.21
C THR B 350 -23.83 24.91 -2.51
N SER B 351 -22.77 25.01 -3.31
CA SER B 351 -22.78 25.75 -4.55
C SER B 351 -22.77 24.78 -5.72
N THR B 352 -23.83 24.77 -6.51
CA THR B 352 -24.00 23.86 -7.64
C THR B 352 -23.83 24.63 -8.94
N THR B 353 -23.12 24.02 -9.88
CA THR B 353 -22.92 24.67 -11.18
C THR B 353 -22.58 23.64 -12.24
N ASN B 354 -22.88 24.00 -13.49
CA ASN B 354 -22.36 23.30 -14.65
C ASN B 354 -21.46 24.18 -15.49
N ASN B 355 -21.16 25.40 -15.03
CA ASN B 355 -20.36 26.34 -15.81
C ASN B 355 -18.95 25.80 -16.00
N LYS B 356 -18.51 25.74 -17.26
CA LYS B 356 -17.22 25.12 -17.56
C LYS B 356 -16.04 25.94 -17.05
N GLU B 357 -16.21 27.26 -16.89
CA GLU B 357 -15.11 28.08 -16.39
C GLU B 357 -14.84 27.79 -14.92
N ILE B 358 -15.89 27.73 -14.10
CA ILE B 358 -15.74 27.38 -12.70
C ILE B 358 -15.15 25.98 -12.55
N ILE B 359 -15.66 25.03 -13.34
CA ILE B 359 -15.19 23.66 -13.26
C ILE B 359 -13.73 23.56 -13.68
N ASP B 360 -13.32 24.36 -14.67
CA ASP B 360 -11.93 24.31 -15.11
C ASP B 360 -11.00 24.97 -14.10
N THR B 361 -11.46 26.02 -13.44
CA THR B 361 -10.70 26.58 -12.32
C THR B 361 -10.48 25.53 -11.23
N ILE B 362 -11.56 24.85 -10.83
CA ILE B 362 -11.46 23.81 -9.83
C ILE B 362 -10.51 22.71 -10.28
N GLU B 363 -10.57 22.33 -11.56
CA GLU B 363 -9.71 21.29 -12.09
C GLU B 363 -8.25 21.71 -12.07
N SER B 364 -7.98 22.97 -12.44
CA SER B 364 -6.61 23.48 -12.36
C SER B 364 -6.08 23.52 -10.94
N ILE B 365 -6.97 23.62 -9.95
CA ILE B 365 -6.49 23.58 -8.57
C ILE B 365 -6.28 22.14 -8.10
N CYS B 366 -7.30 21.30 -8.20
CA CYS B 366 -7.28 19.96 -7.61
C CYS B 366 -6.62 18.92 -8.50
N LYS B 367 -6.21 19.28 -9.72
CA LYS B 367 -5.52 18.43 -10.69
C LYS B 367 -6.39 17.32 -11.26
N ARG B 368 -7.67 17.23 -10.88
CA ARG B 368 -8.55 16.17 -11.35
C ARG B 368 -9.79 16.75 -11.98
N ASP B 369 -10.37 15.99 -12.90
CA ASP B 369 -11.60 16.40 -13.57
C ASP B 369 -12.77 16.29 -12.59
N PRO B 370 -13.43 17.40 -12.25
CA PRO B 370 -14.53 17.30 -11.27
C PRO B 370 -15.76 16.57 -11.79
N LEU B 371 -15.89 16.40 -13.10
CA LEU B 371 -17.04 15.72 -13.69
C LEU B 371 -16.77 14.25 -14.00
N ALA B 372 -15.60 13.74 -13.65
CA ALA B 372 -15.22 12.39 -14.04
C ALA B 372 -15.94 11.30 -13.24
N GLY B 373 -16.51 11.64 -12.08
CA GLY B 373 -17.14 10.65 -11.25
C GLY B 373 -16.22 9.99 -10.24
N LYS B 374 -14.93 10.31 -10.25
CA LYS B 374 -13.98 9.81 -9.27
C LYS B 374 -13.67 10.92 -8.27
N THR B 375 -12.63 10.70 -7.47
CA THR B 375 -12.20 11.71 -6.50
C THR B 375 -11.90 13.03 -7.20
N VAL B 376 -12.26 14.13 -6.54
CA VAL B 376 -12.05 15.46 -7.10
C VAL B 376 -10.99 16.19 -6.29
N THR B 377 -11.36 16.65 -5.09
CA THR B 377 -10.42 17.29 -4.19
C THR B 377 -9.90 16.35 -3.11
N GLY B 378 -10.54 15.19 -2.91
CA GLY B 378 -10.07 14.25 -1.91
C GLY B 378 -10.31 14.69 -0.48
N GLY B 379 -11.18 15.68 -0.28
CA GLY B 379 -11.35 16.34 0.99
C GLY B 379 -11.31 17.84 0.81
N ILE B 380 -11.40 18.55 1.94
CA ILE B 380 -11.48 20.00 1.89
C ILE B 380 -10.14 20.58 1.43
N ILE B 381 -10.22 21.60 0.59
CA ILE B 381 -9.09 22.49 0.31
C ILE B 381 -9.26 23.72 1.20
N THR B 382 -8.21 24.05 1.95
CA THR B 382 -8.27 25.16 2.90
C THR B 382 -7.58 26.38 2.28
N ILE B 383 -8.30 27.50 2.24
CA ILE B 383 -7.75 28.77 1.82
C ILE B 383 -7.16 29.42 3.07
N ASN B 384 -5.84 29.31 3.22
CA ASN B 384 -5.19 29.67 4.48
C ASN B 384 -5.34 31.15 4.79
N ASP B 385 -5.08 32.02 3.79
CA ASP B 385 -5.12 33.46 4.00
C ASP B 385 -6.51 34.05 3.80
N SER B 386 -7.56 33.27 4.03
CA SER B 386 -8.93 33.77 3.90
C SER B 386 -9.42 34.25 5.26
N ALA B 387 -10.00 35.45 5.28
CA ALA B 387 -10.42 36.05 6.55
C ALA B 387 -11.49 35.22 7.24
N TRP B 388 -12.36 34.56 6.47
CA TRP B 388 -13.37 33.68 7.03
C TRP B 388 -12.81 32.36 7.52
N GLN B 389 -11.55 32.06 7.20
CA GLN B 389 -10.99 30.72 7.36
C GLN B 389 -11.89 29.69 6.69
N MET B 390 -12.01 29.83 5.38
CA MET B 390 -12.95 29.07 4.57
C MET B 390 -12.28 27.82 4.00
N SER B 391 -13.04 26.73 4.00
CA SER B 391 -12.65 25.51 3.32
C SER B 391 -13.79 25.05 2.42
N PHE B 392 -13.46 24.17 1.47
CA PHE B 392 -14.45 23.67 0.53
C PHE B 392 -13.97 22.33 -0.02
N THR B 393 -14.93 21.46 -0.30
CA THR B 393 -14.64 20.14 -0.84
C THR B 393 -15.61 19.81 -1.97
N ILE B 394 -15.18 18.89 -2.82
CA ILE B 394 -16.03 18.33 -3.87
C ILE B 394 -15.81 16.82 -3.83
N ASN B 395 -16.80 16.08 -3.36
CA ASN B 395 -16.71 14.62 -3.29
C ASN B 395 -16.84 14.05 -4.69
N ARG B 396 -16.93 12.72 -4.79
CA ARG B 396 -17.25 12.08 -6.06
C ARG B 396 -18.58 12.60 -6.57
N GLN B 397 -18.59 13.07 -7.81
CA GLN B 397 -19.78 13.66 -8.41
C GLN B 397 -20.50 12.65 -9.27
N GLN B 398 -21.83 12.67 -9.23
CA GLN B 398 -22.63 13.58 -8.42
C GLN B 398 -23.03 12.93 -7.11
N GLN B 399 -23.17 13.73 -6.05
CA GLN B 399 -23.53 13.23 -4.74
C GLN B 399 -25.01 12.95 -4.58
N PHE B 400 -25.83 13.25 -5.59
CA PHE B 400 -27.26 13.00 -5.56
C PHE B 400 -27.66 12.18 -6.77
N LYS B 401 -28.57 11.23 -6.56
CA LYS B 401 -28.94 10.32 -7.64
C LYS B 401 -29.66 11.04 -8.77
N ASP B 402 -30.42 12.09 -8.46
CA ASP B 402 -31.21 12.81 -9.44
C ASP B 402 -30.53 14.05 -9.99
N GLN B 403 -29.22 14.20 -9.76
CA GLN B 403 -28.56 15.41 -10.24
C GLN B 403 -28.09 15.21 -11.69
N PRO B 404 -28.21 16.25 -12.52
CA PRO B 404 -27.71 16.16 -13.89
C PRO B 404 -26.23 15.78 -13.92
N GLU B 405 -25.87 14.95 -14.90
CA GLU B 405 -24.51 14.43 -15.00
C GLU B 405 -23.49 15.50 -15.39
N ASN B 406 -23.93 16.71 -15.74
CA ASN B 406 -23.02 17.78 -16.13
C ASN B 406 -22.82 18.81 -15.04
N GLU B 407 -23.31 18.55 -13.82
CA GLU B 407 -23.21 19.48 -12.71
C GLU B 407 -22.28 18.96 -11.63
N ILE B 408 -21.76 19.89 -10.84
CA ILE B 408 -21.03 19.58 -9.62
C ILE B 408 -21.61 20.43 -8.49
N SER B 409 -21.37 19.96 -7.26
CA SER B 409 -21.80 20.65 -6.05
C SER B 409 -20.61 20.72 -5.09
N THR B 410 -20.24 21.95 -4.72
CA THR B 410 -19.12 22.22 -3.83
C THR B 410 -19.65 22.56 -2.45
N TRP B 411 -19.12 21.88 -1.43
CA TRP B 411 -19.49 22.16 -0.04
C TRP B 411 -18.48 23.13 0.57
N ILE B 412 -18.97 24.28 1.02
CA ILE B 412 -18.13 25.34 1.57
C ILE B 412 -18.52 25.56 3.03
N TYR B 413 -17.53 25.88 3.86
CA TYR B 413 -17.82 26.31 5.22
C TYR B 413 -16.73 27.26 5.68
N ALA B 414 -17.04 28.03 6.73
CA ALA B 414 -16.15 29.06 7.25
C ALA B 414 -16.07 28.94 8.75
N LEU B 415 -14.84 29.01 9.29
CA LEU B 415 -14.64 28.83 10.72
C LEU B 415 -14.94 30.10 11.50
N TYR B 416 -14.77 31.27 10.89
CA TYR B 416 -14.98 32.55 11.56
C TYR B 416 -16.23 33.21 10.98
N SER B 417 -17.20 33.49 11.85
CA SER B 417 -18.51 33.98 11.41
C SER B 417 -18.72 35.47 11.65
N ASP B 418 -17.81 36.15 12.34
CA ASP B 418 -17.98 37.56 12.68
C ASP B 418 -16.90 38.43 12.04
N VAL B 419 -16.36 38.01 10.90
CA VAL B 419 -15.25 38.69 10.25
C VAL B 419 -15.63 39.02 8.82
N ASN B 420 -15.27 40.22 8.37
CA ASN B 420 -15.52 40.63 7.00
C ASN B 420 -14.69 39.78 6.05
N GLY B 421 -15.30 39.42 4.92
CA GLY B 421 -14.59 38.69 3.90
C GLY B 421 -13.54 39.54 3.21
N ASP B 422 -12.75 38.88 2.36
CA ASP B 422 -11.71 39.57 1.61
C ASP B 422 -12.23 40.20 0.33
N TYR B 423 -13.29 39.64 -0.26
CA TYR B 423 -13.92 40.17 -1.46
C TYR B 423 -15.32 40.72 -1.17
N ILE B 424 -16.16 39.95 -0.49
CA ILE B 424 -17.42 40.44 0.05
C ILE B 424 -17.15 40.86 1.48
N LYS B 425 -16.97 42.17 1.70
CA LYS B 425 -16.52 42.69 2.99
C LYS B 425 -17.66 42.70 4.01
N LYS B 426 -18.22 41.52 4.23
CA LYS B 426 -19.30 41.30 5.18
C LYS B 426 -19.02 40.02 5.94
N PRO B 427 -19.59 39.87 7.14
CA PRO B 427 -19.56 38.56 7.80
C PRO B 427 -20.36 37.54 7.01
N ILE B 428 -19.99 36.27 7.18
CA ILE B 428 -20.66 35.21 6.42
C ILE B 428 -22.13 35.11 6.82
N THR B 429 -22.46 35.48 8.06
CA THR B 429 -23.85 35.42 8.51
C THR B 429 -24.72 36.48 7.84
N GLU B 430 -24.15 37.40 7.07
CA GLU B 430 -24.90 38.42 6.36
C GLU B 430 -24.87 38.22 4.85
N CYS B 431 -24.30 37.13 4.37
CA CYS B 431 -24.11 36.92 2.94
C CYS B 431 -25.17 36.00 2.37
N SER B 432 -25.64 36.33 1.17
CA SER B 432 -26.49 35.43 0.41
C SER B 432 -25.66 34.26 -0.10
N GLY B 433 -26.32 33.35 -0.81
CA GLY B 433 -25.60 32.24 -1.41
C GLY B 433 -24.59 32.70 -2.44
N ASN B 434 -25.01 33.63 -3.32
CA ASN B 434 -24.10 34.11 -4.35
C ASN B 434 -22.95 34.95 -3.78
N GLU B 435 -23.14 35.58 -2.62
CA GLU B 435 -22.03 36.32 -2.02
C GLU B 435 -20.97 35.38 -1.46
N ILE B 436 -21.40 34.30 -0.79
CA ILE B 436 -20.45 33.28 -0.36
C ILE B 436 -19.74 32.67 -1.56
N CYS B 437 -20.49 32.37 -2.61
CA CYS B 437 -19.89 31.86 -3.83
C CYS B 437 -18.90 32.87 -4.42
N GLN B 438 -19.19 34.16 -4.30
CA GLN B 438 -18.29 35.19 -4.81
C GLN B 438 -16.98 35.19 -4.05
N GLU B 439 -17.05 35.16 -2.72
CA GLU B 439 -15.83 35.09 -1.91
C GLU B 439 -15.02 33.84 -2.26
N TRP B 440 -15.71 32.70 -2.41
CA TRP B 440 -15.03 31.46 -2.75
C TRP B 440 -14.34 31.55 -4.11
N LEU B 441 -15.03 32.08 -5.11
CA LEU B 441 -14.45 32.23 -6.44
C LEU B 441 -13.27 33.20 -6.41
N TYR B 442 -13.36 34.28 -5.63
CA TYR B 442 -12.23 35.18 -5.49
C TYR B 442 -11.02 34.46 -4.92
N HIS B 443 -11.24 33.60 -3.93
CA HIS B 443 -10.13 32.84 -3.36
C HIS B 443 -9.67 31.69 -4.24
N LEU B 444 -10.44 31.35 -5.28
CA LEU B 444 -9.97 30.37 -6.27
C LEU B 444 -9.05 30.96 -7.31
N GLY B 445 -8.99 32.28 -7.44
CA GLY B 445 -8.19 32.91 -8.47
C GLY B 445 -8.95 33.35 -9.70
N VAL B 446 -10.29 33.29 -9.69
CA VAL B 446 -11.07 33.79 -10.80
C VAL B 446 -10.83 35.29 -10.95
N SER B 447 -10.76 35.74 -12.19
CA SER B 447 -10.59 37.17 -12.46
C SER B 447 -11.78 37.94 -11.93
N THR B 448 -11.49 39.08 -11.29
CA THR B 448 -12.53 39.86 -10.60
C THR B 448 -13.68 40.22 -11.54
N ASP B 449 -13.40 40.39 -12.83
CA ASP B 449 -14.42 40.81 -13.78
C ASP B 449 -15.58 39.84 -13.86
N LYS B 450 -15.33 38.55 -13.62
CA LYS B 450 -16.32 37.51 -13.89
C LYS B 450 -16.98 36.92 -12.64
N ILE B 451 -16.55 37.34 -11.44
CA ILE B 451 -16.97 36.67 -10.22
C ILE B 451 -18.47 36.84 -9.99
N GLU B 452 -18.96 38.07 -10.16
CA GLU B 452 -20.37 38.35 -9.93
C GLU B 452 -21.25 37.53 -10.87
N ASP B 453 -20.90 37.50 -12.16
CA ASP B 453 -21.70 36.74 -13.11
C ASP B 453 -21.65 35.24 -12.82
N LEU B 454 -20.47 34.72 -12.51
CA LEU B 454 -20.35 33.28 -12.30
C LEU B 454 -21.03 32.83 -11.02
N ALA B 455 -21.13 33.72 -10.02
CA ALA B 455 -21.82 33.34 -8.79
C ALA B 455 -23.32 33.57 -8.85
N LYS B 456 -23.77 34.66 -9.49
CA LYS B 456 -25.19 34.98 -9.51
C LYS B 456 -25.94 34.21 -10.58
N HIS B 457 -25.44 34.24 -11.81
CA HIS B 457 -26.14 33.67 -12.96
C HIS B 457 -25.73 32.24 -13.28
N ALA B 458 -24.47 31.87 -13.04
CA ALA B 458 -23.97 30.57 -13.45
C ALA B 458 -23.96 29.53 -12.33
N SER B 459 -24.25 29.93 -11.09
CA SER B 459 -24.24 29.00 -9.96
C SER B 459 -25.47 29.21 -9.10
N ASN B 460 -25.86 28.16 -8.39
CA ASN B 460 -26.94 28.22 -7.39
C ASN B 460 -26.35 27.77 -6.07
N THR B 461 -26.24 28.68 -5.11
CA THR B 461 -25.61 28.41 -3.83
C THR B 461 -26.65 28.54 -2.73
N ILE B 462 -26.84 27.46 -1.98
CA ILE B 462 -27.78 27.43 -0.86
C ILE B 462 -26.97 27.55 0.42
N PRO B 463 -27.16 28.61 1.21
CA PRO B 463 -26.52 28.69 2.53
C PRO B 463 -27.41 28.12 3.62
N VAL B 464 -26.75 27.65 4.68
CA VAL B 464 -27.42 27.02 5.82
C VAL B 464 -26.78 27.55 7.10
N TYR B 465 -27.62 28.05 8.01
CA TYR B 465 -27.20 28.53 9.32
C TYR B 465 -27.60 27.48 10.36
N MET B 466 -26.60 26.86 10.98
CA MET B 466 -26.84 25.88 12.04
C MET B 466 -26.27 26.42 13.35
N PRO B 467 -27.11 26.80 14.33
CA PRO B 467 -26.58 27.40 15.56
C PRO B 467 -25.79 26.44 16.43
N TYR B 468 -25.95 25.12 16.26
CA TYR B 468 -25.33 24.13 17.12
C TYR B 468 -24.37 23.21 16.38
N ILE B 469 -23.81 23.69 15.26
CA ILE B 469 -22.96 22.83 14.46
C ILE B 469 -21.61 22.61 15.12
N THR B 470 -21.17 23.51 16.01
CA THR B 470 -19.96 23.31 16.78
C THR B 470 -20.24 22.79 18.20
N SER B 471 -21.46 22.32 18.46
CA SER B 471 -21.86 21.96 19.82
C SER B 471 -21.13 20.72 20.32
N TYR B 472 -20.68 19.84 19.41
CA TYR B 472 -19.98 18.64 19.84
C TYR B 472 -18.69 18.98 20.59
N PHE B 473 -18.00 20.03 20.17
CA PHE B 473 -16.67 20.34 20.65
C PHE B 473 -16.66 21.43 21.72
N MET B 474 -17.82 21.80 22.25
CA MET B 474 -17.87 22.76 23.34
C MET B 474 -17.14 22.20 24.55
N THR B 475 -16.42 23.08 25.27
CA THR B 475 -15.68 22.65 26.45
C THR B 475 -16.63 22.02 27.46
N ARG B 476 -16.25 20.84 27.96
CA ARG B 476 -17.13 20.03 28.79
C ARG B 476 -16.34 19.47 29.96
N ALA B 477 -17.08 19.07 30.99
CA ALA B 477 -16.52 18.41 32.15
C ALA B 477 -17.12 17.01 32.26
N ILE B 478 -16.42 16.14 33.00
CA ILE B 478 -16.90 14.78 33.20
C ILE B 478 -18.26 14.84 33.88
N GLY B 479 -19.28 14.27 33.22
CA GLY B 479 -20.64 14.29 33.70
C GLY B 479 -21.58 15.14 32.88
N ASP B 480 -21.06 16.02 32.02
CA ASP B 480 -21.93 16.84 31.19
C ASP B 480 -22.67 16.00 30.15
N ARG B 481 -22.10 14.86 29.78
CA ARG B 481 -22.77 13.93 28.88
C ARG B 481 -23.21 12.70 29.67
N PRO B 482 -24.45 12.27 29.51
CA PRO B 482 -24.91 11.09 30.25
C PRO B 482 -24.30 9.81 29.69
N LEU B 483 -24.07 8.85 30.58
CA LEU B 483 -23.66 7.53 30.13
C LEU B 483 -24.72 6.95 29.20
N VAL B 484 -24.26 6.13 28.25
CA VAL B 484 -25.16 5.53 27.27
C VAL B 484 -26.33 4.86 27.97
N VAL B 485 -26.03 4.04 28.97
CA VAL B 485 -27.02 3.54 29.91
C VAL B 485 -26.68 4.11 31.28
N PRO B 486 -27.43 5.09 31.79
CA PRO B 486 -27.09 5.67 33.09
C PRO B 486 -27.14 4.64 34.20
N HIS B 487 -26.55 5.03 35.34
CA HIS B 487 -26.46 4.14 36.48
C HIS B 487 -27.85 3.76 36.97
N GLN B 488 -28.11 2.46 37.04
CA GLN B 488 -29.37 1.85 37.47
C GLN B 488 -30.51 2.00 36.47
N SER B 489 -30.22 2.43 35.25
CA SER B 489 -31.27 2.56 34.25
C SER B 489 -31.73 1.19 33.78
N GLN B 490 -33.04 1.00 33.69
CA GLN B 490 -33.62 -0.28 33.31
C GLN B 490 -34.13 -0.31 31.88
N ASN B 491 -34.67 0.79 31.38
CA ASN B 491 -35.21 0.80 30.03
C ASN B 491 -34.95 2.12 29.30
N LEU B 492 -34.01 2.92 29.78
CA LEU B 492 -33.69 4.21 29.18
C LEU B 492 -32.22 4.25 28.82
N ALA B 493 -31.93 4.57 27.56
CA ALA B 493 -30.56 4.69 27.08
C ALA B 493 -30.40 6.00 26.34
N PHE B 494 -29.18 6.53 26.37
CA PHE B 494 -28.81 7.72 25.63
C PHE B 494 -27.83 7.33 24.53
N ILE B 495 -28.09 7.81 23.31
CA ILE B 495 -27.27 7.51 22.15
C ILE B 495 -26.98 8.80 21.40
N GLY B 496 -26.07 8.71 20.45
CA GLY B 496 -25.62 9.87 19.69
C GLY B 496 -24.31 10.42 20.23
N ASN B 497 -23.89 11.53 19.64
CA ASN B 497 -22.61 12.14 19.96
C ASN B 497 -22.70 13.11 21.14
N PHE B 498 -23.75 13.03 21.94
CA PHE B 498 -23.83 13.75 23.20
C PHE B 498 -23.95 12.80 24.38
N ALA B 499 -23.74 11.50 24.17
CA ALA B 499 -23.69 10.51 25.22
C ALA B 499 -22.24 10.19 25.55
N GLU B 500 -22.02 9.54 26.68
CA GLU B 500 -20.68 9.29 27.20
C GLU B 500 -20.25 7.86 26.96
N THR B 501 -19.10 7.69 26.32
CA THR B 501 -18.41 6.41 26.23
C THR B 501 -16.91 6.69 26.15
N GLU B 502 -16.11 5.67 26.44
CA GLU B 502 -14.69 5.87 26.65
C GLU B 502 -13.93 6.05 25.33
N ARG B 503 -12.95 6.95 25.35
CA ARG B 503 -11.90 7.06 24.32
C ARG B 503 -12.39 7.54 22.96
N ASP B 504 -13.61 7.16 22.55
CA ASP B 504 -14.04 7.45 21.19
C ASP B 504 -14.32 8.95 21.00
N THR B 505 -14.34 9.36 19.74
CA THR B 505 -14.42 10.76 19.36
C THR B 505 -15.79 11.08 18.78
N VAL B 506 -16.33 12.23 19.18
CA VAL B 506 -17.62 12.69 18.65
C VAL B 506 -17.37 13.39 17.32
N PHE B 507 -18.45 13.86 16.69
CA PHE B 507 -18.44 14.36 15.32
C PHE B 507 -18.04 13.29 14.31
N THR B 508 -18.18 12.02 14.69
CA THR B 508 -17.95 10.89 13.81
C THR B 508 -19.17 9.99 13.83
N THR B 509 -19.51 9.43 12.67
CA THR B 509 -20.64 8.50 12.61
C THR B 509 -20.37 7.23 13.41
N GLU B 510 -19.10 6.86 13.53
CA GLU B 510 -18.75 5.71 14.35
C GLU B 510 -19.20 5.89 15.79
N TYR B 511 -19.17 7.13 16.31
CA TYR B 511 -19.64 7.36 17.67
C TYR B 511 -21.13 7.09 17.79
N SER B 512 -21.91 7.50 16.81
CA SER B 512 -23.34 7.19 16.79
C SER B 512 -23.56 5.68 16.81
N VAL B 513 -22.89 4.96 15.91
CA VAL B 513 -23.10 3.51 15.83
C VAL B 513 -22.63 2.84 17.12
N ARG B 514 -21.52 3.32 17.70
CA ARG B 514 -20.99 2.71 18.91
C ARG B 514 -21.94 2.90 20.08
N THR B 515 -22.46 4.12 20.26
CA THR B 515 -23.41 4.37 21.33
C THR B 515 -24.68 3.55 21.15
N ALA B 516 -25.13 3.39 19.89
CA ALA B 516 -26.31 2.56 19.65
C ALA B 516 -26.05 1.10 20.02
N MET B 517 -24.89 0.57 19.60
CA MET B 517 -24.52 -0.80 19.94
C MET B 517 -24.46 -0.99 21.45
N GLU B 518 -23.77 -0.09 22.14
CA GLU B 518 -23.62 -0.23 23.58
C GLU B 518 -24.97 -0.12 24.28
N ALA B 519 -25.83 0.77 23.81
CA ALA B 519 -27.17 0.90 24.38
C ALA B 519 -27.95 -0.40 24.24
N VAL B 520 -28.07 -0.92 23.03
CA VAL B 520 -28.85 -2.13 22.81
C VAL B 520 -28.25 -3.29 23.60
N TYR B 521 -26.93 -3.45 23.54
CA TYR B 521 -26.28 -4.59 24.17
C TYR B 521 -26.43 -4.55 25.68
N GLN B 522 -26.24 -3.37 26.29
CA GLN B 522 -26.35 -3.26 27.74
C GLN B 522 -27.80 -3.42 28.18
N LEU B 523 -28.73 -2.72 27.52
CA LEU B 523 -30.12 -2.76 27.94
C LEU B 523 -30.72 -4.15 27.78
N LEU B 524 -30.29 -4.89 26.75
CA LEU B 524 -30.82 -6.23 26.52
C LEU B 524 -29.89 -7.34 26.99
N ASN B 525 -28.73 -6.98 27.57
CA ASN B 525 -27.77 -7.96 28.08
C ASN B 525 -27.35 -8.95 26.98
N ILE B 526 -26.95 -8.41 25.84
CA ILE B 526 -26.55 -9.23 24.71
C ILE B 526 -25.16 -9.80 24.98
N ASP B 527 -25.02 -11.11 24.82
CA ASP B 527 -23.82 -11.84 25.25
C ASP B 527 -22.81 -11.88 24.10
N ARG B 528 -22.26 -10.71 23.80
CA ARG B 528 -21.24 -10.59 22.77
C ARG B 528 -20.43 -9.34 23.04
N GLY B 529 -19.13 -9.41 22.82
CA GLY B 529 -18.26 -8.28 23.08
C GLY B 529 -18.50 -7.15 22.10
N ILE B 530 -18.42 -5.92 22.61
CA ILE B 530 -18.41 -4.73 21.79
C ILE B 530 -16.96 -4.49 21.35
N PRO B 531 -16.71 -4.19 20.08
CA PRO B 531 -15.33 -3.88 19.68
C PRO B 531 -14.85 -2.60 20.36
N GLU B 532 -13.71 -2.70 21.03
CA GLU B 532 -13.13 -1.52 21.67
C GLU B 532 -12.70 -0.51 20.62
N VAL B 533 -12.53 0.74 21.07
CA VAL B 533 -11.90 1.73 20.21
C VAL B 533 -10.51 1.23 19.85
N ILE B 534 -10.16 1.35 18.57
CA ILE B 534 -8.96 0.70 18.05
C ILE B 534 -7.76 1.07 18.91
N ASN B 535 -6.85 0.10 19.09
CA ASN B 535 -5.80 0.18 20.08
C ASN B 535 -4.53 0.85 19.57
N SER B 536 -4.63 1.64 18.50
CA SER B 536 -3.46 2.29 17.94
C SER B 536 -2.63 3.10 18.94
N PRO B 537 -3.22 3.88 19.87
CA PRO B 537 -2.37 4.63 20.81
C PRO B 537 -1.56 3.76 21.77
N PHE B 538 -1.86 2.46 21.86
CA PHE B 538 -1.08 1.55 22.68
C PHE B 538 -0.12 0.68 21.87
N ASP B 539 -0.16 0.77 20.54
CA ASP B 539 0.70 -0.04 19.69
C ASP B 539 2.07 0.64 19.58
N LEU B 540 3.12 -0.08 19.98
CA LEU B 540 4.48 0.47 19.90
C LEU B 540 4.82 0.90 18.47
N ARG B 541 4.44 0.09 17.49
CA ARG B 541 4.73 0.41 16.09
C ARG B 541 4.04 1.72 15.69
N VAL B 542 2.79 1.90 16.11
CA VAL B 542 2.05 3.09 15.75
C VAL B 542 2.66 4.33 16.40
N LEU B 543 3.11 4.21 17.65
CA LEU B 543 3.74 5.34 18.31
C LEU B 543 5.08 5.69 17.66
N MET B 544 5.82 4.67 17.21
CA MET B 544 7.05 4.93 16.48
C MET B 544 6.77 5.69 15.18
N ASP B 545 5.75 5.26 14.44
CA ASP B 545 5.37 5.95 13.22
C ASP B 545 4.92 7.39 13.53
N ALA B 546 4.24 7.59 14.65
CA ALA B 546 3.81 8.93 15.03
C ALA B 546 5.01 9.83 15.27
N ILE B 547 6.02 9.32 15.99
CA ILE B 547 7.24 10.09 16.19
C ILE B 547 7.88 10.44 14.85
N TYR B 548 7.95 9.46 13.95
CA TYR B 548 8.58 9.72 12.65
C TYR B 548 7.83 10.79 11.86
N GLU B 549 6.50 10.74 11.88
CA GLU B 549 5.72 11.66 11.05
C GLU B 549 5.67 13.07 11.63
N LEU B 550 5.53 13.19 12.96
CA LEU B 550 5.42 14.53 13.55
C LEU B 550 6.67 15.36 13.30
N ASN B 551 7.84 14.73 13.35
CA ASN B 551 9.10 15.40 13.10
C ASN B 551 9.43 15.51 11.61
N ASP B 552 8.43 15.41 10.74
CA ASP B 552 8.58 15.55 9.29
C ASP B 552 9.68 14.63 8.75
N HIS B 553 9.52 13.35 9.03
CA HIS B 553 10.36 12.29 8.46
C HIS B 553 11.83 12.48 8.84
N GLN B 554 12.08 12.60 10.13
CA GLN B 554 13.43 12.72 10.68
C GLN B 554 13.68 11.54 11.61
N ASP B 555 14.84 10.90 11.47
CA ASP B 555 15.21 9.84 12.38
C ASP B 555 15.75 10.45 13.68
N LEU B 556 16.09 9.59 14.64
CA LEU B 556 16.48 10.07 15.97
C LEU B 556 17.72 10.95 15.89
N ARG B 557 18.67 10.61 15.02
CA ARG B 557 19.86 11.43 14.83
C ARG B 557 19.49 12.87 14.48
N GLU B 558 18.72 13.04 13.39
CA GLU B 558 18.36 14.39 12.93
C GLU B 558 17.51 15.12 13.95
N ILE B 559 16.67 14.41 14.71
CA ILE B 559 15.84 15.06 15.71
C ILE B 559 16.70 15.63 16.84
N THR B 560 17.56 14.80 17.43
CA THR B 560 18.40 15.25 18.53
C THR B 560 19.67 15.97 18.04
N LYS B 561 19.75 16.27 16.73
CA LYS B 561 20.92 16.95 16.17
C LYS B 561 21.31 18.22 16.93
N ASP B 562 20.35 18.94 17.50
CA ASP B 562 20.65 20.23 18.13
C ASP B 562 20.38 20.24 19.63
N SER B 563 20.44 19.08 20.27
CA SER B 563 20.19 19.01 21.70
C SER B 563 21.09 17.93 22.27
N LYS B 564 22.17 18.35 22.95
CA LYS B 564 23.14 17.40 23.48
C LYS B 564 22.65 16.74 24.77
N MET B 565 21.80 17.43 25.54
CA MET B 565 21.19 16.81 26.72
C MET B 565 20.45 15.53 26.33
N GLN B 566 19.86 15.50 25.13
CA GLN B 566 19.26 14.28 24.61
C GLN B 566 20.17 13.54 23.64
N LYS B 567 21.16 14.20 23.04
CA LYS B 567 22.10 13.49 22.16
C LYS B 567 22.95 12.50 22.95
N LEU B 568 23.38 12.88 24.15
CA LEU B 568 24.15 11.96 24.98
C LEU B 568 23.27 10.80 25.45
N ALA B 569 22.07 11.11 25.92
CA ALA B 569 21.13 10.06 26.33
C ALA B 569 20.82 9.13 25.17
N LEU B 570 20.74 9.67 23.94
CA LEU B 570 20.45 8.86 22.77
C LEU B 570 21.63 7.97 22.39
N ALA B 571 22.86 8.51 22.46
CA ALA B 571 24.03 7.67 22.22
C ALA B 571 24.09 6.51 23.23
N GLY B 572 23.83 6.81 24.51
CA GLY B 572 23.82 5.77 25.52
C GLY B 572 22.73 4.74 25.27
N PHE B 573 21.51 5.21 25.01
CA PHE B 573 20.39 4.31 24.72
C PHE B 573 20.68 3.44 23.51
N LEU B 574 21.22 4.03 22.45
CA LEU B 574 21.64 3.27 21.27
C LEU B 574 22.60 2.16 21.66
N LYS B 575 23.73 2.53 22.26
CA LYS B 575 24.70 1.51 22.69
C LYS B 575 24.05 0.44 23.56
N LYS B 576 23.01 0.80 24.31
CA LYS B 576 22.29 -0.21 25.10
C LYS B 576 21.43 -1.11 24.22
N ILE B 577 21.00 -0.64 23.04
CA ILE B 577 20.08 -1.41 22.22
C ILE B 577 20.73 -1.85 20.90
N LYS B 578 22.04 -1.74 20.76
CA LYS B 578 22.68 -2.18 19.52
C LYS B 578 22.53 -3.69 19.34
N GLY B 579 22.18 -4.10 18.12
CA GLY B 579 21.99 -5.49 17.81
C GLY B 579 20.74 -6.12 18.38
N THR B 580 19.85 -5.32 18.97
CA THR B 580 18.66 -5.79 19.63
C THR B 580 17.46 -5.73 18.67
N TYR B 581 16.48 -6.60 18.92
CA TYR B 581 15.19 -6.50 18.23
C TYR B 581 14.61 -5.10 18.29
N ILE B 582 14.92 -4.35 19.36
CA ILE B 582 14.47 -2.97 19.49
C ILE B 582 15.11 -2.10 18.41
N GLU B 583 16.41 -2.28 18.19
CA GLU B 583 17.09 -1.54 17.13
C GLU B 583 16.50 -1.88 15.76
N SER B 584 16.22 -3.17 15.53
CA SER B 584 15.59 -3.56 14.27
C SER B 584 14.23 -2.91 14.09
N LEU B 585 13.44 -2.86 15.17
CA LEU B 585 12.13 -2.20 15.11
C LEU B 585 12.28 -0.72 14.79
N LEU B 586 13.15 -0.02 15.52
CA LEU B 586 13.39 1.39 15.26
C LEU B 586 13.86 1.61 13.82
N LYS B 587 14.55 0.63 13.23
CA LYS B 587 14.97 0.75 11.84
C LYS B 587 13.79 0.56 10.90
N GLU B 588 12.96 -0.44 11.15
CA GLU B 588 11.80 -0.69 10.29
C GLU B 588 10.89 0.53 10.21
N HIS B 589 10.78 1.29 11.29
CA HIS B 589 9.94 2.48 11.34
C HIS B 589 10.72 3.76 11.06
N LYS B 590 11.86 3.64 10.37
CA LYS B 590 12.62 4.77 9.84
C LYS B 590 13.09 5.75 10.90
N LEU B 591 13.11 5.32 12.17
CA LEU B 591 13.67 6.13 13.24
C LEU B 591 15.16 5.89 13.44
N LEU B 592 15.75 4.94 12.72
CA LEU B 592 17.17 4.65 12.81
C LEU B 592 17.73 4.21 11.46
N HIS C 1 2.28 -10.22 -2.88
CA HIS C 1 0.97 -10.52 -3.47
C HIS C 1 -0.11 -10.59 -2.39
N MET C 2 0.14 -9.93 -1.26
CA MET C 2 -0.78 -9.95 -0.13
C MET C 2 -0.34 -8.89 0.87
N TYR C 3 -1.25 -8.54 1.77
CA TYR C 3 -0.96 -7.59 2.83
C TYR C 3 -1.68 -8.01 4.10
N TYR C 4 -1.12 -7.61 5.23
CA TYR C 4 -1.69 -7.94 6.52
C TYR C 4 -2.58 -6.80 7.02
N SER C 5 -3.51 -7.14 7.90
CA SER C 5 -4.49 -6.17 8.38
C SER C 5 -5.04 -6.65 9.71
N TYR C 6 -5.86 -5.79 10.32
CA TYR C 6 -6.57 -6.12 11.55
C TYR C 6 -7.74 -5.17 11.68
N GLY C 7 -8.78 -5.62 12.37
CA GLY C 7 -9.97 -4.83 12.56
C GLY C 7 -11.16 -5.40 11.80
N ASN C 8 -12.32 -4.83 12.09
CA ASN C 8 -13.56 -5.36 11.54
C ASN C 8 -13.72 -5.05 10.06
N TYR C 9 -13.06 -3.99 9.59
CA TYR C 9 -13.19 -3.57 8.19
C TYR C 9 -12.82 -4.71 7.24
N GLU C 10 -11.59 -5.21 7.36
CA GLU C 10 -11.16 -6.31 6.52
C GLU C 10 -11.72 -7.65 6.97
N ALA C 11 -12.12 -7.78 8.23
CA ALA C 11 -12.69 -9.03 8.71
C ALA C 11 -14.02 -9.32 8.05
N PHE C 12 -14.92 -8.34 8.03
CA PHE C 12 -16.26 -8.56 7.49
C PHE C 12 -16.32 -8.38 5.97
N ALA C 13 -15.38 -7.65 5.38
CA ALA C 13 -15.40 -7.42 3.95
C ALA C 13 -15.16 -8.71 3.18
N ARG C 14 -15.84 -8.82 2.04
CA ARG C 14 -15.65 -9.95 1.13
C ARG C 14 -14.78 -9.53 -0.05
N PRO C 15 -13.88 -10.39 -0.51
CA PRO C 15 -13.04 -10.03 -1.65
C PRO C 15 -13.78 -10.22 -2.97
N LYS C 16 -13.40 -9.41 -3.95
CA LYS C 16 -13.89 -9.62 -5.30
C LYS C 16 -13.42 -10.97 -5.82
N LYS C 17 -14.13 -11.48 -6.82
CA LYS C 17 -13.73 -12.72 -7.46
C LYS C 17 -12.35 -12.56 -8.07
N PRO C 18 -11.38 -13.39 -7.72
CA PRO C 18 -10.01 -13.19 -8.21
C PRO C 18 -9.94 -13.26 -9.74
N GLU C 19 -8.95 -12.55 -10.28
CA GLU C 19 -8.81 -12.46 -11.72
C GLU C 19 -8.36 -13.81 -12.30
N ASN C 20 -9.02 -14.23 -13.37
CA ASN C 20 -8.68 -15.45 -14.11
C ASN C 20 -8.89 -16.73 -13.30
N VAL C 21 -9.69 -16.69 -12.24
CA VAL C 21 -9.85 -17.88 -11.41
C VAL C 21 -10.56 -19.01 -12.14
N GLU C 22 -11.37 -18.69 -13.16
CA GLU C 22 -12.15 -19.72 -13.84
C GLU C 22 -11.28 -20.65 -14.66
N ASN C 23 -10.12 -20.18 -15.11
CA ASN C 23 -9.18 -20.99 -15.88
C ASN C 23 -8.16 -21.71 -15.01
N LYS C 24 -8.44 -21.89 -13.72
CA LYS C 24 -7.49 -22.47 -12.78
C LYS C 24 -8.10 -23.67 -12.07
N SER C 25 -7.21 -24.55 -11.62
CA SER C 25 -7.57 -25.74 -10.86
C SER C 25 -6.62 -25.87 -9.68
N ALA C 26 -6.94 -26.77 -8.75
CA ALA C 26 -6.16 -26.93 -7.53
C ALA C 26 -5.93 -28.40 -7.23
N TYR C 27 -4.74 -28.71 -6.74
CA TYR C 27 -4.38 -30.04 -6.28
C TYR C 27 -3.72 -29.93 -4.92
N LEU C 28 -4.37 -30.48 -3.90
CA LEU C 28 -3.87 -30.43 -2.53
C LEU C 28 -3.30 -31.79 -2.16
N ILE C 29 -2.07 -31.79 -1.67
CA ILE C 29 -1.35 -33.02 -1.33
C ILE C 29 -1.55 -33.28 0.15
N GLY C 30 -2.28 -34.35 0.46
CA GLY C 30 -2.73 -34.61 1.81
C GLY C 30 -4.16 -34.15 2.01
N SER C 31 -4.69 -34.48 3.20
CA SER C 31 -6.05 -34.09 3.53
C SER C 31 -6.17 -33.79 5.03
N GLY C 32 -5.12 -33.21 5.59
CA GLY C 32 -5.15 -32.73 6.96
C GLY C 32 -5.79 -31.35 7.05
N LEU C 33 -5.54 -30.69 8.18
CA LEU C 33 -6.14 -29.39 8.44
C LEU C 33 -5.76 -28.39 7.36
N ALA C 34 -4.48 -28.35 7.00
CA ALA C 34 -3.98 -27.35 6.06
C ALA C 34 -4.64 -27.50 4.70
N SER C 35 -4.66 -28.73 4.16
CA SER C 35 -5.24 -28.94 2.84
C SER C 35 -6.73 -28.65 2.83
N LEU C 36 -7.46 -29.14 3.85
CA LEU C 36 -8.90 -28.92 3.90
C LEU C 36 -9.23 -27.43 4.02
N ALA C 37 -8.48 -26.71 4.86
CA ALA C 37 -8.72 -25.27 5.01
C ALA C 37 -8.35 -24.51 3.75
N ALA C 38 -7.30 -24.94 3.05
CA ALA C 38 -6.96 -24.30 1.78
C ALA C 38 -8.04 -24.52 0.74
N ALA C 39 -8.63 -25.72 0.72
CA ALA C 39 -9.76 -25.98 -0.18
C ALA C 39 -10.95 -25.11 0.18
N CYS C 40 -11.22 -24.94 1.47
CA CYS C 40 -12.30 -24.06 1.90
C CYS C 40 -12.06 -22.62 1.44
N PHE C 41 -10.83 -22.13 1.61
CA PHE C 41 -10.51 -20.77 1.19
C PHE C 41 -10.56 -20.63 -0.33
N LEU C 42 -10.25 -21.71 -1.07
CA LEU C 42 -10.41 -21.69 -2.51
C LEU C 42 -11.88 -21.59 -2.91
N ILE C 43 -12.76 -22.28 -2.18
CA ILE C 43 -14.18 -22.25 -2.50
C ILE C 43 -14.78 -20.88 -2.16
N ARG C 44 -14.56 -20.41 -0.94
CA ARG C 44 -15.27 -19.24 -0.45
C ARG C 44 -14.68 -17.94 -0.99
N ASP C 45 -13.38 -17.71 -0.76
CA ASP C 45 -12.77 -16.45 -1.14
C ASP C 45 -12.20 -16.48 -2.56
N GLY C 46 -11.76 -17.65 -3.04
CA GLY C 46 -11.29 -17.74 -4.40
C GLY C 46 -12.39 -17.93 -5.43
N GLN C 47 -13.56 -18.41 -5.00
CA GLN C 47 -14.71 -18.68 -5.86
C GLN C 47 -14.37 -19.70 -6.95
N MET C 48 -13.33 -20.50 -6.73
CA MET C 48 -12.98 -21.56 -7.66
C MET C 48 -14.03 -22.66 -7.63
N GLU C 49 -14.37 -23.18 -8.81
CA GLU C 49 -15.42 -24.19 -8.89
C GLU C 49 -14.93 -25.49 -8.29
N GLY C 50 -15.78 -26.11 -7.45
CA GLY C 50 -15.34 -27.22 -6.63
C GLY C 50 -14.87 -28.43 -7.41
N SER C 51 -15.35 -28.60 -8.66
CA SER C 51 -14.98 -29.77 -9.44
C SER C 51 -13.50 -29.78 -9.81
N LYS C 52 -12.83 -28.62 -9.79
CA LYS C 52 -11.41 -28.54 -10.12
C LYS C 52 -10.53 -28.51 -8.88
N ILE C 53 -11.08 -28.81 -7.70
CA ILE C 53 -10.32 -28.90 -6.47
C ILE C 53 -10.18 -30.39 -6.15
N HIS C 54 -8.96 -30.90 -6.23
CA HIS C 54 -8.65 -32.32 -6.08
C HIS C 54 -7.83 -32.51 -4.82
N ILE C 55 -8.42 -33.15 -3.82
CA ILE C 55 -7.74 -33.49 -2.57
C ILE C 55 -7.29 -34.94 -2.69
N LEU C 56 -5.97 -35.13 -2.79
CA LEU C 56 -5.37 -36.45 -2.91
C LEU C 56 -4.93 -36.91 -1.52
N GLU C 57 -5.50 -38.02 -1.06
CA GLU C 57 -5.17 -38.60 0.24
C GLU C 57 -4.72 -40.03 0.06
N GLU C 58 -3.64 -40.41 0.76
CA GLU C 58 -3.09 -41.76 0.73
C GLU C 58 -3.79 -42.68 1.72
N LEU C 59 -4.13 -42.17 2.90
CA LEU C 59 -4.78 -42.92 3.97
C LEU C 59 -6.21 -43.27 3.58
N PRO C 60 -6.92 -44.10 4.35
CA PRO C 60 -8.34 -44.35 4.04
C PRO C 60 -9.22 -43.12 4.16
N LYS C 61 -9.07 -42.33 5.22
CA LYS C 61 -9.98 -41.22 5.49
C LYS C 61 -9.18 -39.92 5.66
N ALA C 62 -9.91 -38.84 5.93
CA ALA C 62 -9.37 -37.49 5.94
C ALA C 62 -9.35 -36.92 7.35
N GLY C 63 -8.31 -36.16 7.68
CA GLY C 63 -8.18 -35.55 8.98
C GLY C 63 -6.76 -35.15 9.34
N GLY C 64 -5.81 -36.03 9.06
CA GLY C 64 -4.41 -35.77 9.35
C GLY C 64 -4.04 -35.92 10.81
N SER C 65 -3.78 -34.81 11.49
CA SER C 65 -3.40 -34.80 12.89
C SER C 65 -4.53 -34.31 13.80
N LEU C 66 -5.74 -34.23 13.27
CA LEU C 66 -6.95 -33.98 14.05
C LEU C 66 -7.83 -35.22 13.98
N ASP C 67 -7.41 -36.29 14.65
CA ASP C 67 -8.10 -37.56 14.62
C ASP C 67 -8.91 -37.75 15.90
N GLY C 68 -9.32 -38.98 16.17
CA GLY C 68 -10.18 -39.29 17.30
C GLY C 68 -11.22 -40.32 16.92
N GLU C 69 -10.79 -41.57 16.80
CA GLU C 69 -11.64 -42.65 16.31
C GLU C 69 -11.62 -43.82 17.28
N ASN C 70 -12.59 -44.71 17.11
CA ASN C 70 -12.65 -45.97 17.86
C ASN C 70 -12.04 -47.04 16.97
N MET C 71 -10.71 -47.17 17.04
CA MET C 71 -9.98 -48.16 16.27
C MET C 71 -10.49 -49.54 16.66
N PRO C 72 -11.21 -50.24 15.76
CA PRO C 72 -11.87 -51.49 16.16
C PRO C 72 -10.91 -52.64 16.35
N LEU C 73 -9.65 -52.33 16.68
CA LEU C 73 -8.64 -53.33 16.96
C LEU C 73 -8.32 -53.46 18.44
N LYS C 74 -8.57 -52.42 19.25
CA LYS C 74 -8.36 -52.48 20.69
C LYS C 74 -9.31 -51.54 21.44
N GLY C 75 -9.18 -50.24 21.24
CA GLY C 75 -10.03 -49.32 21.97
C GLY C 75 -9.99 -47.92 21.41
N TYR C 76 -10.55 -46.98 22.19
CA TYR C 76 -10.61 -45.59 21.79
C TYR C 76 -9.22 -44.97 21.76
N VAL C 77 -8.95 -44.15 20.75
CA VAL C 77 -7.68 -43.45 20.64
C VAL C 77 -7.93 -41.98 20.30
N VAL C 78 -7.13 -41.09 20.89
CA VAL C 78 -7.04 -39.70 20.44
C VAL C 78 -5.56 -39.31 20.54
N ARG C 79 -5.00 -38.80 19.44
CA ARG C 79 -3.55 -38.73 19.35
C ARG C 79 -2.97 -37.60 20.16
N GLY C 80 -3.77 -36.58 20.51
CA GLY C 80 -3.27 -35.51 21.33
C GLY C 80 -4.38 -34.80 22.07
N GLY C 81 -4.12 -33.53 22.36
CA GLY C 81 -5.10 -32.59 22.90
C GLY C 81 -4.97 -31.25 22.19
N ARG C 82 -6.01 -30.82 21.49
CA ARG C 82 -5.93 -29.65 20.61
C ARG C 82 -6.45 -28.41 21.34
N GLU C 83 -5.56 -27.76 22.08
CA GLU C 83 -5.91 -26.54 22.79
C GLU C 83 -5.99 -25.36 21.82
N MET C 84 -6.95 -24.48 22.04
CA MET C 84 -7.15 -23.32 21.19
C MET C 84 -7.36 -22.08 22.06
N GLU C 85 -7.34 -20.92 21.42
CA GLU C 85 -7.47 -19.65 22.11
C GLU C 85 -8.26 -18.69 21.24
N ASN C 86 -8.65 -17.56 21.83
CA ASN C 86 -9.54 -16.64 21.14
C ASN C 86 -8.87 -15.94 19.96
N HIS C 87 -7.55 -15.81 19.97
CA HIS C 87 -6.86 -15.04 18.94
C HIS C 87 -6.27 -15.92 17.84
N PHE C 88 -6.92 -17.04 17.55
CA PHE C 88 -6.69 -17.80 16.32
C PHE C 88 -7.43 -17.09 15.18
N GLU C 89 -6.89 -15.94 14.78
CA GLU C 89 -7.60 -15.04 13.89
C GLU C 89 -7.98 -15.71 12.57
N CYS C 90 -7.02 -16.38 11.94
CA CYS C 90 -7.30 -17.03 10.65
C CYS C 90 -8.29 -18.17 10.81
N LEU C 91 -8.10 -19.00 11.85
CA LEU C 91 -8.99 -20.12 12.06
C LEU C 91 -10.43 -19.67 12.29
N TRP C 92 -10.60 -18.56 13.02
CA TRP C 92 -11.96 -18.06 13.27
C TRP C 92 -12.54 -17.39 12.04
N ASP C 93 -11.70 -16.77 11.21
CA ASP C 93 -12.17 -16.34 9.89
C ASP C 93 -12.67 -17.53 9.08
N LEU C 94 -12.02 -18.68 9.23
CA LEU C 94 -12.40 -19.86 8.45
C LEU C 94 -13.70 -20.46 8.94
N PHE C 95 -13.78 -20.81 10.23
CA PHE C 95 -14.87 -21.65 10.72
C PHE C 95 -16.16 -20.91 11.00
N ARG C 96 -16.22 -19.59 10.78
CA ARG C 96 -17.51 -18.91 10.79
C ARG C 96 -18.32 -19.23 9.54
N SER C 97 -17.68 -19.79 8.51
CA SER C 97 -18.34 -20.13 7.26
C SER C 97 -18.62 -21.63 7.13
N ILE C 98 -18.21 -22.43 8.10
CA ILE C 98 -18.41 -23.87 8.07
C ILE C 98 -19.65 -24.19 8.90
N PRO C 99 -20.71 -24.73 8.31
CA PRO C 99 -21.91 -25.06 9.10
C PRO C 99 -21.61 -26.13 10.14
N SER C 100 -22.16 -25.93 11.33
CA SER C 100 -22.04 -26.94 12.37
C SER C 100 -22.81 -28.19 11.97
N LEU C 101 -22.34 -29.34 12.43
CA LEU C 101 -23.04 -30.61 12.27
C LEU C 101 -23.89 -30.96 13.49
N GLU C 102 -23.96 -30.06 14.47
CA GLU C 102 -24.69 -30.27 15.69
C GLU C 102 -25.88 -29.33 15.85
N ILE C 103 -25.67 -28.03 15.66
CA ILE C 103 -26.72 -27.03 15.81
C ILE C 103 -27.09 -26.51 14.43
N ASP C 104 -28.39 -26.52 14.12
CA ASP C 104 -28.85 -26.05 12.83
C ASP C 104 -28.69 -24.54 12.72
N ASN C 105 -28.39 -24.08 11.49
CA ASN C 105 -28.27 -22.66 11.18
C ASN C 105 -27.27 -21.96 12.11
N ALA C 106 -26.15 -22.64 12.37
CA ALA C 106 -25.06 -22.07 13.13
C ALA C 106 -23.74 -22.58 12.58
N SER C 107 -22.69 -21.83 12.82
CA SER C 107 -21.37 -22.19 12.33
C SER C 107 -20.62 -23.03 13.36
N VAL C 108 -19.47 -23.57 12.94
CA VAL C 108 -18.58 -24.21 13.90
C VAL C 108 -18.13 -23.20 14.93
N LEU C 109 -17.87 -21.96 14.51
CA LEU C 109 -17.52 -20.91 15.44
C LEU C 109 -18.66 -20.61 16.40
N ASP C 110 -19.90 -20.63 15.90
CA ASP C 110 -21.05 -20.40 16.78
C ASP C 110 -21.13 -21.45 17.88
N GLU C 111 -21.06 -22.73 17.49
CA GLU C 111 -21.10 -23.83 18.45
C GLU C 111 -19.97 -23.71 19.46
N PHE C 112 -18.74 -23.50 18.97
CA PHE C 112 -17.59 -23.36 19.84
C PHE C 112 -17.76 -22.19 20.82
N TYR C 113 -18.19 -21.04 20.31
CA TYR C 113 -18.28 -19.82 21.10
C TYR C 113 -19.32 -19.95 22.20
N TRP C 114 -20.51 -20.46 21.85
CA TRP C 114 -21.54 -20.67 22.86
C TRP C 114 -21.11 -21.70 23.89
N LEU C 115 -20.50 -22.81 23.44
CA LEU C 115 -20.07 -23.84 24.37
C LEU C 115 -19.05 -23.30 25.35
N ASN C 116 -18.04 -22.57 24.87
CA ASN C 116 -17.01 -22.05 25.74
C ASN C 116 -17.48 -20.85 26.55
N LYS C 117 -18.62 -20.24 26.21
CA LYS C 117 -19.23 -19.31 27.13
C LYS C 117 -19.98 -20.02 28.25
N GLU C 118 -20.58 -21.18 27.96
CA GLU C 118 -21.30 -21.91 29.01
C GLU C 118 -20.35 -22.67 29.94
N ASP C 119 -19.28 -23.23 29.41
CA ASP C 119 -18.34 -24.06 30.18
C ASP C 119 -16.93 -23.51 29.99
N PRO C 120 -16.61 -22.40 30.66
CA PRO C 120 -15.26 -21.83 30.52
C PRO C 120 -14.21 -22.76 31.11
N ASN C 121 -13.12 -22.92 30.37
CA ASN C 121 -12.05 -23.84 30.75
C ASN C 121 -11.11 -23.17 31.75
N TYR C 122 -10.74 -23.92 32.79
CA TYR C 122 -9.80 -23.49 33.80
C TYR C 122 -9.46 -24.68 34.69
N SER C 123 -8.21 -24.74 35.12
CA SER C 123 -7.71 -25.85 35.92
C SER C 123 -7.70 -25.47 37.39
N ARG C 124 -8.23 -26.36 38.24
CA ARG C 124 -8.14 -26.20 39.68
C ARG C 124 -6.91 -26.87 40.26
N CYS C 125 -6.20 -27.68 39.47
CA CYS C 125 -4.95 -28.29 39.89
C CYS C 125 -4.10 -28.51 38.64
N ARG C 126 -2.91 -27.91 38.63
CA ARG C 126 -2.05 -27.91 37.45
C ARG C 126 -0.87 -28.86 37.55
N VAL C 127 -0.15 -28.83 38.68
CA VAL C 127 1.06 -29.63 38.86
C VAL C 127 0.91 -30.47 40.12
N ILE C 128 1.25 -31.75 40.02
CA ILE C 128 1.24 -32.65 41.17
C ILE C 128 2.62 -33.28 41.31
N GLU C 129 2.83 -33.93 42.45
CA GLU C 129 4.09 -34.55 42.80
C GLU C 129 3.87 -35.42 44.02
N LYS C 130 4.88 -36.21 44.37
CA LYS C 130 4.83 -37.09 45.54
C LYS C 130 3.58 -37.97 45.54
N GLN C 131 3.22 -38.47 44.35
CA GLN C 131 2.10 -39.39 44.17
C GLN C 131 0.79 -38.77 44.65
N GLY C 132 0.40 -37.68 43.97
CA GLY C 132 -0.89 -37.06 44.18
C GLY C 132 -0.87 -35.74 44.94
N GLN C 133 0.25 -35.38 45.56
CA GLN C 133 0.31 -34.13 46.31
C GLN C 133 0.32 -32.93 45.37
N ARG C 134 -0.61 -32.01 45.58
CA ARG C 134 -0.63 -30.77 44.80
C ARG C 134 0.61 -29.94 45.11
N LEU C 135 1.21 -29.37 44.06
CA LEU C 135 2.39 -28.55 44.23
C LEU C 135 2.08 -27.35 45.10
N ALA C 136 2.93 -27.11 46.11
CA ALA C 136 2.67 -26.04 47.07
C ALA C 136 2.67 -24.67 46.38
N THR C 137 3.53 -24.48 45.39
CA THR C 137 3.64 -23.22 44.67
C THR C 137 2.81 -23.22 43.39
N ASP C 138 1.79 -24.08 43.30
CA ASP C 138 0.95 -24.15 42.11
C ASP C 138 0.21 -22.84 41.87
N GLY C 139 0.60 -22.11 40.84
CA GLY C 139 0.02 -20.82 40.55
C GLY C 139 1.08 -19.77 40.27
N ASP C 140 2.17 -19.81 41.04
CA ASP C 140 3.27 -18.89 40.84
C ASP C 140 4.19 -19.40 39.72
N PHE C 141 5.00 -18.48 39.19
CA PHE C 141 6.01 -18.86 38.22
C PHE C 141 7.35 -19.18 38.88
N THR C 142 7.60 -18.61 40.06
CA THR C 142 8.85 -18.79 40.80
C THR C 142 10.07 -18.57 39.89
N LEU C 143 10.03 -17.46 39.17
CA LEU C 143 11.14 -17.06 38.31
C LEU C 143 12.00 -16.05 39.06
N THR C 144 13.30 -16.34 39.14
CA THR C 144 14.22 -15.36 39.70
C THR C 144 14.40 -14.19 38.74
N LYS C 145 14.96 -13.10 39.25
CA LYS C 145 15.22 -11.95 38.40
C LYS C 145 16.16 -12.32 37.25
N THR C 146 17.07 -13.27 37.49
CA THR C 146 17.98 -13.72 36.43
C THR C 146 17.22 -14.47 35.34
N ALA C 147 16.27 -15.32 35.72
CA ALA C 147 15.50 -16.06 34.73
C ALA C 147 14.61 -15.13 33.91
N ILE C 148 13.93 -14.20 34.57
CA ILE C 148 13.14 -13.20 33.85
C ILE C 148 14.02 -12.39 32.91
N LYS C 149 15.21 -12.01 33.39
CA LYS C 149 16.18 -11.31 32.56
C LYS C 149 16.49 -12.10 31.30
N GLU C 150 16.72 -13.42 31.45
CA GLU C 150 16.99 -14.27 30.30
C GLU C 150 15.80 -14.31 29.36
N ILE C 151 14.58 -14.31 29.91
CA ILE C 151 13.38 -14.31 29.08
C ILE C 151 13.33 -13.06 28.21
N LEU C 152 13.43 -11.88 28.83
CA LEU C 152 13.37 -10.66 28.02
C LEU C 152 14.55 -10.55 27.07
N ASP C 153 15.70 -11.12 27.44
CA ASP C 153 16.82 -11.15 26.50
C ASP C 153 16.47 -11.94 25.25
N LEU C 154 15.92 -13.15 25.44
CA LEU C 154 15.51 -13.95 24.28
C LEU C 154 14.50 -13.19 23.44
N CYS C 155 13.54 -12.52 24.09
CA CYS C 155 12.56 -11.73 23.33
C CYS C 155 13.22 -10.58 22.58
N LEU C 156 14.32 -10.04 23.11
CA LEU C 156 15.02 -8.92 22.51
C LEU C 156 16.08 -9.35 21.52
N THR C 157 16.32 -10.65 21.37
CA THR C 157 17.24 -11.14 20.35
C THR C 157 16.52 -11.22 19.02
N ASN C 158 17.13 -10.62 17.99
CA ASN C 158 16.60 -10.76 16.63
C ASN C 158 16.48 -12.22 16.25
N GLU C 159 15.39 -12.56 15.57
CA GLU C 159 15.16 -13.95 15.18
C GLU C 159 16.27 -14.47 14.27
N GLU C 160 16.81 -13.59 13.41
CA GLU C 160 17.86 -14.00 12.48
C GLU C 160 19.14 -14.42 13.19
N ASP C 161 19.37 -13.95 14.41
CA ASP C 161 20.53 -14.36 15.21
C ASP C 161 20.25 -15.60 16.03
N LEU C 162 19.16 -16.32 15.76
CA LEU C 162 18.78 -17.49 16.53
C LEU C 162 18.85 -18.79 15.74
N ASP C 163 19.53 -18.78 14.60
CA ASP C 163 19.63 -19.99 13.77
C ASP C 163 20.30 -21.12 14.55
N ASP C 164 19.65 -22.27 14.58
CA ASP C 164 20.15 -23.49 15.19
C ASP C 164 20.43 -23.34 16.68
N VAL C 165 19.97 -22.26 17.31
CA VAL C 165 20.22 -22.04 18.73
C VAL C 165 19.24 -22.87 19.55
N LYS C 166 19.77 -23.62 20.51
CA LYS C 166 18.95 -24.43 21.38
C LYS C 166 18.38 -23.60 22.53
N ILE C 167 17.36 -24.16 23.18
CA ILE C 167 16.77 -23.48 24.35
C ILE C 167 17.78 -23.42 25.48
N THR C 168 18.52 -24.50 25.71
CA THR C 168 19.53 -24.51 26.78
C THR C 168 20.68 -23.56 26.49
N ASP C 169 20.83 -23.09 25.25
CA ASP C 169 21.88 -22.13 24.94
C ASP C 169 21.56 -20.73 25.45
N VAL C 170 20.30 -20.46 25.77
CA VAL C 170 19.86 -19.11 26.14
C VAL C 170 19.21 -19.04 27.50
N PHE C 171 19.12 -20.15 28.23
CA PHE C 171 18.54 -20.16 29.56
C PHE C 171 19.45 -20.92 30.52
N SER C 172 19.43 -20.51 31.79
CA SER C 172 20.28 -21.08 32.82
C SER C 172 19.44 -21.93 33.78
N ASP C 173 20.08 -22.37 34.87
CA ASP C 173 19.42 -23.25 35.82
C ASP C 173 18.25 -22.58 36.51
N ASP C 174 18.33 -21.26 36.75
CA ASP C 174 17.25 -20.56 37.43
C ASP C 174 15.95 -20.65 36.64
N PHE C 175 16.02 -20.52 35.32
CA PHE C 175 14.82 -20.62 34.51
C PHE C 175 14.25 -22.04 34.52
N PHE C 176 15.13 -23.04 34.42
CA PHE C 176 14.66 -24.42 34.33
C PHE C 176 14.12 -24.96 35.64
N ASN C 177 14.49 -24.35 36.77
CA ASN C 177 13.99 -24.76 38.07
C ASN C 177 12.69 -24.05 38.45
N SER C 178 12.13 -23.25 37.56
CA SER C 178 10.94 -22.46 37.85
C SER C 178 9.67 -23.26 37.53
N ASN C 179 8.56 -22.82 38.11
CA ASN C 179 7.26 -23.37 37.74
C ASN C 179 6.84 -22.92 36.35
N PHE C 180 7.29 -21.73 35.94
CA PHE C 180 7.06 -21.25 34.59
C PHE C 180 7.52 -22.28 33.57
N TRP C 181 8.73 -22.82 33.77
CA TRP C 181 9.24 -23.82 32.83
C TRP C 181 8.38 -25.07 32.85
N ILE C 182 7.87 -25.47 34.01
CA ILE C 182 6.97 -26.61 34.10
C ILE C 182 5.75 -26.39 33.20
N TYR C 183 4.97 -25.35 33.51
CA TYR C 183 3.77 -25.06 32.73
C TYR C 183 4.09 -24.96 31.25
N TRP C 184 5.14 -24.20 30.91
CA TRP C 184 5.46 -23.88 29.53
C TRP C 184 5.86 -25.13 28.75
N LYS C 185 6.85 -25.87 29.26
CA LYS C 185 7.34 -27.05 28.55
C LYS C 185 6.29 -28.14 28.47
N THR C 186 5.36 -28.19 29.44
CA THR C 186 4.39 -29.29 29.39
C THR C 186 3.18 -28.97 28.53
N MET C 187 2.64 -27.75 28.62
CA MET C 187 1.48 -27.42 27.80
C MET C 187 1.84 -27.23 26.34
N PHE C 188 3.13 -27.05 26.02
CA PHE C 188 3.57 -26.84 24.65
C PHE C 188 4.46 -27.93 24.10
N ALA C 189 4.85 -28.91 24.93
CA ALA C 189 5.71 -30.01 24.50
C ALA C 189 7.07 -29.50 23.99
N PHE C 190 7.64 -28.55 24.72
CA PHE C 190 8.99 -28.07 24.44
C PHE C 190 9.99 -28.93 25.17
N GLU C 191 11.02 -29.37 24.46
CA GLU C 191 12.15 -30.08 25.03
C GLU C 191 13.34 -29.14 25.17
N PRO C 192 14.26 -29.41 26.10
CA PRO C 192 15.37 -28.47 26.34
C PRO C 192 16.28 -28.25 25.12
N TRP C 193 16.28 -29.16 24.15
CA TRP C 193 17.12 -29.03 22.97
C TRP C 193 16.38 -28.42 21.78
N HIS C 194 15.14 -27.99 21.97
CA HIS C 194 14.34 -27.50 20.86
C HIS C 194 14.75 -26.07 20.49
N SER C 195 14.22 -25.62 19.34
CA SER C 195 14.63 -24.34 18.78
C SER C 195 14.26 -23.19 19.71
N ALA C 196 15.25 -22.37 20.06
CA ALA C 196 14.97 -21.21 20.89
C ALA C 196 14.21 -20.15 20.11
N MET C 197 14.36 -20.15 18.78
CA MET C 197 13.62 -19.22 17.93
C MET C 197 12.11 -19.46 18.05
N GLU C 198 11.70 -20.73 18.02
CA GLU C 198 10.29 -21.06 18.16
C GLU C 198 9.78 -20.71 19.56
N MET C 199 10.62 -20.87 20.59
CA MET C 199 10.17 -20.52 21.93
C MET C 199 10.03 -19.01 22.11
N ARG C 200 10.93 -18.25 21.48
CA ARG C 200 10.78 -16.79 21.47
C ARG C 200 9.47 -16.40 20.78
N ARG C 201 9.19 -17.03 19.63
CA ARG C 201 7.91 -16.80 18.96
C ARG C 201 6.74 -17.13 19.87
N TYR C 202 6.86 -18.22 20.64
CA TYR C 202 5.78 -18.61 21.55
C TYR C 202 5.57 -17.57 22.64
N LEU C 203 6.68 -17.07 23.22
CA LEU C 203 6.57 -16.03 24.25
C LEU C 203 5.87 -14.80 23.70
N MET C 204 6.27 -14.35 22.51
CA MET C 204 5.68 -13.12 21.97
C MET C 204 4.23 -13.35 21.54
N ARG C 205 3.93 -14.49 20.94
CA ARG C 205 2.64 -14.70 20.30
C ARG C 205 1.52 -14.84 21.32
N PHE C 206 1.80 -15.48 22.46
CA PHE C 206 0.80 -15.73 23.48
C PHE C 206 1.02 -14.87 24.72
N VAL C 207 1.64 -13.70 24.57
CA VAL C 207 1.94 -12.86 25.72
C VAL C 207 0.65 -12.37 26.37
N HIS C 208 -0.38 -12.10 25.56
CA HIS C 208 -1.63 -11.59 26.10
C HIS C 208 -2.31 -12.58 27.03
N HIS C 209 -1.93 -13.85 26.99
CA HIS C 209 -2.50 -14.88 27.85
C HIS C 209 -1.57 -15.26 28.99
N ILE C 210 -0.55 -14.45 29.27
CA ILE C 210 0.42 -14.78 30.32
C ILE C 210 -0.23 -14.87 31.69
N SER C 211 -1.37 -14.21 31.89
CA SER C 211 -2.08 -14.27 33.17
C SER C 211 -2.99 -15.48 33.28
N GLY C 212 -3.02 -16.34 32.26
CA GLY C 212 -3.88 -17.51 32.30
C GLY C 212 -3.16 -18.79 31.94
N VAL C 213 -1.85 -18.83 32.16
CA VAL C 213 -1.06 -19.99 31.78
C VAL C 213 -1.16 -21.08 32.83
N ALA C 214 -1.00 -20.72 34.11
CA ALA C 214 -1.02 -21.72 35.18
C ALA C 214 -2.41 -22.31 35.35
N ASP C 215 -3.43 -21.48 35.37
CA ASP C 215 -4.80 -21.93 35.58
C ASP C 215 -5.49 -22.37 34.29
N PHE C 216 -4.82 -22.25 33.15
CA PHE C 216 -5.39 -22.60 31.84
C PHE C 216 -6.69 -21.86 31.57
N SER C 217 -6.85 -20.69 32.18
CA SER C 217 -8.07 -19.90 32.01
C SER C 217 -8.20 -19.29 30.63
N ALA C 218 -7.13 -19.28 29.84
CA ALA C 218 -7.14 -18.75 28.49
C ALA C 218 -7.39 -19.81 27.43
N LEU C 219 -7.56 -21.07 27.83
CA LEU C 219 -7.74 -22.15 26.88
C LEU C 219 -9.22 -22.30 26.52
N LYS C 220 -9.45 -22.89 25.35
CA LYS C 220 -10.80 -23.17 24.86
C LYS C 220 -10.74 -24.46 24.04
N PHE C 221 -11.74 -25.31 24.21
CA PHE C 221 -11.76 -26.62 23.59
C PHE C 221 -13.05 -26.83 22.82
N THR C 222 -12.99 -27.69 21.80
CA THR C 222 -14.18 -28.10 21.08
C THR C 222 -14.98 -29.10 21.92
N LYS C 223 -16.20 -29.39 21.47
CA LYS C 223 -17.07 -30.29 22.22
C LYS C 223 -16.53 -31.72 22.19
N TYR C 224 -16.36 -32.26 20.99
CA TYR C 224 -15.85 -33.61 20.80
C TYR C 224 -14.38 -33.54 20.37
N ASN C 225 -13.80 -34.69 20.03
CA ASN C 225 -12.47 -34.70 19.45
C ASN C 225 -12.47 -33.94 18.13
N GLN C 226 -11.30 -33.43 17.76
CA GLN C 226 -11.22 -32.48 16.66
C GLN C 226 -11.41 -33.12 15.29
N TYR C 227 -11.55 -34.44 15.21
CA TYR C 227 -11.98 -35.05 13.95
C TYR C 227 -13.47 -34.83 13.72
N GLU C 228 -14.26 -34.89 14.79
CA GLU C 228 -15.71 -34.74 14.69
C GLU C 228 -16.14 -33.28 14.76
N SER C 229 -15.34 -32.41 15.39
CA SER C 229 -15.70 -31.01 15.54
C SER C 229 -15.09 -30.11 14.48
N LEU C 230 -13.97 -30.50 13.88
CA LEU C 230 -13.29 -29.67 12.90
C LEU C 230 -13.18 -30.31 11.53
N VAL C 231 -12.86 -31.61 11.47
CA VAL C 231 -12.61 -32.25 10.17
C VAL C 231 -13.92 -32.52 9.45
N LEU C 232 -14.86 -33.21 10.11
CA LEU C 232 -16.11 -33.59 9.46
C LEU C 232 -16.94 -32.41 8.98
N PRO C 233 -17.10 -31.31 9.74
CA PRO C 233 -17.82 -30.15 9.16
C PRO C 233 -17.17 -29.61 7.90
N MET C 234 -15.83 -29.55 7.88
CA MET C 234 -15.14 -29.08 6.68
C MET C 234 -15.36 -30.01 5.51
N VAL C 235 -15.28 -31.32 5.74
CA VAL C 235 -15.50 -32.26 4.65
C VAL C 235 -16.93 -32.16 4.13
N GLU C 236 -17.90 -31.97 5.04
CA GLU C 236 -19.27 -31.79 4.59
C GLU C 236 -19.42 -30.52 3.75
N TYR C 237 -18.80 -29.43 4.17
CA TYR C 237 -18.82 -28.19 3.39
C TYR C 237 -18.21 -28.41 2.01
N LEU C 238 -17.02 -29.01 1.97
CA LEU C 238 -16.31 -29.17 0.70
C LEU C 238 -17.07 -30.10 -0.26
N LYS C 239 -17.62 -31.20 0.26
CA LYS C 239 -18.41 -32.09 -0.58
C LYS C 239 -19.71 -31.43 -1.01
N SER C 240 -20.29 -30.59 -0.15
CA SER C 240 -21.46 -29.80 -0.54
C SER C 240 -21.13 -28.81 -1.64
N HIS C 241 -19.86 -28.44 -1.80
CA HIS C 241 -19.46 -27.59 -2.90
C HIS C 241 -18.81 -28.37 -4.05
N GLY C 242 -18.84 -29.70 -4.00
CA GLY C 242 -18.39 -30.50 -5.12
C GLY C 242 -16.90 -30.78 -5.17
N VAL C 243 -16.17 -30.58 -4.07
CA VAL C 243 -14.75 -30.85 -4.06
C VAL C 243 -14.52 -32.35 -4.28
N GLN C 244 -13.52 -32.66 -5.11
CA GLN C 244 -13.20 -34.04 -5.43
C GLN C 244 -12.22 -34.60 -4.41
N PHE C 245 -12.57 -35.74 -3.82
CA PHE C 245 -11.70 -36.45 -2.89
C PHE C 245 -11.25 -37.73 -3.57
N GLU C 246 -9.94 -37.84 -3.81
CA GLU C 246 -9.34 -39.03 -4.44
C GLU C 246 -8.51 -39.73 -3.38
N TYR C 247 -9.07 -40.78 -2.80
CA TYR C 247 -8.46 -41.45 -1.66
C TYR C 247 -7.52 -42.57 -2.10
N ASP C 248 -6.65 -42.96 -1.17
CA ASP C 248 -5.62 -43.99 -1.40
C ASP C 248 -4.77 -43.62 -2.62
N VAL C 249 -4.14 -42.45 -2.53
CA VAL C 249 -3.29 -41.93 -3.58
C VAL C 249 -2.02 -41.39 -2.92
N LYS C 250 -0.87 -41.93 -3.30
CA LYS C 250 0.41 -41.55 -2.73
C LYS C 250 1.17 -40.67 -3.72
N VAL C 251 1.39 -39.42 -3.34
CA VAL C 251 2.15 -38.48 -4.18
C VAL C 251 3.63 -38.72 -3.92
N GLU C 252 4.33 -39.20 -4.94
CA GLU C 252 5.76 -39.45 -4.80
C GLU C 252 6.59 -38.19 -5.07
N ASP C 253 6.30 -37.49 -6.16
CA ASP C 253 7.14 -36.33 -6.47
C ASP C 253 6.34 -35.30 -7.25
N ILE C 254 6.89 -34.08 -7.31
CA ILE C 254 6.39 -33.03 -8.19
C ILE C 254 7.58 -32.49 -8.97
N LYS C 255 7.54 -32.65 -10.28
CA LYS C 255 8.60 -32.13 -11.15
C LYS C 255 8.40 -30.62 -11.28
N ILE C 256 9.34 -29.85 -10.73
CA ILE C 256 9.25 -28.40 -10.68
C ILE C 256 10.39 -27.81 -11.50
N ASP C 257 10.05 -27.03 -12.52
CA ASP C 257 11.05 -26.22 -13.21
C ASP C 257 11.43 -25.04 -12.31
N VAL C 258 12.70 -25.00 -11.91
CA VAL C 258 13.22 -23.87 -11.14
C VAL C 258 14.21 -23.12 -12.02
N THR C 259 13.72 -22.10 -12.73
CA THR C 259 14.53 -21.33 -13.66
C THR C 259 15.02 -20.05 -13.00
N THR C 260 15.74 -19.24 -13.76
CA THR C 260 16.24 -17.97 -13.26
C THR C 260 15.13 -16.95 -13.01
N SER C 261 13.92 -17.21 -13.52
CA SER C 261 12.81 -16.26 -13.44
C SER C 261 11.56 -16.82 -12.77
N GLN C 262 11.30 -18.12 -12.87
CA GLN C 262 10.07 -18.69 -12.34
C GLN C 262 10.35 -20.00 -11.62
N LYS C 263 9.35 -20.46 -10.87
CA LYS C 263 9.29 -21.82 -10.36
C LYS C 263 7.90 -22.36 -10.67
N ILE C 264 7.82 -23.38 -11.51
CA ILE C 264 6.55 -23.89 -12.01
C ILE C 264 6.47 -25.39 -11.77
N ALA C 265 5.44 -25.82 -11.07
CA ALA C 265 5.20 -27.25 -10.90
C ALA C 265 4.62 -27.82 -12.19
N ARG C 266 5.26 -28.83 -12.74
CA ARG C 266 4.90 -29.35 -14.05
C ARG C 266 4.14 -30.67 -14.01
N GLU C 267 4.37 -31.51 -13.00
CA GLU C 267 3.83 -32.86 -13.03
C GLU C 267 3.83 -33.43 -11.61
N ILE C 268 2.78 -34.18 -11.30
CA ILE C 268 2.60 -34.83 -10.00
C ILE C 268 2.71 -36.33 -10.23
N LEU C 269 3.84 -36.92 -9.84
CA LEU C 269 4.09 -38.35 -9.94
C LEU C 269 3.48 -39.03 -8.73
N ILE C 270 2.45 -39.87 -8.96
CA ILE C 270 1.62 -40.48 -7.92
C ILE C 270 1.59 -41.99 -8.13
N ASP C 271 1.08 -42.68 -7.12
CA ASP C 271 0.80 -44.12 -7.16
C ASP C 271 -0.68 -44.32 -6.90
N ARG C 272 -1.50 -44.12 -7.94
CA ARG C 272 -2.94 -44.20 -7.80
C ARG C 272 -3.37 -45.67 -7.75
N ASN C 273 -3.84 -46.11 -6.58
CA ASN C 273 -4.38 -47.46 -6.39
C ASN C 273 -3.36 -48.52 -6.79
N GLY C 274 -2.14 -48.39 -6.25
CA GLY C 274 -1.06 -49.28 -6.59
C GLY C 274 -0.55 -49.19 -8.01
N ASN C 275 -1.19 -48.41 -8.89
CA ASN C 275 -0.74 -48.24 -10.26
C ASN C 275 -0.04 -46.90 -10.40
N ALA C 276 1.23 -46.92 -10.82
CA ALA C 276 1.99 -45.69 -10.95
C ALA C 276 1.45 -44.83 -12.08
N GLU C 277 1.29 -43.54 -11.82
CA GLU C 277 0.63 -42.65 -12.76
C GLU C 277 1.14 -41.23 -12.51
N SER C 278 0.72 -40.29 -13.37
CA SER C 278 1.20 -38.92 -13.25
C SER C 278 0.10 -37.96 -13.70
N ILE C 279 0.12 -36.77 -13.10
CA ILE C 279 -0.85 -35.72 -13.36
C ILE C 279 -0.09 -34.53 -13.91
N LYS C 280 -0.22 -34.27 -15.21
CA LYS C 280 0.48 -33.15 -15.82
C LYS C 280 -0.24 -31.84 -15.52
N LEU C 281 0.53 -30.81 -15.22
CA LEU C 281 -0.01 -29.53 -14.75
C LEU C 281 0.39 -28.40 -15.68
N THR C 282 -0.50 -27.43 -15.82
CA THR C 282 -0.21 -26.17 -16.48
C THR C 282 0.09 -25.10 -15.44
N ILE C 283 0.48 -23.92 -15.92
CA ILE C 283 0.75 -22.80 -15.02
C ILE C 283 -0.49 -22.40 -14.25
N ASN C 284 -1.68 -22.76 -14.75
CA ASN C 284 -2.94 -22.43 -14.11
C ASN C 284 -3.46 -23.56 -13.22
N ASP C 285 -2.65 -24.59 -12.98
CA ASP C 285 -3.00 -25.65 -12.04
C ASP C 285 -2.11 -25.50 -10.81
N LEU C 286 -2.70 -25.03 -9.72
CA LEU C 286 -1.95 -24.79 -8.50
C LEU C 286 -1.80 -26.09 -7.71
N VAL C 287 -0.67 -26.19 -6.99
CA VAL C 287 -0.39 -27.34 -6.13
C VAL C 287 -0.10 -26.81 -4.73
N PHE C 288 -0.77 -27.40 -3.74
CA PHE C 288 -0.60 -27.05 -2.33
C PHE C 288 0.02 -28.25 -1.62
N VAL C 289 1.29 -28.14 -1.24
CA VAL C 289 2.03 -29.22 -0.60
C VAL C 289 2.06 -28.98 0.89
N THR C 290 1.61 -29.97 1.66
CA THR C 290 1.76 -29.95 3.11
C THR C 290 3.05 -30.70 3.45
N ASN C 291 4.16 -29.97 3.37
CA ASN C 291 5.48 -30.57 3.51
C ASN C 291 5.70 -31.06 4.94
N GLY C 292 6.06 -32.33 5.08
CA GLY C 292 6.31 -32.92 6.37
C GLY C 292 5.03 -33.26 7.12
N SER C 293 5.16 -34.19 8.07
CA SER C 293 4.04 -34.60 8.89
C SER C 293 4.56 -35.09 10.23
N ILE C 294 3.94 -34.64 11.32
CA ILE C 294 4.35 -35.06 12.65
C ILE C 294 3.74 -36.39 13.07
N THR C 295 2.77 -36.89 12.33
CA THR C 295 2.10 -38.15 12.68
C THR C 295 2.39 -39.27 11.68
N GLU C 296 3.31 -39.05 10.75
CA GLU C 296 3.67 -40.11 9.82
C GLU C 296 4.39 -41.24 10.53
N SER C 297 4.23 -42.45 10.01
CA SER C 297 4.86 -43.66 10.53
C SER C 297 4.41 -43.99 11.94
N SER C 298 3.27 -43.45 12.36
CA SER C 298 2.75 -43.76 13.69
C SER C 298 2.38 -45.23 13.80
N THR C 299 2.84 -45.88 14.87
CA THR C 299 2.46 -47.24 15.17
C THR C 299 1.59 -47.27 16.41
N TYR C 300 0.83 -48.36 16.56
CA TYR C 300 -0.10 -48.51 17.67
C TYR C 300 0.14 -49.84 18.36
N GLY C 301 -0.10 -49.86 19.68
CA GLY C 301 -0.10 -51.08 20.43
C GLY C 301 -1.48 -51.38 21.00
N ASP C 302 -1.54 -51.99 22.16
CA ASP C 302 -2.81 -52.23 22.84
C ASP C 302 -2.54 -52.33 24.34
N ASN C 303 -3.50 -52.89 25.08
CA ASN C 303 -3.37 -52.98 26.52
C ASN C 303 -2.25 -53.92 26.96
N ASP C 304 -1.86 -54.86 26.10
CA ASP C 304 -0.81 -55.81 26.42
C ASP C 304 0.41 -55.71 25.51
N THR C 305 0.36 -54.86 24.47
CA THR C 305 1.46 -54.73 23.53
C THR C 305 1.97 -53.30 23.51
N PRO C 306 3.29 -53.09 23.57
CA PRO C 306 3.82 -51.73 23.38
C PRO C 306 3.71 -51.30 21.93
N ALA C 307 3.64 -49.99 21.73
CA ALA C 307 3.65 -49.45 20.38
C ALA C 307 5.03 -49.67 19.77
N PRO C 308 5.14 -50.40 18.67
CA PRO C 308 6.47 -50.75 18.14
C PRO C 308 7.20 -49.52 17.64
N PRO C 309 8.37 -49.21 18.21
CA PRO C 309 9.12 -48.03 17.78
C PRO C 309 9.58 -48.15 16.34
N THR C 310 9.75 -47.00 15.70
CA THR C 310 10.22 -46.93 14.32
C THR C 310 10.70 -45.52 14.04
N ASP C 311 11.45 -45.39 12.94
CA ASP C 311 11.72 -44.09 12.33
C ASP C 311 11.74 -44.26 10.81
N GLU C 312 10.77 -45.00 10.30
CA GLU C 312 10.59 -45.14 8.87
C GLU C 312 10.14 -43.81 8.26
N LEU C 313 10.72 -43.48 7.11
CA LEU C 313 10.39 -42.24 6.43
C LEU C 313 9.19 -42.51 5.53
N GLY C 314 8.05 -41.90 5.84
CA GLY C 314 6.83 -42.15 5.09
C GLY C 314 6.77 -41.38 3.79
N GLY C 315 5.55 -41.20 3.30
CA GLY C 315 5.31 -40.49 2.05
C GLY C 315 5.51 -38.99 2.14
N SER C 316 5.05 -38.38 3.23
CA SER C 316 5.19 -36.94 3.40
C SER C 316 6.65 -36.52 3.39
N TRP C 317 7.48 -37.18 4.20
CA TRP C 317 8.87 -36.77 4.33
C TRP C 317 9.67 -37.13 3.08
N THR C 318 9.37 -38.28 2.47
CA THR C 318 10.00 -38.62 1.21
C THR C 318 9.67 -37.59 0.14
N LEU C 319 8.42 -37.12 0.11
CA LEU C 319 8.02 -36.09 -0.84
C LEU C 319 8.77 -34.79 -0.59
N TRP C 320 8.84 -34.35 0.67
CA TRP C 320 9.57 -33.12 0.96
C TRP C 320 11.04 -33.27 0.61
N LYS C 321 11.64 -34.42 0.91
CA LYS C 321 13.03 -34.66 0.53
C LYS C 321 13.21 -34.55 -0.97
N ASN C 322 12.30 -35.15 -1.75
CA ASN C 322 12.37 -35.06 -3.20
C ASN C 322 12.23 -33.61 -3.68
N LEU C 323 11.43 -32.81 -2.97
CA LEU C 323 11.27 -31.42 -3.36
C LEU C 323 12.53 -30.61 -3.03
N ALA C 324 13.16 -30.89 -1.90
CA ALA C 324 14.36 -30.15 -1.51
C ALA C 324 15.53 -30.44 -2.44
N ARG C 325 15.51 -31.58 -3.15
CA ARG C 325 16.52 -31.84 -4.16
C ARG C 325 16.45 -30.84 -5.31
N GLN C 326 15.31 -30.18 -5.49
CA GLN C 326 15.09 -29.35 -6.66
C GLN C 326 15.35 -27.86 -6.41
N SER C 327 15.40 -27.43 -5.15
CA SER C 327 15.74 -26.05 -4.81
C SER C 327 15.98 -25.91 -3.32
N PRO C 328 17.02 -25.18 -2.91
CA PRO C 328 17.19 -24.90 -1.46
C PRO C 328 16.07 -24.06 -0.89
N GLU C 329 15.38 -23.27 -1.72
CA GLU C 329 14.24 -22.50 -1.27
C GLU C 329 13.04 -23.36 -0.91
N PHE C 330 13.11 -24.67 -1.15
CA PHE C 330 12.03 -25.58 -0.79
C PHE C 330 12.23 -26.22 0.57
N GLY C 331 13.22 -25.77 1.33
CA GLY C 331 13.41 -26.19 2.71
C GLY C 331 14.46 -27.28 2.86
N ASN C 332 14.66 -27.65 4.11
CA ASN C 332 15.63 -28.68 4.50
C ASN C 332 14.92 -29.64 5.45
N PRO C 333 14.27 -30.67 4.92
CA PRO C 333 13.51 -31.58 5.80
C PRO C 333 14.39 -32.38 6.75
N ASP C 334 15.65 -32.61 6.40
CA ASP C 334 16.52 -33.40 7.28
C ASP C 334 16.73 -32.72 8.62
N LYS C 335 16.61 -31.40 8.67
CA LYS C 335 16.72 -30.68 9.94
C LYS C 335 15.60 -31.05 10.91
N PHE C 336 14.50 -31.62 10.42
CA PHE C 336 13.32 -31.89 11.22
C PHE C 336 13.03 -33.36 11.43
N CYS C 337 13.35 -34.22 10.45
CA CYS C 337 13.04 -35.64 10.54
C CYS C 337 14.24 -36.52 10.80
N GLN C 338 15.44 -35.95 10.92
CA GLN C 338 16.64 -36.70 11.23
C GLN C 338 17.24 -36.22 12.54
N ASN C 339 18.06 -37.08 13.14
CA ASN C 339 18.78 -36.75 14.37
C ASN C 339 17.83 -36.34 15.49
N ILE C 340 16.66 -36.96 15.54
CA ILE C 340 15.72 -36.73 16.64
C ILE C 340 16.26 -37.46 17.86
N PRO C 341 16.60 -36.75 18.93
CA PRO C 341 17.16 -37.42 20.11
C PRO C 341 16.24 -38.51 20.63
N LYS C 342 16.83 -39.62 21.06
CA LYS C 342 16.03 -40.75 21.52
C LYS C 342 15.33 -40.48 22.85
N LYS C 343 15.69 -39.40 23.54
CA LYS C 343 14.94 -38.96 24.71
C LYS C 343 13.66 -38.22 24.36
N SER C 344 13.49 -37.83 23.10
CA SER C 344 12.36 -37.00 22.69
C SER C 344 11.04 -37.71 22.97
N TRP C 345 10.00 -36.91 23.14
CA TRP C 345 8.64 -37.43 23.26
C TRP C 345 8.31 -38.29 22.05
N PHE C 346 7.83 -39.50 22.31
CA PHE C 346 7.44 -40.43 21.27
C PHE C 346 6.07 -41.03 21.48
N VAL C 347 5.71 -41.37 22.71
CA VAL C 347 4.55 -42.20 23.01
C VAL C 347 3.44 -41.34 23.61
N SER C 348 2.22 -41.56 23.15
CA SER C 348 1.01 -41.10 23.79
C SER C 348 0.16 -42.31 24.17
N ALA C 349 -0.83 -42.09 25.02
CA ALA C 349 -1.68 -43.20 25.46
C ALA C 349 -3.07 -42.69 25.77
N THR C 350 -4.09 -43.38 25.26
CA THR C 350 -5.47 -43.08 25.60
C THR C 350 -6.01 -44.22 26.45
N SER C 351 -6.35 -43.92 27.70
CA SER C 351 -6.77 -44.92 28.68
C SER C 351 -8.24 -44.71 29.01
N THR C 352 -9.08 -45.64 28.57
CA THR C 352 -10.51 -45.59 28.82
C THR C 352 -10.84 -46.47 30.02
N THR C 353 -11.65 -45.94 30.93
CA THR C 353 -12.08 -46.71 32.10
C THR C 353 -13.42 -46.21 32.59
N ASN C 354 -14.18 -47.13 33.20
CA ASN C 354 -15.38 -46.79 33.95
C ASN C 354 -15.26 -47.12 35.44
N ASN C 355 -14.13 -47.68 35.86
CA ASN C 355 -13.93 -48.05 37.25
C ASN C 355 -13.99 -46.80 38.13
N LYS C 356 -14.80 -46.86 39.18
CA LYS C 356 -15.08 -45.68 39.99
C LYS C 356 -13.95 -45.33 40.96
N GLU C 357 -13.00 -46.23 41.20
CA GLU C 357 -11.85 -45.86 42.02
C GLU C 357 -10.99 -44.83 41.28
N ILE C 358 -10.71 -45.08 40.00
CA ILE C 358 -10.00 -44.11 39.19
C ILE C 358 -10.82 -42.84 38.99
N ILE C 359 -12.13 -42.99 38.74
CA ILE C 359 -13.04 -41.85 38.67
C ILE C 359 -12.84 -40.95 39.89
N ASP C 360 -12.92 -41.55 41.07
CA ASP C 360 -12.91 -40.80 42.32
C ASP C 360 -11.54 -40.20 42.60
N THR C 361 -10.46 -40.89 42.21
CA THR C 361 -9.13 -40.32 42.38
C THR C 361 -8.95 -39.09 41.50
N ILE C 362 -9.35 -39.19 40.23
CA ILE C 362 -9.28 -38.04 39.33
C ILE C 362 -10.12 -36.90 39.88
N GLU C 363 -11.32 -37.21 40.37
CA GLU C 363 -12.19 -36.17 40.92
C GLU C 363 -11.62 -35.57 42.19
N SER C 364 -10.86 -36.34 42.96
CA SER C 364 -10.25 -35.83 44.17
C SER C 364 -9.08 -34.90 43.85
N ILE C 365 -8.41 -35.12 42.72
CA ILE C 365 -7.32 -34.22 42.34
C ILE C 365 -7.84 -32.97 41.64
N CYS C 366 -8.68 -33.13 40.61
CA CYS C 366 -9.13 -31.99 39.81
C CYS C 366 -10.40 -31.33 40.33
N LYS C 367 -10.99 -31.86 41.41
CA LYS C 367 -12.12 -31.26 42.11
C LYS C 367 -13.36 -31.10 41.24
N ARG C 368 -13.46 -31.85 40.14
CA ARG C 368 -14.65 -31.83 39.31
C ARG C 368 -14.99 -33.26 38.89
N ASP C 369 -16.27 -33.51 38.65
CA ASP C 369 -16.75 -34.84 38.34
C ASP C 369 -16.43 -35.19 36.88
N PRO C 370 -15.60 -36.20 36.62
CA PRO C 370 -15.24 -36.50 35.23
C PRO C 370 -16.43 -36.91 34.37
N LEU C 371 -17.52 -37.38 34.97
CA LEU C 371 -18.68 -37.87 34.22
C LEU C 371 -19.77 -36.81 34.05
N ALA C 372 -19.61 -35.63 34.65
CA ALA C 372 -20.65 -34.60 34.60
C ALA C 372 -20.85 -34.01 33.21
N GLY C 373 -19.94 -34.27 32.27
CA GLY C 373 -20.08 -33.77 30.91
C GLY C 373 -19.56 -32.37 30.67
N LYS C 374 -18.78 -31.82 31.59
CA LYS C 374 -18.21 -30.49 31.46
C LYS C 374 -16.69 -30.56 31.60
N THR C 375 -16.08 -29.40 31.82
CA THR C 375 -14.64 -29.33 32.03
C THR C 375 -14.24 -30.18 33.23
N VAL C 376 -13.24 -31.03 33.04
CA VAL C 376 -12.80 -31.95 34.08
C VAL C 376 -11.51 -31.44 34.70
N THR C 377 -10.39 -31.60 34.00
CA THR C 377 -9.11 -31.11 34.47
C THR C 377 -8.77 -29.72 33.95
N GLY C 378 -9.51 -29.22 32.97
CA GLY C 378 -9.25 -27.90 32.44
C GLY C 378 -7.95 -27.75 31.70
N GLY C 379 -7.38 -28.86 31.24
CA GLY C 379 -6.08 -28.92 30.62
C GLY C 379 -5.28 -30.06 31.20
N ILE C 380 -3.99 -30.08 30.92
CA ILE C 380 -3.14 -31.17 31.38
C ILE C 380 -2.73 -30.92 32.83
N ILE C 381 -2.66 -32.00 33.61
CA ILE C 381 -2.01 -32.02 34.90
C ILE C 381 -0.65 -32.68 34.70
N THR C 382 0.38 -32.06 35.27
CA THR C 382 1.76 -32.51 35.10
C THR C 382 2.28 -33.07 36.41
N ILE C 383 2.86 -34.27 36.35
CA ILE C 383 3.53 -34.86 37.50
C ILE C 383 4.97 -34.37 37.49
N ASN C 384 5.30 -33.48 38.43
CA ASN C 384 6.57 -32.77 38.37
C ASN C 384 7.76 -33.71 38.61
N ASP C 385 7.63 -34.63 39.57
CA ASP C 385 8.73 -35.52 39.90
C ASP C 385 8.66 -36.86 39.16
N SER C 386 7.95 -36.92 38.05
CA SER C 386 7.87 -38.14 37.26
C SER C 386 9.14 -38.32 36.43
N ALA C 387 9.65 -39.54 36.41
CA ALA C 387 10.86 -39.82 35.64
C ALA C 387 10.60 -39.64 34.14
N TRP C 388 9.41 -40.00 33.67
CA TRP C 388 9.04 -39.82 32.28
C TRP C 388 8.69 -38.38 31.95
N GLN C 389 8.60 -37.51 32.95
CA GLN C 389 8.03 -36.16 32.79
C GLN C 389 6.65 -36.25 32.15
N MET C 390 5.75 -36.89 32.89
CA MET C 390 4.43 -37.25 32.38
C MET C 390 3.42 -36.14 32.60
N SER C 391 2.51 -35.99 31.65
CA SER C 391 1.35 -35.13 31.79
C SER C 391 0.14 -35.88 31.24
N PHE C 392 -1.04 -35.51 31.75
CA PHE C 392 -2.25 -36.21 31.36
C PHE C 392 -3.44 -35.28 31.47
N THR C 393 -4.43 -35.48 30.60
CA THR C 393 -5.61 -34.64 30.58
C THR C 393 -6.86 -35.48 30.42
N ILE C 394 -7.97 -34.96 30.95
CA ILE C 394 -9.30 -35.52 30.75
C ILE C 394 -10.17 -34.35 30.30
N ASN C 395 -10.45 -34.28 29.00
CA ASN C 395 -11.29 -33.22 28.47
C ASN C 395 -12.74 -33.45 28.90
N ARG C 396 -13.63 -32.58 28.40
CA ARG C 396 -15.05 -32.80 28.57
C ARG C 396 -15.43 -34.18 28.02
N GLN C 397 -16.07 -34.98 28.87
CA GLN C 397 -16.44 -36.35 28.51
C GLN C 397 -17.91 -36.42 28.14
N GLN C 398 -18.23 -37.25 27.15
CA GLN C 398 -17.29 -38.09 26.42
C GLN C 398 -16.82 -37.39 25.15
N GLN C 399 -15.54 -37.59 24.81
CA GLN C 399 -14.96 -36.99 23.62
C GLN C 399 -15.39 -37.68 22.33
N PHE C 400 -16.22 -38.71 22.41
CA PHE C 400 -16.72 -39.43 21.24
C PHE C 400 -18.25 -39.48 21.31
N LYS C 401 -18.88 -39.51 20.13
CA LYS C 401 -20.34 -39.43 20.07
C LYS C 401 -21.06 -40.70 20.49
N ASP C 402 -20.40 -41.86 20.45
CA ASP C 402 -21.05 -43.12 20.81
C ASP C 402 -20.45 -43.77 22.05
N GLN C 403 -19.51 -43.12 22.71
CA GLN C 403 -18.83 -43.74 23.85
C GLN C 403 -19.81 -43.89 25.01
N PRO C 404 -19.85 -45.04 25.67
CA PRO C 404 -20.71 -45.20 26.85
C PRO C 404 -20.53 -44.07 27.85
N GLU C 405 -21.66 -43.55 28.35
CA GLU C 405 -21.64 -42.34 29.16
C GLU C 405 -21.08 -42.58 30.57
N ASN C 406 -20.78 -43.82 30.93
CA ASN C 406 -20.18 -44.11 32.22
C ASN C 406 -18.66 -44.21 32.18
N GLU C 407 -18.06 -44.02 31.00
CA GLU C 407 -16.63 -44.14 30.81
C GLU C 407 -15.99 -42.76 30.67
N ILE C 408 -14.69 -42.69 30.97
CA ILE C 408 -13.89 -41.56 30.55
C ILE C 408 -12.66 -42.09 29.82
N SER C 409 -12.05 -41.20 29.05
CA SER C 409 -10.78 -41.46 28.38
C SER C 409 -9.77 -40.42 28.86
N THR C 410 -8.57 -40.88 29.21
CA THR C 410 -7.51 -40.02 29.73
C THR C 410 -6.35 -40.06 28.75
N TRP C 411 -5.91 -38.89 28.31
CA TRP C 411 -4.79 -38.76 27.40
C TRP C 411 -3.50 -38.55 28.19
N ILE C 412 -2.49 -39.35 27.90
CA ILE C 412 -1.24 -39.36 28.64
C ILE C 412 -0.10 -39.18 27.66
N TYR C 413 0.90 -38.37 28.03
CA TYR C 413 2.10 -38.25 27.22
C TYR C 413 3.29 -37.97 28.12
N ALA C 414 4.46 -38.40 27.66
CA ALA C 414 5.70 -38.28 28.42
C ALA C 414 6.73 -37.56 27.57
N LEU C 415 7.34 -36.51 28.14
CA LEU C 415 8.35 -35.75 27.43
C LEU C 415 9.68 -36.49 27.32
N TYR C 416 9.98 -37.40 28.24
CA TYR C 416 11.21 -38.19 28.20
C TYR C 416 10.87 -39.63 27.86
N SER C 417 11.60 -40.21 26.90
CA SER C 417 11.26 -41.53 26.38
C SER C 417 12.27 -42.61 26.73
N ASP C 418 13.48 -42.27 27.17
CA ASP C 418 14.53 -43.25 27.41
C ASP C 418 14.93 -43.31 28.89
N VAL C 419 13.98 -43.07 29.79
CA VAL C 419 14.23 -43.07 31.22
C VAL C 419 13.30 -44.09 31.88
N ASN C 420 13.86 -44.91 32.77
CA ASN C 420 13.06 -45.89 33.50
C ASN C 420 12.03 -45.18 34.37
N GLY C 421 10.80 -45.68 34.36
CA GLY C 421 9.75 -45.11 35.17
C GLY C 421 9.99 -45.30 36.66
N ASP C 422 9.21 -44.57 37.45
CA ASP C 422 9.36 -44.62 38.90
C ASP C 422 8.72 -45.87 39.51
N TYR C 423 7.65 -46.38 38.90
CA TYR C 423 7.01 -47.61 39.34
C TYR C 423 7.21 -48.75 38.35
N ILE C 424 6.95 -48.52 37.07
CA ILE C 424 7.29 -49.46 36.02
C ILE C 424 8.69 -49.08 35.56
N LYS C 425 9.69 -49.83 36.04
CA LYS C 425 11.09 -49.43 35.87
C LYS C 425 11.61 -49.77 34.48
N LYS C 426 10.91 -49.30 33.45
CA LYS C 426 11.30 -49.49 32.06
C LYS C 426 11.05 -48.17 31.34
N PRO C 427 11.71 -47.95 30.20
CA PRO C 427 11.36 -46.79 29.37
C PRO C 427 9.97 -46.95 28.78
N ILE C 428 9.33 -45.81 28.51
CA ILE C 428 7.95 -45.83 28.02
C ILE C 428 7.87 -46.54 26.66
N THR C 429 8.93 -46.46 25.86
CA THR C 429 8.93 -47.14 24.57
C THR C 429 8.83 -48.66 24.73
N GLU C 430 9.18 -49.19 25.90
CA GLU C 430 9.13 -50.62 26.17
C GLU C 430 7.90 -51.02 26.96
N CYS C 431 6.88 -50.16 27.02
CA CYS C 431 5.73 -50.37 27.88
C CYS C 431 4.48 -50.62 27.06
N SER C 432 3.71 -51.63 27.46
CA SER C 432 2.38 -51.84 26.91
C SER C 432 1.44 -50.74 27.40
N GLY C 433 0.21 -50.76 26.91
CA GLY C 433 -0.77 -49.76 27.34
C GLY C 433 -1.00 -49.80 28.84
N ASN C 434 -1.24 -51.00 29.39
CA ASN C 434 -1.52 -51.12 30.80
C ASN C 434 -0.31 -50.76 31.66
N GLU C 435 0.92 -50.89 31.13
CA GLU C 435 2.09 -50.50 31.90
C GLU C 435 2.20 -48.98 32.02
N ILE C 436 1.96 -48.26 30.92
CA ILE C 436 1.87 -46.81 30.97
C ILE C 436 0.78 -46.38 31.93
N CYS C 437 -0.39 -47.04 31.83
CA CYS C 437 -1.47 -46.77 32.75
C CYS C 437 -1.07 -47.04 34.20
N GLN C 438 -0.22 -48.05 34.42
CA GLN C 438 0.24 -48.38 35.76
C GLN C 438 1.10 -47.27 36.35
N GLU C 439 2.10 -46.82 35.59
CA GLU C 439 2.91 -45.70 36.06
C GLU C 439 2.06 -44.47 36.31
N TRP C 440 1.08 -44.23 35.42
CA TRP C 440 0.16 -43.10 35.62
C TRP C 440 -0.60 -43.22 36.93
N LEU C 441 -1.23 -44.37 37.16
CA LEU C 441 -2.01 -44.57 38.37
C LEU C 441 -1.14 -44.52 39.63
N TYR C 442 0.12 -44.93 39.51
CA TYR C 442 1.06 -44.74 40.62
C TYR C 442 1.22 -43.27 40.94
N HIS C 443 1.50 -42.46 39.92
CA HIS C 443 1.68 -41.03 40.18
C HIS C 443 0.37 -40.32 40.53
N LEU C 444 -0.78 -40.97 40.31
CA LEU C 444 -2.03 -40.41 40.79
C LEU C 444 -2.14 -40.50 42.30
N GLY C 445 -1.50 -41.49 42.92
CA GLY C 445 -1.49 -41.64 44.36
C GLY C 445 -2.25 -42.84 44.89
N VAL C 446 -2.89 -43.64 44.04
CA VAL C 446 -3.64 -44.80 44.52
C VAL C 446 -2.68 -45.96 44.78
N SER C 447 -3.12 -46.86 45.66
CA SER C 447 -2.22 -47.82 46.31
C SER C 447 -1.51 -48.70 45.29
N THR C 448 -0.24 -49.00 45.58
CA THR C 448 0.58 -49.84 44.70
C THR C 448 0.02 -51.27 44.59
N ASP C 449 -0.79 -51.69 45.55
CA ASP C 449 -1.36 -53.04 45.52
C ASP C 449 -2.50 -53.15 44.51
N LYS C 450 -3.16 -52.04 44.20
CA LYS C 450 -4.27 -52.04 43.25
C LYS C 450 -3.86 -51.55 41.87
N ILE C 451 -2.60 -51.14 41.69
CA ILE C 451 -2.17 -50.54 40.44
C ILE C 451 -2.36 -51.52 39.28
N GLU C 452 -1.73 -52.69 39.37
CA GLU C 452 -1.66 -53.60 38.24
C GLU C 452 -3.05 -54.12 37.86
N ASP C 453 -3.89 -54.42 38.85
CA ASP C 453 -5.21 -54.95 38.55
C ASP C 453 -6.12 -53.86 37.99
N LEU C 454 -6.02 -52.64 38.53
CA LEU C 454 -6.85 -51.54 38.02
C LEU C 454 -6.43 -51.15 36.60
N ALA C 455 -5.17 -51.37 36.24
CA ALA C 455 -4.71 -51.05 34.89
C ALA C 455 -4.99 -52.17 33.89
N LYS C 456 -4.77 -53.42 34.30
CA LYS C 456 -4.95 -54.54 33.37
C LYS C 456 -6.41 -54.91 33.20
N HIS C 457 -7.18 -54.93 34.28
CA HIS C 457 -8.54 -55.47 34.26
C HIS C 457 -9.64 -54.41 34.35
N ALA C 458 -9.32 -53.19 34.75
CA ALA C 458 -10.32 -52.15 34.90
C ALA C 458 -10.20 -51.03 33.89
N SER C 459 -9.18 -51.05 33.02
CA SER C 459 -8.99 -50.00 32.04
C SER C 459 -8.39 -50.59 30.77
N ASN C 460 -8.65 -49.93 29.64
CA ASN C 460 -8.03 -50.27 28.37
C ASN C 460 -7.21 -49.08 27.92
N THR C 461 -5.89 -49.25 27.84
CA THR C 461 -4.98 -48.18 27.49
C THR C 461 -4.32 -48.51 26.16
N ILE C 462 -4.49 -47.62 25.18
CA ILE C 462 -3.94 -47.82 23.84
C ILE C 462 -2.72 -46.92 23.70
N PRO C 463 -1.54 -47.46 23.37
CA PRO C 463 -0.35 -46.61 23.17
C PRO C 463 -0.11 -46.30 21.69
N VAL C 464 0.52 -45.14 21.44
CA VAL C 464 0.82 -44.67 20.09
C VAL C 464 2.27 -44.22 20.08
N TYR C 465 3.04 -44.73 19.13
CA TYR C 465 4.43 -44.31 18.92
C TYR C 465 4.48 -43.38 17.71
N MET C 466 4.85 -42.12 17.95
CA MET C 466 4.95 -41.12 16.90
C MET C 466 6.39 -40.67 16.77
N PRO C 467 7.14 -41.16 15.78
CA PRO C 467 8.57 -40.81 15.69
C PRO C 467 8.81 -39.33 15.42
N TYR C 468 7.86 -38.62 14.81
CA TYR C 468 8.07 -37.24 14.40
C TYR C 468 7.17 -36.27 15.15
N ILE C 469 6.69 -36.63 16.34
CA ILE C 469 5.74 -35.76 17.03
C ILE C 469 6.40 -34.47 17.50
N THR C 470 7.71 -34.51 17.76
CA THR C 470 8.46 -33.34 18.20
C THR C 470 9.17 -32.62 17.06
N SER C 471 8.78 -32.91 15.81
CA SER C 471 9.55 -32.41 14.68
C SER C 471 9.34 -30.92 14.43
N TYR C 472 8.20 -30.37 14.87
CA TYR C 472 7.94 -28.95 14.68
C TYR C 472 9.00 -28.09 15.34
N PHE C 473 9.51 -28.52 16.50
CA PHE C 473 10.33 -27.69 17.36
C PHE C 473 11.82 -27.91 17.21
N MET C 474 12.25 -28.75 16.28
CA MET C 474 13.68 -29.00 16.10
C MET C 474 14.40 -27.71 15.75
N THR C 475 15.68 -27.64 16.16
CA THR C 475 16.48 -26.46 15.89
C THR C 475 16.57 -26.22 14.39
N ARG C 476 16.14 -25.03 13.97
CA ARG C 476 16.09 -24.70 12.56
C ARG C 476 16.83 -23.40 12.31
N ALA C 477 17.23 -23.23 11.05
CA ALA C 477 17.81 -21.98 10.57
C ALA C 477 16.85 -21.35 9.57
N ILE C 478 16.95 -20.03 9.42
CA ILE C 478 16.14 -19.33 8.43
C ILE C 478 16.40 -19.93 7.06
N GLY C 479 15.34 -20.39 6.40
CA GLY C 479 15.43 -21.07 5.14
C GLY C 479 15.15 -22.56 5.21
N ASP C 480 15.26 -23.15 6.40
CA ASP C 480 14.96 -24.58 6.55
C ASP C 480 13.50 -24.86 6.28
N ARG C 481 12.62 -23.88 6.49
CA ARG C 481 11.22 -24.00 6.13
C ARG C 481 10.95 -23.15 4.90
N PRO C 482 10.27 -23.69 3.89
CA PRO C 482 10.00 -22.89 2.69
C PRO C 482 8.93 -21.84 2.97
N LEU C 483 9.01 -20.74 2.24
CA LEU C 483 7.96 -19.74 2.29
C LEU C 483 6.65 -20.35 1.80
N VAL C 484 5.53 -19.80 2.29
CA VAL C 484 4.22 -20.31 1.88
C VAL C 484 4.10 -20.32 0.37
N VAL C 485 4.51 -19.22 -0.27
CA VAL C 485 4.69 -19.15 -1.70
C VAL C 485 6.13 -18.74 -1.97
N PRO C 486 7.00 -19.68 -2.36
CA PRO C 486 8.41 -19.35 -2.58
C PRO C 486 8.59 -18.27 -3.62
N HIS C 487 9.75 -17.61 -3.56
CA HIS C 487 10.09 -16.53 -4.47
C HIS C 487 9.97 -16.97 -5.92
N GLN C 488 9.17 -16.24 -6.69
CA GLN C 488 8.94 -16.46 -8.11
C GLN C 488 8.14 -17.72 -8.41
N SER C 489 7.47 -18.29 -7.41
CA SER C 489 6.62 -19.44 -7.65
C SER C 489 5.32 -19.01 -8.32
N GLN C 490 4.88 -19.79 -9.31
CA GLN C 490 3.67 -19.49 -10.07
C GLN C 490 2.47 -20.32 -9.61
N ASN C 491 2.66 -21.63 -9.43
CA ASN C 491 1.53 -22.51 -9.11
C ASN C 491 1.89 -23.51 -8.01
N LEU C 492 2.79 -23.14 -7.10
CA LEU C 492 3.24 -24.06 -6.06
C LEU C 492 3.30 -23.32 -4.73
N ALA C 493 2.66 -23.90 -3.71
CA ALA C 493 2.66 -23.31 -2.38
C ALA C 493 2.88 -24.39 -1.35
N PHE C 494 3.48 -24.00 -0.22
CA PHE C 494 3.71 -24.88 0.91
C PHE C 494 2.84 -24.43 2.08
N ILE C 495 2.05 -25.35 2.63
CA ILE C 495 1.15 -25.06 3.72
C ILE C 495 1.44 -26.03 4.86
N GLY C 496 0.89 -25.72 6.02
CA GLY C 496 1.09 -26.55 7.20
C GLY C 496 2.17 -25.97 8.11
N ASN C 497 2.48 -26.75 9.13
CA ASN C 497 3.35 -26.30 10.22
C ASN C 497 4.83 -26.52 9.92
N PHE C 498 5.19 -26.81 8.67
CA PHE C 498 6.59 -26.83 8.25
C PHE C 498 6.87 -25.79 7.18
N ALA C 499 5.92 -24.89 6.92
CA ALA C 499 6.10 -23.76 6.02
C ALA C 499 6.47 -22.52 6.82
N GLU C 500 7.08 -21.56 6.14
CA GLU C 500 7.60 -20.36 6.79
C GLU C 500 6.61 -19.21 6.65
N THR C 501 6.41 -18.48 7.75
CA THR C 501 5.61 -17.27 7.79
C THR C 501 5.96 -16.53 9.06
N GLU C 502 5.66 -15.23 9.09
CA GLU C 502 6.18 -14.36 10.14
C GLU C 502 5.46 -14.58 11.46
N ARG C 503 6.24 -14.60 12.54
CA ARG C 503 5.77 -14.41 13.91
C ARG C 503 4.91 -15.56 14.46
N ASP C 504 4.09 -16.19 13.62
CA ASP C 504 3.16 -17.17 14.15
C ASP C 504 3.89 -18.44 14.59
N THR C 505 3.22 -19.21 15.44
CA THR C 505 3.82 -20.35 16.14
C THR C 505 3.30 -21.66 15.57
N VAL C 506 4.22 -22.58 15.28
CA VAL C 506 3.86 -23.90 14.80
C VAL C 506 3.39 -24.76 15.97
N PHE C 507 2.93 -25.98 15.68
CA PHE C 507 2.23 -26.85 16.63
C PHE C 507 0.90 -26.24 17.07
N THR C 508 0.25 -25.49 16.18
CA THR C 508 -1.08 -24.94 16.41
C THR C 508 -1.91 -25.12 15.14
N THR C 509 -3.22 -25.35 15.33
CA THR C 509 -4.12 -25.42 14.18
C THR C 509 -4.17 -24.10 13.44
N GLU C 510 -4.02 -22.98 14.17
CA GLU C 510 -4.05 -21.67 13.55
C GLU C 510 -2.94 -21.52 12.52
N TYR C 511 -1.77 -22.12 12.77
CA TYR C 511 -0.70 -22.05 11.79
C TYR C 511 -1.09 -22.71 10.48
N SER C 512 -1.74 -23.87 10.56
CA SER C 512 -2.19 -24.54 9.35
C SER C 512 -3.22 -23.69 8.60
N VAL C 513 -4.23 -23.17 9.33
CA VAL C 513 -5.22 -22.32 8.67
C VAL C 513 -4.57 -21.10 8.05
N ARG C 514 -3.60 -20.50 8.74
CA ARG C 514 -2.97 -19.27 8.27
C ARG C 514 -2.15 -19.52 7.01
N THR C 515 -1.33 -20.58 7.01
CA THR C 515 -0.55 -20.87 5.83
C THR C 515 -1.44 -21.22 4.64
N ALA C 516 -2.54 -21.94 4.89
CA ALA C 516 -3.50 -22.23 3.83
C ALA C 516 -4.10 -20.95 3.26
N MET C 517 -4.56 -20.05 4.14
CA MET C 517 -5.16 -18.81 3.71
C MET C 517 -4.17 -17.97 2.91
N GLU C 518 -2.94 -17.87 3.39
CA GLU C 518 -1.93 -17.07 2.70
C GLU C 518 -1.58 -17.68 1.35
N ALA C 519 -1.50 -19.01 1.28
CA ALA C 519 -1.23 -19.66 0.00
C ALA C 519 -2.32 -19.34 -1.02
N VAL C 520 -3.58 -19.52 -0.62
CA VAL C 520 -4.69 -19.24 -1.54
C VAL C 520 -4.66 -17.78 -1.98
N TYR C 521 -4.53 -16.86 -1.02
CA TYR C 521 -4.60 -15.44 -1.32
C TYR C 521 -3.44 -14.99 -2.21
N GLN C 522 -2.25 -15.54 -1.99
CA GLN C 522 -1.08 -15.14 -2.76
C GLN C 522 -1.11 -15.73 -4.17
N LEU C 523 -1.45 -17.01 -4.30
CA LEU C 523 -1.45 -17.62 -5.62
C LEU C 523 -2.58 -17.08 -6.49
N LEU C 524 -3.73 -16.75 -5.88
CA LEU C 524 -4.86 -16.23 -6.64
C LEU C 524 -4.93 -14.72 -6.66
N ASN C 525 -4.04 -14.02 -5.93
CA ASN C 525 -4.03 -12.56 -5.88
C ASN C 525 -5.37 -12.01 -5.35
N ILE C 526 -5.80 -12.55 -4.22
CA ILE C 526 -7.09 -12.19 -3.65
C ILE C 526 -6.99 -10.82 -2.99
N ASP C 527 -7.95 -9.96 -3.29
CA ASP C 527 -7.89 -8.55 -2.89
C ASP C 527 -8.62 -8.35 -1.55
N ARG C 528 -8.05 -8.96 -0.51
CA ARG C 528 -8.55 -8.81 0.85
C ARG C 528 -7.39 -9.04 1.81
N GLY C 529 -7.41 -8.32 2.92
CA GLY C 529 -6.33 -8.42 3.88
C GLY C 529 -6.35 -9.72 4.66
N ILE C 530 -5.16 -10.28 4.84
CA ILE C 530 -4.97 -11.42 5.75
C ILE C 530 -4.85 -10.89 7.17
N PRO C 531 -5.55 -11.45 8.15
CA PRO C 531 -5.38 -10.98 9.53
C PRO C 531 -3.96 -11.24 10.02
N GLU C 532 -3.33 -10.19 10.53
CA GLU C 532 -1.98 -10.33 11.06
C GLU C 532 -2.02 -11.12 12.36
N VAL C 533 -0.86 -11.69 12.70
CA VAL C 533 -0.69 -12.27 14.03
C VAL C 533 -0.97 -11.20 15.06
N ILE C 534 -1.78 -11.54 16.07
CA ILE C 534 -2.33 -10.54 16.97
C ILE C 534 -1.21 -9.69 17.56
N ASN C 535 -1.49 -8.41 17.76
CA ASN C 535 -0.48 -7.40 18.05
C ASN C 535 -0.15 -7.29 19.54
N SER C 536 -0.45 -8.32 20.33
CA SER C 536 -0.23 -8.23 21.76
C SER C 536 1.21 -7.91 22.16
N PRO C 537 2.26 -8.45 21.52
CA PRO C 537 3.63 -8.06 21.92
C PRO C 537 3.95 -6.60 21.68
N PHE C 538 3.13 -5.87 20.93
CA PHE C 538 3.33 -4.44 20.71
C PHE C 538 2.34 -3.58 21.49
N ASP C 539 1.41 -4.18 22.20
CA ASP C 539 0.40 -3.44 22.96
C ASP C 539 0.97 -3.12 24.34
N LEU C 540 0.95 -1.83 24.69
CA LEU C 540 1.50 -1.40 25.97
C LEU C 540 0.78 -2.03 27.16
N ARG C 541 -0.55 -2.11 27.07
CA ARG C 541 -1.32 -2.72 28.15
C ARG C 541 -0.93 -4.18 28.35
N VAL C 542 -0.77 -4.92 27.24
CA VAL C 542 -0.39 -6.32 27.31
C VAL C 542 1.00 -6.46 27.92
N LEU C 543 1.92 -5.55 27.57
CA LEU C 543 3.27 -5.65 28.12
C LEU C 543 3.30 -5.32 29.61
N MET C 544 2.47 -4.37 30.04
CA MET C 544 2.37 -4.08 31.47
C MET C 544 1.84 -5.30 32.22
N ASP C 545 0.79 -5.94 31.69
CA ASP C 545 0.30 -7.16 32.30
C ASP C 545 1.36 -8.26 32.30
N ALA C 546 2.20 -8.31 31.26
CA ALA C 546 3.25 -9.31 31.19
C ALA C 546 4.28 -9.09 32.28
N ILE C 547 4.70 -7.84 32.48
CA ILE C 547 5.63 -7.55 33.56
C ILE C 547 5.01 -7.89 34.91
N TYR C 548 3.73 -7.56 35.10
CA TYR C 548 3.08 -7.85 36.37
C TYR C 548 3.02 -9.34 36.65
N GLU C 549 2.70 -10.14 35.63
CA GLU C 549 2.50 -11.57 35.82
C GLU C 549 3.84 -12.31 35.94
N LEU C 550 4.83 -11.93 35.15
CA LEU C 550 6.11 -12.63 35.16
C LEU C 550 6.79 -12.52 36.52
N ASN C 551 6.59 -11.42 37.23
CA ASN C 551 7.19 -11.21 38.54
C ASN C 551 6.28 -11.64 39.68
N ASP C 552 5.29 -12.50 39.39
CA ASP C 552 4.40 -13.07 40.41
C ASP C 552 3.67 -11.97 41.20
N HIS C 553 3.08 -11.04 40.44
CA HIS C 553 2.19 -10.01 40.99
C HIS C 553 2.93 -9.02 41.89
N GLN C 554 4.00 -8.43 41.36
CA GLN C 554 4.75 -7.39 42.04
C GLN C 554 4.70 -6.10 41.23
N ASP C 555 4.54 -4.98 41.93
CA ASP C 555 4.58 -3.69 41.25
C ASP C 555 6.02 -3.32 40.94
N LEU C 556 6.21 -2.19 40.24
CA LEU C 556 7.54 -1.82 39.77
C LEU C 556 8.51 -1.62 40.93
N ARG C 557 8.02 -1.10 42.05
CA ARG C 557 8.89 -0.82 43.19
C ARG C 557 9.47 -2.11 43.76
N GLU C 558 8.63 -3.15 43.89
CA GLU C 558 9.13 -4.42 44.42
C GLU C 558 9.97 -5.17 43.38
N ILE C 559 9.74 -4.92 42.09
CA ILE C 559 10.55 -5.55 41.06
C ILE C 559 11.98 -5.03 41.11
N THR C 560 12.15 -3.73 41.35
CA THR C 560 13.46 -3.09 41.37
C THR C 560 13.97 -2.84 42.78
N LYS C 561 13.43 -3.55 43.77
CA LYS C 561 13.75 -3.29 45.17
C LYS C 561 15.25 -3.45 45.44
N ASP C 562 15.87 -4.50 44.90
CA ASP C 562 17.23 -4.88 45.26
C ASP C 562 18.23 -4.65 44.12
N SER C 563 17.87 -3.83 43.13
CA SER C 563 18.79 -3.47 42.05
C SER C 563 18.83 -1.95 41.96
N LYS C 564 19.98 -1.36 42.30
CA LYS C 564 20.05 0.09 42.46
C LYS C 564 20.11 0.83 41.13
N MET C 565 20.68 0.23 40.09
CA MET C 565 20.56 0.81 38.75
C MET C 565 19.10 0.90 38.33
N GLN C 566 18.38 -0.21 38.45
CA GLN C 566 16.95 -0.21 38.15
C GLN C 566 16.19 0.71 39.09
N LYS C 567 16.63 0.80 40.35
CA LYS C 567 15.97 1.68 41.31
C LYS C 567 16.05 3.13 40.85
N LEU C 568 17.25 3.58 40.47
CA LEU C 568 17.40 4.96 40.01
C LEU C 568 16.63 5.20 38.71
N ALA C 569 16.70 4.25 37.77
CA ALA C 569 15.96 4.40 36.52
C ALA C 569 14.47 4.56 36.78
N LEU C 570 13.90 3.70 37.63
CA LEU C 570 12.48 3.76 37.94
C LEU C 570 12.14 5.04 38.68
N ALA C 571 13.03 5.51 39.57
CA ALA C 571 12.77 6.76 40.27
C ALA C 571 12.64 7.92 39.28
N GLY C 572 13.59 8.03 38.34
CA GLY C 572 13.50 9.07 37.34
C GLY C 572 12.25 8.94 36.48
N PHE C 573 11.94 7.72 36.06
CA PHE C 573 10.74 7.49 35.26
C PHE C 573 9.48 7.97 36.00
N LEU C 574 9.32 7.53 37.26
CA LEU C 574 8.15 7.91 38.04
C LEU C 574 8.09 9.40 38.28
N LYS C 575 9.24 10.05 38.47
CA LYS C 575 9.24 11.51 38.55
C LYS C 575 8.67 12.13 37.28
N LYS C 576 9.06 11.60 36.11
CA LYS C 576 8.57 12.19 34.87
C LYS C 576 7.08 11.93 34.67
N ILE C 577 6.59 10.75 35.03
CA ILE C 577 5.23 10.34 34.67
C ILE C 577 4.26 10.50 35.84
N LYS C 578 4.67 11.10 36.95
CA LYS C 578 3.77 11.25 38.07
C LYS C 578 2.63 12.21 37.71
N GLY C 579 1.41 11.80 38.03
CA GLY C 579 0.25 12.62 37.71
C GLY C 579 -0.12 12.68 36.24
N THR C 580 0.37 11.75 35.44
CA THR C 580 0.11 11.71 34.01
C THR C 580 -0.68 10.44 33.65
N TYR C 581 -0.97 10.31 32.36
CA TYR C 581 -1.72 9.17 31.86
C TYR C 581 -0.96 7.86 32.04
N ILE C 582 0.37 7.92 31.97
CA ILE C 582 1.19 6.71 32.11
C ILE C 582 1.07 6.15 33.52
N GLU C 583 1.06 7.03 34.53
CA GLU C 583 0.92 6.56 35.90
C GLU C 583 -0.43 5.90 36.12
N SER C 584 -1.50 6.50 35.58
CA SER C 584 -2.82 5.89 35.70
C SER C 584 -2.87 4.54 34.99
N LEU C 585 -2.23 4.45 33.83
CA LEU C 585 -2.18 3.18 33.11
C LEU C 585 -1.45 2.11 33.91
N LEU C 586 -0.30 2.48 34.49
CA LEU C 586 0.46 1.52 35.30
C LEU C 586 -0.32 1.09 36.54
N LYS C 587 -1.05 2.02 37.14
CA LYS C 587 -1.85 1.67 38.32
C LYS C 587 -3.01 0.75 37.93
N GLU C 588 -3.62 0.97 36.77
CA GLU C 588 -4.72 0.12 36.32
C GLU C 588 -4.25 -1.30 36.11
N HIS C 589 -3.03 -1.49 35.58
CA HIS C 589 -2.47 -2.81 35.38
C HIS C 589 -1.61 -3.26 36.57
N LYS C 590 -1.74 -2.59 37.71
CA LYS C 590 -1.20 -3.05 39.00
C LYS C 590 0.33 -3.02 39.05
N LEU C 591 0.95 -2.10 38.31
CA LEU C 591 2.40 -1.91 38.39
C LEU C 591 2.80 -0.75 39.28
N LEU C 592 1.84 -0.02 39.83
CA LEU C 592 2.14 1.09 40.73
C LEU C 592 1.13 1.18 41.87
#